data_7ZAT
# 
_entry.id   7ZAT 
# 
_audit_conform.dict_name       mmcif_pdbx.dic 
_audit_conform.dict_version    5.384 
_audit_conform.dict_location   http://mmcif.pdb.org/dictionaries/ascii/mmcif_pdbx.dic 
# 
loop_
_database_2.database_id 
_database_2.database_code 
_database_2.pdbx_database_accession 
_database_2.pdbx_DOI 
PDB   7ZAT         pdb_00007zat 10.2210/pdb7zat/pdb 
WWPDB D_1292121907 ?            ?                   
# 
loop_
_pdbx_audit_revision_history.ordinal 
_pdbx_audit_revision_history.data_content_type 
_pdbx_audit_revision_history.major_revision 
_pdbx_audit_revision_history.minor_revision 
_pdbx_audit_revision_history.revision_date 
1 'Structure model' 1 0 2022-11-23 
2 'Structure model' 1 1 2022-12-07 
3 'Structure model' 1 2 2023-01-11 
4 'Structure model' 1 3 2024-01-31 
# 
_pdbx_audit_revision_details.ordinal             1 
_pdbx_audit_revision_details.revision_ordinal    1 
_pdbx_audit_revision_details.data_content_type   'Structure model' 
_pdbx_audit_revision_details.provider            repository 
_pdbx_audit_revision_details.type                'Initial release' 
_pdbx_audit_revision_details.description         ? 
_pdbx_audit_revision_details.details             ? 
# 
loop_
_pdbx_audit_revision_group.ordinal 
_pdbx_audit_revision_group.revision_ordinal 
_pdbx_audit_revision_group.data_content_type 
_pdbx_audit_revision_group.group 
1 2 'Structure model' 'Database references'    
2 3 'Structure model' 'Database references'    
3 4 'Structure model' 'Data collection'        
4 4 'Structure model' 'Refinement description' 
# 
loop_
_pdbx_audit_revision_category.ordinal 
_pdbx_audit_revision_category.revision_ordinal 
_pdbx_audit_revision_category.data_content_type 
_pdbx_audit_revision_category.category 
1 2 'Structure model' citation                      
2 2 'Structure model' citation_author               
3 3 'Structure model' citation_author               
4 4 'Structure model' chem_comp_atom                
5 4 'Structure model' chem_comp_bond                
6 4 'Structure model' pdbx_initial_refinement_model 
# 
loop_
_pdbx_audit_revision_item.ordinal 
_pdbx_audit_revision_item.revision_ordinal 
_pdbx_audit_revision_item.data_content_type 
_pdbx_audit_revision_item.item 
1 2 'Structure model' '_citation.journal_volume'          
2 2 'Structure model' '_citation.page_first'              
3 2 'Structure model' '_citation.page_last'               
4 2 'Structure model' '_citation_author.identifier_ORCID' 
5 3 'Structure model' '_citation_author.identifier_ORCID' 
# 
_pdbx_database_status.status_code                     REL 
_pdbx_database_status.status_code_sf                  REL 
_pdbx_database_status.status_code_mr                  ? 
_pdbx_database_status.entry_id                        7ZAT 
_pdbx_database_status.recvd_initial_deposition_date   2022-03-22 
_pdbx_database_status.SG_entry                        N 
_pdbx_database_status.deposit_site                    PDBE 
_pdbx_database_status.process_site                    PDBE 
_pdbx_database_status.status_code_cs                  ? 
_pdbx_database_status.status_code_nmr_data            ? 
_pdbx_database_status.methods_development_category    ? 
_pdbx_database_status.pdb_format_compatible           N 
# 
_pdbx_contact_author.id                 2 
_pdbx_contact_author.email              martin.noble@ncl.ac.uk 
_pdbx_contact_author.name_first         Martin 
_pdbx_contact_author.name_last          Noble 
_pdbx_contact_author.name_mi            E.M 
_pdbx_contact_author.role               'principal investigator/group leader' 
_pdbx_contact_author.identifier_ORCID   0000-0002-3595-9807 
# 
loop_
_audit_author.name 
_audit_author.pdbx_ordinal 
_audit_author.identifier_ORCID 
'Turberville, S.' 1 0000-0003-2173-9675 
'Martin, M.P.'    2 0000-0003-4810-3351 
'Hope, I.'        3 ?                   
'Noble, M.E.M.'   4 0000-0002-3595-9807 
# 
_citation.abstract                  ? 
_citation.abstract_id_CAS           ? 
_citation.book_id_ISBN              ? 
_citation.book_publisher            ? 
_citation.book_publisher_city       ? 
_citation.book_title                ? 
_citation.coordinate_linkage        ? 
_citation.country                   US 
_citation.database_id_Medline       ? 
_citation.details                   ? 
_citation.id                        primary 
_citation.journal_abbrev            J.Med.Chem. 
_citation.journal_id_ASTM           JMCMAR 
_citation.journal_id_CSD            0151 
_citation.journal_id_ISSN           0022-2623 
_citation.journal_full              ? 
_citation.journal_issue             ? 
_citation.journal_volume            65 
_citation.language                  ? 
_citation.page_first                15416 
_citation.page_last                 15432 
_citation.title                     
;Mapping Ligand Interactions of Bromodomains BRD4 and ATAD2 with FragLites and PepLites&#9472;Halogenated Probes of Druglike and Peptide-like Molecular Interactions.
;
_citation.year                      2022 
_citation.database_id_CSD           ? 
_citation.pdbx_database_id_DOI      10.1021/acs.jmedchem.2c01357 
_citation.pdbx_database_id_PubMed   36367089 
_citation.pdbx_database_id_patent   ? 
_citation.unpublished_flag          ? 
# 
loop_
_citation_author.citation_id 
_citation_author.name 
_citation_author.ordinal 
_citation_author.identifier_ORCID 
primary 'Davison, G.'       1  0000-0001-5466-2702 
primary 'Martin, M.P.'      2  ?                   
primary 'Turberville, S.'   3  ?                   
primary 'Dormen, S.'        4  ?                   
primary 'Heath, R.'         5  ?                   
primary 'Heptinstall, A.B.' 6  ?                   
primary 'Lawson, M.'        7  ?                   
primary 'Miller, D.C.'      8  0000-0001-6846-2007 
primary 'Ng, Y.M.'          9  ?                   
primary 'Sanderson, J.N.'   10 0000-0003-1000-2897 
primary 'Hope, I.'          11 0000-0002-8002-5026 
primary 'Wood, D.J.'        12 ?                   
primary 'Cano, C.'          13 0000-0002-2032-2272 
primary 'Endicott, J.A.'    14 ?                   
primary 'Hardcastle, I.R.'  15 0000-0001-7495-3769 
primary 'Noble, M.E.M.'     16 ?                   
primary 'Waring, M.J.'      17 0000-0002-9110-8783 
# 
loop_
_entity.id 
_entity.type 
_entity.src_method 
_entity.pdbx_description 
_entity.formula_weight 
_entity.pdbx_number_of_molecules 
_entity.pdbx_ec 
_entity.pdbx_mutation 
_entity.pdbx_fragment 
_entity.details 
1 polymer     man 'Isoform C of Bromodomain-containing protein 4' 15294.578 1   ? ? ? ? 
2 non-polymer syn '4-bromanyl-2-(methoxymethyl)pyridine'          202.049   1   ? ? ? ? 
3 non-polymer syn GLYCEROL                                        92.094    1   ? ? ? ? 
4 water       nat water                                           18.015    134 ? ? ? ? 
# 
_entity_name_com.entity_id   1 
_entity_name_com.name        'Protein HUNK1' 
# 
_entity_poly.entity_id                      1 
_entity_poly.type                           'polypeptide(L)' 
_entity_poly.nstd_linkage                   no 
_entity_poly.nstd_monomer                   no 
_entity_poly.pdbx_seq_one_letter_code       
;GSHMNPPPPETSNPNKPKRQTNQLQYLLRVVLKTLWKHQFAWPFQQPVDAVKLNLPDYYKIIKTPMDMGTIKKRLENNYY
WNAQECIQDFNTMFTNCYIYNKPGDDIVLMAEALEKLFLQKINELPTEE
;
_entity_poly.pdbx_seq_one_letter_code_can   
;GSHMNPPPPETSNPNKPKRQTNQLQYLLRVVLKTLWKHQFAWPFQQPVDAVKLNLPDYYKIIKTPMDMGTIKKRLENNYY
WNAQECIQDFNTMFTNCYIYNKPGDDIVLMAEALEKLFLQKINELPTEE
;
_entity_poly.pdbx_strand_id                 AAA 
_entity_poly.pdbx_target_identifier         ? 
# 
loop_
_pdbx_entity_nonpoly.entity_id 
_pdbx_entity_nonpoly.name 
_pdbx_entity_nonpoly.comp_id 
2 '4-bromanyl-2-(methoxymethyl)pyridine' IJU 
3 GLYCEROL                               GOL 
4 water                                  HOH 
# 
loop_
_entity_poly_seq.entity_id 
_entity_poly_seq.num 
_entity_poly_seq.mon_id 
_entity_poly_seq.hetero 
1 1   GLY n 
1 2   SER n 
1 3   HIS n 
1 4   MET n 
1 5   ASN n 
1 6   PRO n 
1 7   PRO n 
1 8   PRO n 
1 9   PRO n 
1 10  GLU n 
1 11  THR n 
1 12  SER n 
1 13  ASN n 
1 14  PRO n 
1 15  ASN n 
1 16  LYS n 
1 17  PRO n 
1 18  LYS n 
1 19  ARG n 
1 20  GLN n 
1 21  THR n 
1 22  ASN n 
1 23  GLN n 
1 24  LEU n 
1 25  GLN n 
1 26  TYR n 
1 27  LEU n 
1 28  LEU n 
1 29  ARG n 
1 30  VAL n 
1 31  VAL n 
1 32  LEU n 
1 33  LYS n 
1 34  THR n 
1 35  LEU n 
1 36  TRP n 
1 37  LYS n 
1 38  HIS n 
1 39  GLN n 
1 40  PHE n 
1 41  ALA n 
1 42  TRP n 
1 43  PRO n 
1 44  PHE n 
1 45  GLN n 
1 46  GLN n 
1 47  PRO n 
1 48  VAL n 
1 49  ASP n 
1 50  ALA n 
1 51  VAL n 
1 52  LYS n 
1 53  LEU n 
1 54  ASN n 
1 55  LEU n 
1 56  PRO n 
1 57  ASP n 
1 58  TYR n 
1 59  TYR n 
1 60  LYS n 
1 61  ILE n 
1 62  ILE n 
1 63  LYS n 
1 64  THR n 
1 65  PRO n 
1 66  MET n 
1 67  ASP n 
1 68  MET n 
1 69  GLY n 
1 70  THR n 
1 71  ILE n 
1 72  LYS n 
1 73  LYS n 
1 74  ARG n 
1 75  LEU n 
1 76  GLU n 
1 77  ASN n 
1 78  ASN n 
1 79  TYR n 
1 80  TYR n 
1 81  TRP n 
1 82  ASN n 
1 83  ALA n 
1 84  GLN n 
1 85  GLU n 
1 86  CYS n 
1 87  ILE n 
1 88  GLN n 
1 89  ASP n 
1 90  PHE n 
1 91  ASN n 
1 92  THR n 
1 93  MET n 
1 94  PHE n 
1 95  THR n 
1 96  ASN n 
1 97  CYS n 
1 98  TYR n 
1 99  ILE n 
1 100 TYR n 
1 101 ASN n 
1 102 LYS n 
1 103 PRO n 
1 104 GLY n 
1 105 ASP n 
1 106 ASP n 
1 107 ILE n 
1 108 VAL n 
1 109 LEU n 
1 110 MET n 
1 111 ALA n 
1 112 GLU n 
1 113 ALA n 
1 114 LEU n 
1 115 GLU n 
1 116 LYS n 
1 117 LEU n 
1 118 PHE n 
1 119 LEU n 
1 120 GLN n 
1 121 LYS n 
1 122 ILE n 
1 123 ASN n 
1 124 GLU n 
1 125 LEU n 
1 126 PRO n 
1 127 THR n 
1 128 GLU n 
1 129 GLU n 
# 
_entity_src_gen.entity_id                          1 
_entity_src_gen.pdbx_src_id                        1 
_entity_src_gen.pdbx_alt_source_flag               sample 
_entity_src_gen.pdbx_seq_type                      'Biological sequence' 
_entity_src_gen.pdbx_beg_seq_num                   1 
_entity_src_gen.pdbx_end_seq_num                   129 
_entity_src_gen.gene_src_common_name               human 
_entity_src_gen.gene_src_genus                     ? 
_entity_src_gen.pdbx_gene_src_gene                 'BRD4, HUNK1' 
_entity_src_gen.gene_src_species                   ? 
_entity_src_gen.gene_src_strain                    ? 
_entity_src_gen.gene_src_tissue                    ? 
_entity_src_gen.gene_src_tissue_fraction           ? 
_entity_src_gen.gene_src_details                   ? 
_entity_src_gen.pdbx_gene_src_fragment             ? 
_entity_src_gen.pdbx_gene_src_scientific_name      'Homo sapiens' 
_entity_src_gen.pdbx_gene_src_ncbi_taxonomy_id     9606 
_entity_src_gen.pdbx_gene_src_variant              ? 
_entity_src_gen.pdbx_gene_src_cell_line            ? 
_entity_src_gen.pdbx_gene_src_atcc                 ? 
_entity_src_gen.pdbx_gene_src_organ                ? 
_entity_src_gen.pdbx_gene_src_organelle            ? 
_entity_src_gen.pdbx_gene_src_cell                 ? 
_entity_src_gen.pdbx_gene_src_cellular_location    ? 
_entity_src_gen.host_org_common_name               ? 
_entity_src_gen.pdbx_host_org_scientific_name      'Escherichia coli BL21(DE3)' 
_entity_src_gen.pdbx_host_org_ncbi_taxonomy_id     469008 
_entity_src_gen.host_org_genus                     ? 
_entity_src_gen.pdbx_host_org_gene                 ? 
_entity_src_gen.pdbx_host_org_organ                ? 
_entity_src_gen.host_org_species                   ? 
_entity_src_gen.pdbx_host_org_tissue               ? 
_entity_src_gen.pdbx_host_org_tissue_fraction      ? 
_entity_src_gen.pdbx_host_org_strain               ? 
_entity_src_gen.pdbx_host_org_variant              ? 
_entity_src_gen.pdbx_host_org_cell_line            ? 
_entity_src_gen.pdbx_host_org_atcc                 ? 
_entity_src_gen.pdbx_host_org_culture_collection   ? 
_entity_src_gen.pdbx_host_org_cell                 ? 
_entity_src_gen.pdbx_host_org_organelle            ? 
_entity_src_gen.pdbx_host_org_cellular_location    ? 
_entity_src_gen.pdbx_host_org_vector_type          ? 
_entity_src_gen.pdbx_host_org_vector               ? 
_entity_src_gen.host_org_details                   ? 
_entity_src_gen.expression_system_id               ? 
_entity_src_gen.plasmid_name                       pET28b 
_entity_src_gen.plasmid_details                    ? 
_entity_src_gen.pdbx_description                   ? 
# 
loop_
_chem_comp.id 
_chem_comp.type 
_chem_comp.mon_nstd_flag 
_chem_comp.name 
_chem_comp.pdbx_synonyms 
_chem_comp.formula 
_chem_comp.formula_weight 
ALA 'L-peptide linking' y ALANINE                                ?                               'C3 H7 N O2'     89.093  
ARG 'L-peptide linking' y ARGININE                               ?                               'C6 H15 N4 O2 1' 175.209 
ASN 'L-peptide linking' y ASPARAGINE                             ?                               'C4 H8 N2 O3'    132.118 
ASP 'L-peptide linking' y 'ASPARTIC ACID'                        ?                               'C4 H7 N O4'     133.103 
CYS 'L-peptide linking' y CYSTEINE                               ?                               'C3 H7 N O2 S'   121.158 
GLN 'L-peptide linking' y GLUTAMINE                              ?                               'C5 H10 N2 O3'   146.144 
GLU 'L-peptide linking' y 'GLUTAMIC ACID'                        ?                               'C5 H9 N O4'     147.129 
GLY 'peptide linking'   y GLYCINE                                ?                               'C2 H5 N O2'     75.067  
GOL non-polymer         . GLYCEROL                               'GLYCERIN; PROPANE-1,2,3-TRIOL' 'C3 H8 O3'       92.094  
HIS 'L-peptide linking' y HISTIDINE                              ?                               'C6 H10 N3 O2 1' 156.162 
HOH non-polymer         . WATER                                  ?                               'H2 O'           18.015  
IJU non-polymer         . '4-bromanyl-2-(methoxymethyl)pyridine' ?                               'C7 H8 Br N O'   202.049 
ILE 'L-peptide linking' y ISOLEUCINE                             ?                               'C6 H13 N O2'    131.173 
LEU 'L-peptide linking' y LEUCINE                                ?                               'C6 H13 N O2'    131.173 
LYS 'L-peptide linking' y LYSINE                                 ?                               'C6 H15 N2 O2 1' 147.195 
MET 'L-peptide linking' y METHIONINE                             ?                               'C5 H11 N O2 S'  149.211 
PHE 'L-peptide linking' y PHENYLALANINE                          ?                               'C9 H11 N O2'    165.189 
PRO 'L-peptide linking' y PROLINE                                ?                               'C5 H9 N O2'     115.130 
SER 'L-peptide linking' y SERINE                                 ?                               'C3 H7 N O3'     105.093 
THR 'L-peptide linking' y THREONINE                              ?                               'C4 H9 N O3'     119.119 
TRP 'L-peptide linking' y TRYPTOPHAN                             ?                               'C11 H12 N2 O2'  204.225 
TYR 'L-peptide linking' y TYROSINE                               ?                               'C9 H11 N O3'    181.189 
VAL 'L-peptide linking' y VALINE                                 ?                               'C5 H11 N O2'    117.146 
# 
loop_
_pdbx_poly_seq_scheme.asym_id 
_pdbx_poly_seq_scheme.entity_id 
_pdbx_poly_seq_scheme.seq_id 
_pdbx_poly_seq_scheme.mon_id 
_pdbx_poly_seq_scheme.ndb_seq_num 
_pdbx_poly_seq_scheme.pdb_seq_num 
_pdbx_poly_seq_scheme.auth_seq_num 
_pdbx_poly_seq_scheme.pdb_mon_id 
_pdbx_poly_seq_scheme.auth_mon_id 
_pdbx_poly_seq_scheme.pdb_strand_id 
_pdbx_poly_seq_scheme.pdb_ins_code 
_pdbx_poly_seq_scheme.hetero 
A 1 1   GLY 1   40  40  GLY GLY AAA . n 
A 1 2   SER 2   41  41  SER SER AAA . n 
A 1 3   HIS 3   42  42  HIS HIS AAA . n 
A 1 4   MET 4   43  43  MET MET AAA . n 
A 1 5   ASN 5   44  44  ASN ASN AAA . n 
A 1 6   PRO 6   45  45  PRO PRO AAA . n 
A 1 7   PRO 7   46  46  PRO PRO AAA . n 
A 1 8   PRO 8   47  47  PRO PRO AAA . n 
A 1 9   PRO 9   48  48  PRO PRO AAA . n 
A 1 10  GLU 10  49  49  GLU GLU AAA . n 
A 1 11  THR 11  50  50  THR THR AAA . n 
A 1 12  SER 12  51  51  SER SER AAA . n 
A 1 13  ASN 13  52  52  ASN ASN AAA . n 
A 1 14  PRO 14  53  53  PRO PRO AAA . n 
A 1 15  ASN 15  54  54  ASN ASN AAA . n 
A 1 16  LYS 16  55  55  LYS LYS AAA . n 
A 1 17  PRO 17  56  56  PRO PRO AAA . n 
A 1 18  LYS 18  57  57  LYS LYS AAA . n 
A 1 19  ARG 19  58  58  ARG ARG AAA . n 
A 1 20  GLN 20  59  59  GLN GLN AAA . n 
A 1 21  THR 21  60  60  THR THR AAA . n 
A 1 22  ASN 22  61  61  ASN ASN AAA . n 
A 1 23  GLN 23  62  62  GLN GLN AAA . n 
A 1 24  LEU 24  63  63  LEU LEU AAA . n 
A 1 25  GLN 25  64  64  GLN GLN AAA . n 
A 1 26  TYR 26  65  65  TYR TYR AAA . n 
A 1 27  LEU 27  66  66  LEU LEU AAA . n 
A 1 28  LEU 28  67  67  LEU LEU AAA . n 
A 1 29  ARG 29  68  68  ARG ARG AAA . n 
A 1 30  VAL 30  69  69  VAL VAL AAA . n 
A 1 31  VAL 31  70  70  VAL VAL AAA . n 
A 1 32  LEU 32  71  71  LEU LEU AAA . n 
A 1 33  LYS 33  72  72  LYS LYS AAA . n 
A 1 34  THR 34  73  73  THR THR AAA . n 
A 1 35  LEU 35  74  74  LEU LEU AAA . n 
A 1 36  TRP 36  75  75  TRP TRP AAA . n 
A 1 37  LYS 37  76  76  LYS LYS AAA . n 
A 1 38  HIS 38  77  77  HIS HIS AAA . n 
A 1 39  GLN 39  78  78  GLN GLN AAA . n 
A 1 40  PHE 40  79  79  PHE PHE AAA . n 
A 1 41  ALA 41  80  80  ALA ALA AAA . n 
A 1 42  TRP 42  81  81  TRP TRP AAA . n 
A 1 43  PRO 43  82  82  PRO PRO AAA . n 
A 1 44  PHE 44  83  83  PHE PHE AAA . n 
A 1 45  GLN 45  84  84  GLN GLN AAA . n 
A 1 46  GLN 46  85  85  GLN GLN AAA . n 
A 1 47  PRO 47  86  86  PRO PRO AAA . n 
A 1 48  VAL 48  87  87  VAL VAL AAA . n 
A 1 49  ASP 49  88  88  ASP ASP AAA . n 
A 1 50  ALA 50  89  89  ALA ALA AAA . n 
A 1 51  VAL 51  90  90  VAL VAL AAA . n 
A 1 52  LYS 52  91  91  LYS LYS AAA . n 
A 1 53  LEU 53  92  92  LEU LEU AAA . n 
A 1 54  ASN 54  93  93  ASN ASN AAA . n 
A 1 55  LEU 55  94  94  LEU LEU AAA . n 
A 1 56  PRO 56  95  95  PRO PRO AAA . n 
A 1 57  ASP 57  96  96  ASP ASP AAA . n 
A 1 58  TYR 58  97  97  TYR TYR AAA . n 
A 1 59  TYR 59  98  98  TYR TYR AAA . n 
A 1 60  LYS 60  99  99  LYS LYS AAA . n 
A 1 61  ILE 61  100 100 ILE ILE AAA . n 
A 1 62  ILE 62  101 101 ILE ILE AAA . n 
A 1 63  LYS 63  102 102 LYS LYS AAA . n 
A 1 64  THR 64  103 103 THR THR AAA . n 
A 1 65  PRO 65  104 104 PRO PRO AAA . n 
A 1 66  MET 66  105 105 MET MET AAA . n 
A 1 67  ASP 67  106 106 ASP ASP AAA . n 
A 1 68  MET 68  107 107 MET MET AAA . n 
A 1 69  GLY 69  108 108 GLY GLY AAA . n 
A 1 70  THR 70  109 109 THR THR AAA . n 
A 1 71  ILE 71  110 110 ILE ILE AAA . n 
A 1 72  LYS 72  111 111 LYS LYS AAA . n 
A 1 73  LYS 73  112 112 LYS LYS AAA . n 
A 1 74  ARG 74  113 113 ARG ARG AAA . n 
A 1 75  LEU 75  114 114 LEU LEU AAA . n 
A 1 76  GLU 76  115 115 GLU GLU AAA . n 
A 1 77  ASN 77  116 116 ASN ASN AAA . n 
A 1 78  ASN 78  117 117 ASN ASN AAA . n 
A 1 79  TYR 79  118 118 TYR TYR AAA . n 
A 1 80  TYR 80  119 119 TYR TYR AAA . n 
A 1 81  TRP 81  120 120 TRP TRP AAA . n 
A 1 82  ASN 82  121 121 ASN ASN AAA . n 
A 1 83  ALA 83  122 122 ALA ALA AAA . n 
A 1 84  GLN 84  123 123 GLN GLN AAA . n 
A 1 85  GLU 85  124 124 GLU GLU AAA . n 
A 1 86  CYS 86  125 125 CYS CYS AAA . n 
A 1 87  ILE 87  126 126 ILE ILE AAA . n 
A 1 88  GLN 88  127 127 GLN GLN AAA . n 
A 1 89  ASP 89  128 128 ASP ASP AAA . n 
A 1 90  PHE 90  129 129 PHE PHE AAA . n 
A 1 91  ASN 91  130 130 ASN ASN AAA . n 
A 1 92  THR 92  131 131 THR THR AAA . n 
A 1 93  MET 93  132 132 MET MET AAA . n 
A 1 94  PHE 94  133 133 PHE PHE AAA . n 
A 1 95  THR 95  134 134 THR THR AAA . n 
A 1 96  ASN 96  135 135 ASN ASN AAA . n 
A 1 97  CYS 97  136 136 CYS CYS AAA . n 
A 1 98  TYR 98  137 137 TYR TYR AAA . n 
A 1 99  ILE 99  138 138 ILE ILE AAA . n 
A 1 100 TYR 100 139 139 TYR TYR AAA . n 
A 1 101 ASN 101 140 140 ASN ASN AAA . n 
A 1 102 LYS 102 141 141 LYS LYS AAA . n 
A 1 103 PRO 103 142 142 PRO PRO AAA . n 
A 1 104 GLY 104 143 143 GLY GLY AAA . n 
A 1 105 ASP 105 144 144 ASP ASP AAA . n 
A 1 106 ASP 106 145 145 ASP ASP AAA . n 
A 1 107 ILE 107 146 146 ILE ILE AAA . n 
A 1 108 VAL 108 147 147 VAL VAL AAA . n 
A 1 109 LEU 109 148 148 LEU LEU AAA . n 
A 1 110 MET 110 149 149 MET MET AAA . n 
A 1 111 ALA 111 150 150 ALA ALA AAA . n 
A 1 112 GLU 112 151 151 GLU GLU AAA . n 
A 1 113 ALA 113 152 152 ALA ALA AAA . n 
A 1 114 LEU 114 153 153 LEU LEU AAA . n 
A 1 115 GLU 115 154 154 GLU GLU AAA . n 
A 1 116 LYS 116 155 155 LYS LYS AAA . n 
A 1 117 LEU 117 156 156 LEU LEU AAA . n 
A 1 118 PHE 118 157 157 PHE PHE AAA . n 
A 1 119 LEU 119 158 158 LEU LEU AAA . n 
A 1 120 GLN 120 159 159 GLN GLN AAA . n 
A 1 121 LYS 121 160 160 LYS LYS AAA . n 
A 1 122 ILE 122 161 161 ILE ILE AAA . n 
A 1 123 ASN 123 162 162 ASN ASN AAA . n 
A 1 124 GLU 124 163 163 GLU GLU AAA . n 
A 1 125 LEU 125 164 164 LEU LEU AAA . n 
A 1 126 PRO 126 165 165 PRO PRO AAA . n 
A 1 127 THR 127 166 166 THR THR AAA . n 
A 1 128 GLU 128 167 167 GLU GLU AAA . n 
A 1 129 GLU 129 168 168 GLU GLU AAA . n 
# 
loop_
_pdbx_nonpoly_scheme.asym_id 
_pdbx_nonpoly_scheme.entity_id 
_pdbx_nonpoly_scheme.mon_id 
_pdbx_nonpoly_scheme.ndb_seq_num 
_pdbx_nonpoly_scheme.pdb_seq_num 
_pdbx_nonpoly_scheme.auth_seq_num 
_pdbx_nonpoly_scheme.pdb_mon_id 
_pdbx_nonpoly_scheme.auth_mon_id 
_pdbx_nonpoly_scheme.pdb_strand_id 
_pdbx_nonpoly_scheme.pdb_ins_code 
B 2 IJU 1   201 201 IJU DRG AAA . 
C 3 GOL 1   202 1   GOL GOL AAA . 
D 4 HOH 1   301 14  HOH HOH AAA . 
D 4 HOH 2   302 135 HOH HOH AAA . 
D 4 HOH 3   303 87  HOH HOH AAA . 
D 4 HOH 4   304 76  HOH HOH AAA . 
D 4 HOH 5   305 73  HOH HOH AAA . 
D 4 HOH 6   306 98  HOH HOH AAA . 
D 4 HOH 7   307 83  HOH HOH AAA . 
D 4 HOH 8   308 45  HOH HOH AAA . 
D 4 HOH 9   309 71  HOH HOH AAA . 
D 4 HOH 10  310 26  HOH HOH AAA . 
D 4 HOH 11  311 33  HOH HOH AAA . 
D 4 HOH 12  312 4   HOH HOH AAA . 
D 4 HOH 13  313 47  HOH HOH AAA . 
D 4 HOH 14  314 129 HOH HOH AAA . 
D 4 HOH 15  315 122 HOH HOH AAA . 
D 4 HOH 16  316 10  HOH HOH AAA . 
D 4 HOH 17  317 35  HOH HOH AAA . 
D 4 HOH 18  318 66  HOH HOH AAA . 
D 4 HOH 19  319 67  HOH HOH AAA . 
D 4 HOH 20  320 28  HOH HOH AAA . 
D 4 HOH 21  321 81  HOH HOH AAA . 
D 4 HOH 22  322 103 HOH HOH AAA . 
D 4 HOH 23  323 112 HOH HOH AAA . 
D 4 HOH 24  324 48  HOH HOH AAA . 
D 4 HOH 25  325 25  HOH HOH AAA . 
D 4 HOH 26  326 116 HOH HOH AAA . 
D 4 HOH 27  327 65  HOH HOH AAA . 
D 4 HOH 28  328 110 HOH HOH AAA . 
D 4 HOH 29  329 104 HOH HOH AAA . 
D 4 HOH 30  330 11  HOH HOH AAA . 
D 4 HOH 31  331 34  HOH HOH AAA . 
D 4 HOH 32  332 22  HOH HOH AAA . 
D 4 HOH 33  333 59  HOH HOH AAA . 
D 4 HOH 34  334 105 HOH HOH AAA . 
D 4 HOH 35  335 6   HOH HOH AAA . 
D 4 HOH 36  336 131 HOH HOH AAA . 
D 4 HOH 37  337 38  HOH HOH AAA . 
D 4 HOH 38  338 50  HOH HOH AAA . 
D 4 HOH 39  339 109 HOH HOH AAA . 
D 4 HOH 40  340 19  HOH HOH AAA . 
D 4 HOH 41  341 118 HOH HOH AAA . 
D 4 HOH 42  342 37  HOH HOH AAA . 
D 4 HOH 43  343 53  HOH HOH AAA . 
D 4 HOH 44  344 72  HOH HOH AAA . 
D 4 HOH 45  345 82  HOH HOH AAA . 
D 4 HOH 46  346 52  HOH HOH AAA . 
D 4 HOH 47  347 58  HOH HOH AAA . 
D 4 HOH 48  348 106 HOH HOH AAA . 
D 4 HOH 49  349 46  HOH HOH AAA . 
D 4 HOH 50  350 8   HOH HOH AAA . 
D 4 HOH 51  351 13  HOH HOH AAA . 
D 4 HOH 52  352 55  HOH HOH AAA . 
D 4 HOH 53  353 42  HOH HOH AAA . 
D 4 HOH 54  354 2   HOH HOH AAA . 
D 4 HOH 55  355 80  HOH HOH AAA . 
D 4 HOH 56  356 17  HOH HOH AAA . 
D 4 HOH 57  357 9   HOH HOH AAA . 
D 4 HOH 58  358 24  HOH HOH AAA . 
D 4 HOH 59  359 91  HOH HOH AAA . 
D 4 HOH 60  360 117 HOH HOH AAA . 
D 4 HOH 61  361 57  HOH HOH AAA . 
D 4 HOH 62  362 41  HOH HOH AAA . 
D 4 HOH 63  363 44  HOH HOH AAA . 
D 4 HOH 64  364 56  HOH HOH AAA . 
D 4 HOH 65  365 12  HOH HOH AAA . 
D 4 HOH 66  366 29  HOH HOH AAA . 
D 4 HOH 67  367 123 HOH HOH AAA . 
D 4 HOH 68  368 94  HOH HOH AAA . 
D 4 HOH 69  369 49  HOH HOH AAA . 
D 4 HOH 70  370 85  HOH HOH AAA . 
D 4 HOH 71  371 78  HOH HOH AAA . 
D 4 HOH 72  372 136 HOH HOH AAA . 
D 4 HOH 73  373 23  HOH HOH AAA . 
D 4 HOH 74  374 7   HOH HOH AAA . 
D 4 HOH 75  375 119 HOH HOH AAA . 
D 4 HOH 76  376 97  HOH HOH AAA . 
D 4 HOH 77  377 128 HOH HOH AAA . 
D 4 HOH 78  378 32  HOH HOH AAA . 
D 4 HOH 79  379 88  HOH HOH AAA . 
D 4 HOH 80  380 18  HOH HOH AAA . 
D 4 HOH 81  381 64  HOH HOH AAA . 
D 4 HOH 82  382 107 HOH HOH AAA . 
D 4 HOH 83  383 36  HOH HOH AAA . 
D 4 HOH 84  384 1   HOH HOH AAA . 
D 4 HOH 85  385 21  HOH HOH AAA . 
D 4 HOH 86  386 124 HOH HOH AAA . 
D 4 HOH 87  387 30  HOH HOH AAA . 
D 4 HOH 88  388 40  HOH HOH AAA . 
D 4 HOH 89  389 5   HOH HOH AAA . 
D 4 HOH 90  390 62  HOH HOH AAA . 
D 4 HOH 91  391 77  HOH HOH AAA . 
D 4 HOH 92  392 54  HOH HOH AAA . 
D 4 HOH 93  393 39  HOH HOH AAA . 
D 4 HOH 94  394 121 HOH HOH AAA . 
D 4 HOH 95  395 101 HOH HOH AAA . 
D 4 HOH 96  396 108 HOH HOH AAA . 
D 4 HOH 97  397 79  HOH HOH AAA . 
D 4 HOH 98  398 126 HOH HOH AAA . 
D 4 HOH 99  399 3   HOH HOH AAA . 
D 4 HOH 100 400 74  HOH HOH AAA . 
D 4 HOH 101 401 31  HOH HOH AAA . 
D 4 HOH 102 402 70  HOH HOH AAA . 
D 4 HOH 103 403 84  HOH HOH AAA . 
D 4 HOH 104 404 100 HOH HOH AAA . 
D 4 HOH 105 405 43  HOH HOH AAA . 
D 4 HOH 106 406 15  HOH HOH AAA . 
D 4 HOH 107 407 127 HOH HOH AAA . 
D 4 HOH 108 408 95  HOH HOH AAA . 
D 4 HOH 109 409 111 HOH HOH AAA . 
D 4 HOH 110 410 75  HOH HOH AAA . 
D 4 HOH 111 411 133 HOH HOH AAA . 
D 4 HOH 112 412 63  HOH HOH AAA . 
D 4 HOH 113 413 102 HOH HOH AAA . 
D 4 HOH 114 414 120 HOH HOH AAA . 
D 4 HOH 115 415 61  HOH HOH AAA . 
D 4 HOH 116 416 130 HOH HOH AAA . 
D 4 HOH 117 417 134 HOH HOH AAA . 
D 4 HOH 118 418 96  HOH HOH AAA . 
D 4 HOH 119 419 60  HOH HOH AAA . 
D 4 HOH 120 420 99  HOH HOH AAA . 
D 4 HOH 121 421 20  HOH HOH AAA . 
D 4 HOH 122 422 132 HOH HOH AAA . 
D 4 HOH 123 423 92  HOH HOH AAA . 
D 4 HOH 124 424 89  HOH HOH AAA . 
D 4 HOH 125 425 114 HOH HOH AAA . 
D 4 HOH 126 426 51  HOH HOH AAA . 
D 4 HOH 127 427 27  HOH HOH AAA . 
D 4 HOH 128 428 90  HOH HOH AAA . 
D 4 HOH 129 429 86  HOH HOH AAA . 
D 4 HOH 130 430 68  HOH HOH AAA . 
D 4 HOH 131 431 113 HOH HOH AAA . 
D 4 HOH 132 432 93  HOH HOH AAA . 
D 4 HOH 133 433 115 HOH HOH AAA . 
D 4 HOH 134 434 69  HOH HOH AAA . 
# 
loop_
_software.citation_id 
_software.classification 
_software.compiler_name 
_software.compiler_version 
_software.contact_author 
_software.contact_author_email 
_software.date 
_software.description 
_software.dependencies 
_software.hardware 
_software.language 
_software.location 
_software.mods 
_software.name 
_software.os 
_software.os_version 
_software.type 
_software.version 
_software.pdbx_ordinal 
? refinement       ? ? ? ? ? ? ? ? ? ? ? REFMAC  ? ? ? 5.8.0258 1 
? refinement       ? ? ? ? ? ? ? ? ? ? ? REFMAC  ? ? ? 5.8.0258 2 
? 'data scaling'   ? ? ? ? ? ? ? ? ? ? ? Aimless ? ? ? 0.7.4    3 
? 'data reduction' ? ? ? ? ? ? ? ? ? ? ? xia2    ? ? ? .        4 
? phasing          ? ? ? ? ? ? ? ? ? ? ? PHASER  ? ? ? .        5 
# 
_cell.angle_alpha                  90.000 
_cell.angle_alpha_esd              ? 
_cell.angle_beta                   90.000 
_cell.angle_beta_esd               ? 
_cell.angle_gamma                  90.000 
_cell.angle_gamma_esd              ? 
_cell.entry_id                     7ZAT 
_cell.details                      ? 
_cell.formula_units_Z              ? 
_cell.length_a                     38.014 
_cell.length_a_esd                 ? 
_cell.length_b                     43.232 
_cell.length_b_esd                 ? 
_cell.length_c                     79.010 
_cell.length_c_esd                 ? 
_cell.volume                       ? 
_cell.volume_esd                   ? 
_cell.Z_PDB                        4 
_cell.reciprocal_angle_alpha       ? 
_cell.reciprocal_angle_beta        ? 
_cell.reciprocal_angle_gamma       ? 
_cell.reciprocal_angle_alpha_esd   ? 
_cell.reciprocal_angle_beta_esd    ? 
_cell.reciprocal_angle_gamma_esd   ? 
_cell.reciprocal_length_a          ? 
_cell.reciprocal_length_b          ? 
_cell.reciprocal_length_c          ? 
_cell.reciprocal_length_a_esd      ? 
_cell.reciprocal_length_b_esd      ? 
_cell.reciprocal_length_c_esd      ? 
_cell.pdbx_unique_axis             ? 
# 
_symmetry.entry_id                         7ZAT 
_symmetry.cell_setting                     ? 
_symmetry.Int_Tables_number                19 
_symmetry.space_group_name_Hall            ? 
_symmetry.space_group_name_H-M             'P 21 21 21' 
_symmetry.pdbx_full_space_group_name_H-M   ? 
# 
_exptl.absorpt_coefficient_mu     ? 
_exptl.absorpt_correction_T_max   ? 
_exptl.absorpt_correction_T_min   ? 
_exptl.absorpt_correction_type    ? 
_exptl.absorpt_process_details    ? 
_exptl.entry_id                   7ZAT 
_exptl.crystals_number            1 
_exptl.details                    ? 
_exptl.method                     'X-RAY DIFFRACTION' 
_exptl.method_details             ? 
# 
_exptl_crystal.colour                      ? 
_exptl_crystal.density_diffrn              ? 
_exptl_crystal.density_Matthews            2.12 
_exptl_crystal.density_method              ? 
_exptl_crystal.density_percent_sol         42.05 
_exptl_crystal.description                 ? 
_exptl_crystal.F_000                       ? 
_exptl_crystal.id                          1 
_exptl_crystal.preparation                 ? 
_exptl_crystal.size_max                    ? 
_exptl_crystal.size_mid                    ? 
_exptl_crystal.size_min                    ? 
_exptl_crystal.size_rad                    ? 
_exptl_crystal.colour_lustre               ? 
_exptl_crystal.colour_modifier             ? 
_exptl_crystal.colour_primary              ? 
_exptl_crystal.density_meas                ? 
_exptl_crystal.density_meas_esd            ? 
_exptl_crystal.density_meas_gt             ? 
_exptl_crystal.density_meas_lt             ? 
_exptl_crystal.density_meas_temp           ? 
_exptl_crystal.density_meas_temp_esd       ? 
_exptl_crystal.density_meas_temp_gt        ? 
_exptl_crystal.density_meas_temp_lt        ? 
_exptl_crystal.pdbx_crystal_image_url      ? 
_exptl_crystal.pdbx_crystal_image_format   ? 
_exptl_crystal.pdbx_mosaicity              ? 
_exptl_crystal.pdbx_mosaicity_esd          ? 
# 
_exptl_crystal_grow.apparatus       ? 
_exptl_crystal_grow.atmosphere      ? 
_exptl_crystal_grow.crystal_id      1 
_exptl_crystal_grow.details         ? 
_exptl_crystal_grow.method          'VAPOR DIFFUSION, SITTING DROP' 
_exptl_crystal_grow.method_ref      ? 
_exptl_crystal_grow.pH              8.5 
_exptl_crystal_grow.pressure        ? 
_exptl_crystal_grow.pressure_esd    ? 
_exptl_crystal_grow.seeding         ? 
_exptl_crystal_grow.seeding_ref     ? 
_exptl_crystal_grow.temp            293 
_exptl_crystal_grow.temp_details    ? 
_exptl_crystal_grow.temp_esd        ? 
_exptl_crystal_grow.time            ? 
_exptl_crystal_grow.pdbx_details    
;0.1 M Buffer system 3 (1 M Tris, 1 M BICINE, pH 8.5), 34-44% Precipitant Solution 3 (20% PEG 4000, 40%) and 60-80 mM Halogens Mix (NaF, NaBr and NaI) solution
;
_exptl_crystal_grow.pdbx_pH_range   ? 
# 
_diffrn.ambient_environment              ? 
_diffrn.ambient_temp                     100 
_diffrn.ambient_temp_details             ? 
_diffrn.ambient_temp_esd                 ? 
_diffrn.crystal_id                       1 
_diffrn.crystal_support                  ? 
_diffrn.crystal_treatment                ? 
_diffrn.details                          ? 
_diffrn.id                               1 
_diffrn.ambient_pressure                 ? 
_diffrn.ambient_pressure_esd             ? 
_diffrn.ambient_pressure_gt              ? 
_diffrn.ambient_pressure_lt              ? 
_diffrn.ambient_temp_gt                  ? 
_diffrn.ambient_temp_lt                  ? 
_diffrn.pdbx_serial_crystal_experiment   N 
# 
_diffrn_detector.details                      ? 
_diffrn_detector.detector                     PIXEL 
_diffrn_detector.diffrn_id                    1 
_diffrn_detector.type                         'DECTRIS PILATUS 6M' 
_diffrn_detector.area_resol_mean              ? 
_diffrn_detector.dtime                        ? 
_diffrn_detector.pdbx_frames_total            ? 
_diffrn_detector.pdbx_collection_time_total   ? 
_diffrn_detector.pdbx_collection_date         2019-08-04 
_diffrn_detector.pdbx_frequency               ? 
# 
_diffrn_radiation.collimation                      ? 
_diffrn_radiation.diffrn_id                        1 
_diffrn_radiation.filter_edge                      ? 
_diffrn_radiation.inhomogeneity                    ? 
_diffrn_radiation.monochromator                    ? 
_diffrn_radiation.polarisn_norm                    ? 
_diffrn_radiation.polarisn_ratio                   ? 
_diffrn_radiation.probe                            ? 
_diffrn_radiation.type                             ? 
_diffrn_radiation.xray_symbol                      ? 
_diffrn_radiation.wavelength_id                    1 
_diffrn_radiation.pdbx_monochromatic_or_laue_m_l   M 
_diffrn_radiation.pdbx_wavelength_list             ? 
_diffrn_radiation.pdbx_wavelength                  ? 
_diffrn_radiation.pdbx_diffrn_protocol             'SINGLE WAVELENGTH' 
_diffrn_radiation.pdbx_analyzer                    ? 
_diffrn_radiation.pdbx_scattering_type             x-ray 
# 
_diffrn_radiation_wavelength.id           1 
_diffrn_radiation_wavelength.wavelength   0.95397 
_diffrn_radiation_wavelength.wt           1.0 
# 
_diffrn_source.current                     ? 
_diffrn_source.details                     ? 
_diffrn_source.diffrn_id                   1 
_diffrn_source.power                       ? 
_diffrn_source.size                        ? 
_diffrn_source.source                      SYNCHROTRON 
_diffrn_source.target                      ? 
_diffrn_source.type                        'DIAMOND BEAMLINE I04-1' 
_diffrn_source.voltage                     ? 
_diffrn_source.take-off_angle              ? 
_diffrn_source.pdbx_wavelength_list        0.95397 
_diffrn_source.pdbx_wavelength             ? 
_diffrn_source.pdbx_synchrotron_beamline   I04-1 
_diffrn_source.pdbx_synchrotron_site       Diamond 
# 
_reflns.B_iso_Wilson_estimate                          ? 
_reflns.entry_id                                       7ZAT 
_reflns.data_reduction_details                         ? 
_reflns.data_reduction_method                          ? 
_reflns.d_resolution_high                              1.15 
_reflns.d_resolution_low                               39.50 
_reflns.details                                        ? 
_reflns.limit_h_max                                    ? 
_reflns.limit_h_min                                    ? 
_reflns.limit_k_max                                    ? 
_reflns.limit_k_min                                    ? 
_reflns.limit_l_max                                    ? 
_reflns.limit_l_min                                    ? 
_reflns.number_all                                     ? 
_reflns.number_obs                                     47092 
_reflns.observed_criterion                             ? 
_reflns.observed_criterion_F_max                       ? 
_reflns.observed_criterion_F_min                       ? 
_reflns.observed_criterion_I_max                       ? 
_reflns.observed_criterion_I_min                       ? 
_reflns.observed_criterion_sigma_F                     ? 
_reflns.observed_criterion_sigma_I                     ? 
_reflns.percent_possible_obs                           100.0 
_reflns.R_free_details                                 ? 
_reflns.Rmerge_F_all                                   ? 
_reflns.Rmerge_F_obs                                   ? 
_reflns.Friedel_coverage                               ? 
_reflns.number_gt                                      ? 
_reflns.threshold_expression                           ? 
_reflns.pdbx_redundancy                                6.5 
_reflns.pdbx_Rmerge_I_obs                              0.115 
_reflns.pdbx_Rmerge_I_all                              ? 
_reflns.pdbx_Rsym_value                                ? 
_reflns.pdbx_netI_over_av_sigmaI                       ? 
_reflns.pdbx_netI_over_sigmaI                          6.6 
_reflns.pdbx_res_netI_over_av_sigmaI_2                 ? 
_reflns.pdbx_res_netI_over_sigmaI_2                    ? 
_reflns.pdbx_chi_squared                               ? 
_reflns.pdbx_scaling_rejects                           ? 
_reflns.pdbx_d_res_high_opt                            ? 
_reflns.pdbx_d_res_low_opt                             ? 
_reflns.pdbx_d_res_opt_method                          ? 
_reflns.phase_calculation_details                      ? 
_reflns.pdbx_Rrim_I_all                                0.135 
_reflns.pdbx_Rpim_I_all                                0.070 
_reflns.pdbx_d_opt                                     ? 
_reflns.pdbx_number_measured_all                       ? 
_reflns.pdbx_diffrn_id                                 1 
_reflns.pdbx_ordinal                                   1 
_reflns.pdbx_CC_half                                   0.992 
_reflns.pdbx_CC_star                                   ? 
_reflns.pdbx_R_split                                   ? 
_reflns.pdbx_aniso_diffraction_limit_axis_1_ortho[1]   ? 
_reflns.pdbx_aniso_diffraction_limit_axis_1_ortho[2]   ? 
_reflns.pdbx_aniso_diffraction_limit_axis_1_ortho[3]   ? 
_reflns.pdbx_aniso_diffraction_limit_axis_2_ortho[1]   ? 
_reflns.pdbx_aniso_diffraction_limit_axis_2_ortho[2]   ? 
_reflns.pdbx_aniso_diffraction_limit_axis_2_ortho[3]   ? 
_reflns.pdbx_aniso_diffraction_limit_axis_3_ortho[1]   ? 
_reflns.pdbx_aniso_diffraction_limit_axis_3_ortho[2]   ? 
_reflns.pdbx_aniso_diffraction_limit_axis_3_ortho[3]   ? 
_reflns.pdbx_aniso_diffraction_limit_1                 ? 
_reflns.pdbx_aniso_diffraction_limit_2                 ? 
_reflns.pdbx_aniso_diffraction_limit_3                 ? 
_reflns.pdbx_aniso_B_tensor_eigenvector_1_ortho[1]     ? 
_reflns.pdbx_aniso_B_tensor_eigenvector_1_ortho[2]     ? 
_reflns.pdbx_aniso_B_tensor_eigenvector_1_ortho[3]     ? 
_reflns.pdbx_aniso_B_tensor_eigenvector_2_ortho[1]     ? 
_reflns.pdbx_aniso_B_tensor_eigenvector_2_ortho[2]     ? 
_reflns.pdbx_aniso_B_tensor_eigenvector_2_ortho[3]     ? 
_reflns.pdbx_aniso_B_tensor_eigenvector_3_ortho[1]     ? 
_reflns.pdbx_aniso_B_tensor_eigenvector_3_ortho[2]     ? 
_reflns.pdbx_aniso_B_tensor_eigenvector_3_ortho[3]     ? 
_reflns.pdbx_aniso_B_tensor_eigenvalue_1               ? 
_reflns.pdbx_aniso_B_tensor_eigenvalue_2               ? 
_reflns.pdbx_aniso_B_tensor_eigenvalue_3               ? 
_reflns.pdbx_orthogonalization_convention              ? 
_reflns.pdbx_percent_possible_ellipsoidal              ? 
_reflns.pdbx_percent_possible_spherical                ? 
_reflns.pdbx_percent_possible_ellipsoidal_anomalous    ? 
_reflns.pdbx_percent_possible_spherical_anomalous      ? 
_reflns.pdbx_redundancy_anomalous                      ? 
_reflns.pdbx_CC_half_anomalous                         ? 
_reflns.pdbx_absDiff_over_sigma_anomalous              ? 
_reflns.pdbx_percent_possible_anomalous                ? 
_reflns.pdbx_observed_signal_threshold                 ? 
_reflns.pdbx_signal_type                               ? 
_reflns.pdbx_signal_details                            ? 
_reflns.pdbx_signal_software_id                        ? 
# 
loop_
_reflns_shell.d_res_high 
_reflns_shell.d_res_low 
_reflns_shell.meanI_over_sigI_all 
_reflns_shell.meanI_over_sigI_obs 
_reflns_shell.number_measured_all 
_reflns_shell.number_measured_obs 
_reflns_shell.number_possible 
_reflns_shell.number_unique_all 
_reflns_shell.number_unique_obs 
_reflns_shell.percent_possible_all 
_reflns_shell.percent_possible_obs 
_reflns_shell.Rmerge_F_all 
_reflns_shell.Rmerge_F_obs 
_reflns_shell.Rmerge_I_all 
_reflns_shell.Rmerge_I_obs 
_reflns_shell.meanI_over_sigI_gt 
_reflns_shell.meanI_over_uI_all 
_reflns_shell.meanI_over_uI_gt 
_reflns_shell.number_measured_gt 
_reflns_shell.number_unique_gt 
_reflns_shell.percent_possible_gt 
_reflns_shell.Rmerge_F_gt 
_reflns_shell.Rmerge_I_gt 
_reflns_shell.pdbx_redundancy 
_reflns_shell.pdbx_Rsym_value 
_reflns_shell.pdbx_chi_squared 
_reflns_shell.pdbx_netI_over_sigmaI_all 
_reflns_shell.pdbx_netI_over_sigmaI_obs 
_reflns_shell.pdbx_Rrim_I_all 
_reflns_shell.pdbx_Rpim_I_all 
_reflns_shell.pdbx_rejects 
_reflns_shell.pdbx_ordinal 
_reflns_shell.pdbx_diffrn_id 
_reflns_shell.pdbx_CC_half 
_reflns_shell.pdbx_CC_star 
_reflns_shell.pdbx_R_split 
_reflns_shell.pdbx_percent_possible_ellipsoidal 
_reflns_shell.pdbx_percent_possible_spherical 
_reflns_shell.pdbx_percent_possible_ellipsoidal_anomalous 
_reflns_shell.pdbx_percent_possible_spherical_anomalous 
_reflns_shell.pdbx_redundancy_anomalous 
_reflns_shell.pdbx_CC_half_anomalous 
_reflns_shell.pdbx_absDiff_over_sigma_anomalous 
_reflns_shell.pdbx_percent_possible_anomalous 
6.30 39.50 ? ? ? ? ? ? 351  ? ? ? ? ? 0.069 ? ? ? ? ? ? ? ? 5.7 ? ? ? ? 0.080 0.041 ? 1 1 0.990 ? ? ? ? ? ? ? ? ? ? 
1.15 1.17  ? ? ? ? ? ? 2283 ? ? ? ? ? 1.791 ? ? ? ? ? ? ? ? 4.3 ? ? ? ? 2.288 1.398 ? 2 1 0.391 ? ? ? ? ? ? ? ? ? ? 
# 
_refine.aniso_B[1][1]                            0.582 
_refine.aniso_B[1][2]                            0.000 
_refine.aniso_B[1][3]                            -0.000 
_refine.aniso_B[2][2]                            -0.681 
_refine.aniso_B[2][3]                            0.000 
_refine.aniso_B[3][3]                            0.100 
_refine.B_iso_max                                ? 
_refine.B_iso_mean                               17.152 
_refine.B_iso_min                                ? 
_refine.correlation_coeff_Fo_to_Fc               0.958 
_refine.correlation_coeff_Fo_to_Fc_free          0.946 
_refine.details                                  'Hydrogens have been added in their riding positions' 
_refine.diff_density_max                         ? 
_refine.diff_density_max_esd                     ? 
_refine.diff_density_min                         ? 
_refine.diff_density_min_esd                     ? 
_refine.diff_density_rms                         ? 
_refine.diff_density_rms_esd                     ? 
_refine.entry_id                                 7ZAT 
_refine.pdbx_refine_id                           'X-RAY DIFFRACTION' 
_refine.ls_abs_structure_details                 ? 
_refine.ls_abs_structure_Flack                   ? 
_refine.ls_abs_structure_Flack_esd               ? 
_refine.ls_abs_structure_Rogers                  ? 
_refine.ls_abs_structure_Rogers_esd              ? 
_refine.ls_d_res_high                            1.150 
_refine.ls_d_res_low                             39.50 
_refine.ls_extinction_coef                       ? 
_refine.ls_extinction_coef_esd                   ? 
_refine.ls_extinction_expression                 ? 
_refine.ls_extinction_method                     ? 
_refine.ls_goodness_of_fit_all                   ? 
_refine.ls_goodness_of_fit_all_esd               ? 
_refine.ls_goodness_of_fit_obs                   ? 
_refine.ls_goodness_of_fit_obs_esd               ? 
_refine.ls_hydrogen_treatment                    ? 
_refine.ls_matrix_type                           ? 
_refine.ls_number_constraints                    ? 
_refine.ls_number_parameters                     ? 
_refine.ls_number_reflns_all                     ? 
_refine.ls_number_reflns_obs                     47024 
_refine.ls_number_reflns_R_free                  2320 
_refine.ls_number_reflns_R_work                  44704 
_refine.ls_number_restraints                     ? 
_refine.ls_percent_reflns_obs                    99.919 
_refine.ls_percent_reflns_R_free                 4.934 
_refine.ls_R_factor_all                          0.213 
_refine.ls_R_factor_obs                          ? 
_refine.ls_R_factor_R_free                       0.2316 
_refine.ls_R_factor_R_free_error                 ? 
_refine.ls_R_factor_R_free_error_details         ? 
_refine.ls_R_factor_R_work                       0.2117 
_refine.ls_R_Fsqd_factor_obs                     ? 
_refine.ls_R_I_factor_obs                        ? 
_refine.ls_redundancy_reflns_all                 ? 
_refine.ls_redundancy_reflns_obs                 ? 
_refine.ls_restrained_S_all                      ? 
_refine.ls_restrained_S_obs                      ? 
_refine.ls_shift_over_esd_max                    ? 
_refine.ls_shift_over_esd_mean                   ? 
_refine.ls_structure_factor_coef                 ? 
_refine.ls_weighting_details                     ? 
_refine.ls_weighting_scheme                      ? 
_refine.ls_wR_factor_all                         ? 
_refine.ls_wR_factor_obs                         ? 
_refine.ls_wR_factor_R_free                      ? 
_refine.ls_wR_factor_R_work                      ? 
_refine.occupancy_max                            ? 
_refine.occupancy_min                            ? 
_refine.solvent_model_details                    'MASK BULK SOLVENT' 
_refine.solvent_model_param_bsol                 ? 
_refine.solvent_model_param_ksol                 ? 
_refine.pdbx_R_complete                          ? 
_refine.ls_R_factor_gt                           ? 
_refine.ls_goodness_of_fit_gt                    ? 
_refine.ls_goodness_of_fit_ref                   ? 
_refine.ls_shift_over_su_max                     ? 
_refine.ls_shift_over_su_max_lt                  ? 
_refine.ls_shift_over_su_mean                    ? 
_refine.ls_shift_over_su_mean_lt                 ? 
_refine.pdbx_ls_sigma_I                          ? 
_refine.pdbx_ls_sigma_F                          ? 
_refine.pdbx_ls_sigma_Fsqd                       ? 
_refine.pdbx_data_cutoff_high_absF               ? 
_refine.pdbx_data_cutoff_high_rms_absF           ? 
_refine.pdbx_data_cutoff_low_absF                ? 
_refine.pdbx_isotropic_thermal_model             ? 
_refine.pdbx_ls_cross_valid_method               'FREE R-VALUE' 
_refine.pdbx_method_to_determine_struct          'MOLECULAR REPLACEMENT' 
_refine.pdbx_starting_model                      5LRQ 
_refine.pdbx_stereochemistry_target_values       ? 
_refine.pdbx_R_Free_selection_details            ? 
_refine.pdbx_stereochem_target_val_spec_case     ? 
_refine.pdbx_overall_ESU_R                       0.044 
_refine.pdbx_overall_ESU_R_Free                  0.045 
_refine.pdbx_solvent_vdw_probe_radii             1.200 
_refine.pdbx_solvent_ion_probe_radii             0.800 
_refine.pdbx_solvent_shrinkage_radii             0.800 
_refine.pdbx_real_space_R                        ? 
_refine.pdbx_density_correlation                 ? 
_refine.pdbx_pd_number_of_powder_patterns        ? 
_refine.pdbx_pd_number_of_points                 ? 
_refine.pdbx_pd_meas_number_of_points            ? 
_refine.pdbx_pd_proc_ls_prof_R_factor            ? 
_refine.pdbx_pd_proc_ls_prof_wR_factor           ? 
_refine.pdbx_pd_Marquardt_correlation_coeff      ? 
_refine.pdbx_pd_Fsqrd_R_factor                   ? 
_refine.pdbx_pd_ls_matrix_band_width             ? 
_refine.pdbx_overall_phase_error                 ? 
_refine.pdbx_overall_SU_R_free_Cruickshank_DPI   ? 
_refine.pdbx_overall_SU_R_free_Blow_DPI          ? 
_refine.pdbx_overall_SU_R_Blow_DPI               ? 
_refine.pdbx_TLS_residual_ADP_flag               ? 
_refine.pdbx_diffrn_id                           1 
_refine.overall_SU_B                             0.798 
_refine.overall_SU_ML                            0.036 
_refine.overall_SU_R_Cruickshank_DPI             ? 
_refine.overall_SU_R_free                        ? 
_refine.overall_FOM_free_R_set                   ? 
_refine.overall_FOM_work_R_set                   ? 
_refine.pdbx_average_fsc_overall                 ? 
_refine.pdbx_average_fsc_work                    ? 
_refine.pdbx_average_fsc_free                    ? 
# 
_refine_hist.pdbx_refine_id                   'X-RAY DIFFRACTION' 
_refine_hist.cycle_id                         LAST 
_refine_hist.details                          ? 
_refine_hist.d_res_high                       1.150 
_refine_hist.d_res_low                        39.50 
_refine_hist.number_atoms_solvent             134 
_refine_hist.number_atoms_total               1226 
_refine_hist.number_reflns_all                ? 
_refine_hist.number_reflns_obs                ? 
_refine_hist.number_reflns_R_free             ? 
_refine_hist.number_reflns_R_work             ? 
_refine_hist.R_factor_all                     ? 
_refine_hist.R_factor_obs                     ? 
_refine_hist.R_factor_R_free                  ? 
_refine_hist.R_factor_R_work                  ? 
_refine_hist.pdbx_number_residues_total       ? 
_refine_hist.pdbx_B_iso_mean_ligand           ? 
_refine_hist.pdbx_B_iso_mean_solvent          ? 
_refine_hist.pdbx_number_atoms_protein        1076 
_refine_hist.pdbx_number_atoms_nucleic_acid   0 
_refine_hist.pdbx_number_atoms_ligand         16 
_refine_hist.pdbx_number_atoms_lipid          ? 
_refine_hist.pdbx_number_atoms_carb           ? 
_refine_hist.pdbx_pseudo_atom_details         ? 
# 
loop_
_refine_ls_restr.pdbx_refine_id 
_refine_ls_restr.criterion 
_refine_ls_restr.dev_ideal 
_refine_ls_restr.dev_ideal_target 
_refine_ls_restr.number 
_refine_ls_restr.rejects 
_refine_ls_restr.type 
_refine_ls_restr.weight 
_refine_ls_restr.pdbx_restraint_function 
'X-RAY DIFFRACTION' ? 0.011  0.012  1144 ? r_bond_refined_d               ? ? 
'X-RAY DIFFRACTION' ? 1.953  1.655  1558 ? r_angle_refined_deg            ? ? 
'X-RAY DIFFRACTION' ? 6.092  5.000  134  ? r_dihedral_angle_1_deg         ? ? 
'X-RAY DIFFRACTION' ? 35.335 25.085 59   ? r_dihedral_angle_2_deg         ? ? 
'X-RAY DIFFRACTION' ? 13.330 15.000 202  ? r_dihedral_angle_3_deg         ? ? 
'X-RAY DIFFRACTION' ? 22.277 15.000 3    ? r_dihedral_angle_4_deg         ? ? 
'X-RAY DIFFRACTION' ? 0.118  0.200  145  ? r_chiral_restr                 ? ? 
'X-RAY DIFFRACTION' ? 0.012  0.020  891  ? r_gen_planes_refined           ? ? 
'X-RAY DIFFRACTION' ? 0.229  0.200  557  ? r_nbd_refined                  ? ? 
'X-RAY DIFFRACTION' ? 0.327  0.200  791  ? r_nbtor_refined                ? ? 
'X-RAY DIFFRACTION' ? 0.188  0.200  77   ? r_xyhbond_nbd_refined          ? ? 
'X-RAY DIFFRACTION' ? 0.187  0.200  37   ? r_symmetry_nbd_refined         ? ? 
'X-RAY DIFFRACTION' ? 0.142  0.200  17   ? r_symmetry_xyhbond_nbd_refined ? ? 
'X-RAY DIFFRACTION' ? 1.515  1.329  527  ? r_mcbond_it                    ? ? 
'X-RAY DIFFRACTION' ? 2.171  1.992  661  ? r_mcangle_it                   ? ? 
'X-RAY DIFFRACTION' ? 3.237  1.695  617  ? r_scbond_it                    ? ? 
'X-RAY DIFFRACTION' ? 4.595  2.420  896  ? r_scangle_it                   ? ? 
'X-RAY DIFFRACTION' ? 5.723  20.141 1823 ? r_lrange_it                    ? ? 
# 
loop_
_refine_ls_shell.pdbx_refine_id 
_refine_ls_shell.d_res_high 
_refine_ls_shell.d_res_low 
_refine_ls_shell.number_reflns_all 
_refine_ls_shell.number_reflns_obs 
_refine_ls_shell.number_reflns_R_free 
_refine_ls_shell.number_reflns_R_work 
_refine_ls_shell.percent_reflns_obs 
_refine_ls_shell.percent_reflns_R_free 
_refine_ls_shell.R_factor_all 
_refine_ls_shell.R_factor_obs 
_refine_ls_shell.R_factor_R_free 
_refine_ls_shell.R_factor_R_free_error 
_refine_ls_shell.R_factor_R_work 
_refine_ls_shell.redundancy_reflns_all 
_refine_ls_shell.redundancy_reflns_obs 
_refine_ls_shell.wR_factor_all 
_refine_ls_shell.wR_factor_obs 
_refine_ls_shell.wR_factor_R_free 
_refine_ls_shell.wR_factor_R_work 
_refine_ls_shell.pdbx_R_complete 
_refine_ls_shell.pdbx_total_number_of_bins_used 
_refine_ls_shell.pdbx_phase_error 
_refine_ls_shell.pdbx_fsc_work 
_refine_ls_shell.pdbx_fsc_free 
'X-RAY DIFFRACTION' 1.150 1.180 . . 183 3228 99.7077  . . . 0.349 . 0.335 . . . . . . . . . . . 
'X-RAY DIFFRACTION' 1.180 1.212 . . 170 3150 99.9398  . . . 0.348 . 0.309 . . . . . . . . . . . 
'X-RAY DIFFRACTION' 1.212 1.247 . . 147 3107 99.9079  . . . 0.261 . 0.295 . . . . . . . . . . . 
'X-RAY DIFFRACTION' 1.247 1.286 . . 156 3015 99.9685  . . . 0.280 . 0.271 . . . . . . . . . . . 
'X-RAY DIFFRACTION' 1.286 1.328 . . 175 2883 99.9673  . . . 0.251 . 0.252 . . . . . . . . . . . 
'X-RAY DIFFRACTION' 1.328 1.374 . . 151 2823 99.9664  . . . 0.205 . 0.237 . . . . . . . . . . . 
'X-RAY DIFFRACTION' 1.374 1.426 . . 138 2729 100.0000 . . . 0.202 . 0.223 . . . . . . . . . . . 
'X-RAY DIFFRACTION' 1.426 1.485 . . 129 2658 100.0000 . . . 0.245 . 0.205 . . . . . . . . . . . 
'X-RAY DIFFRACTION' 1.485 1.551 . . 122 2544 100.0000 . . . 0.222 . 0.191 . . . . . . . . . . . 
'X-RAY DIFFRACTION' 1.551 1.626 . . 115 2414 99.9605  . . . 0.185 . 0.190 . . . . . . . . . . . 
'X-RAY DIFFRACTION' 1.626 1.714 . . 112 2330 99.9591  . . . 0.208 . 0.184 . . . . . . . . . . . 
'X-RAY DIFFRACTION' 1.714 1.818 . . 122 2179 100.0000 . . . 0.209 . 0.191 . . . . . . . . . . . 
'X-RAY DIFFRACTION' 1.818 1.943 . . 123 2033 99.9536  . . . 0.201 . 0.195 . . . . . . . . . . . 
'X-RAY DIFFRACTION' 1.943 2.099 . . 78  1958 100.0000 . . . 0.245 . 0.204 . . . . . . . . . . . 
'X-RAY DIFFRACTION' 2.099 2.299 . . 103 1784 100.0000 . . . 0.232 . 0.197 . . . . . . . . . . . 
'X-RAY DIFFRACTION' 2.299 2.570 . . 80  1624 100.0000 . . . 0.240 . 0.213 . . . . . . . . . . . 
'X-RAY DIFFRACTION' 2.570 2.967 . . 64  1450 100.0000 . . . 0.241 . 0.214 . . . . . . . . . . . 
'X-RAY DIFFRACTION' 2.967 3.633 . . 67  1237 100.0000 . . . 0.191 . 0.192 . . . . . . . . . . . 
'X-RAY DIFFRACTION' 3.633 5.133 . . 46  983  99.8060  . . . 0.216 . 0.172 . . . . . . . . . . . 
'X-RAY DIFFRACTION' 5.133 39.50 . . 39  575  100.0000 . . . 0.286 . 0.279 . . . . . . . . . . . 
# 
_struct.entry_id                     7ZAT 
_struct.title                        'BRD4 in complex with FragLite20' 
_struct.pdbx_model_details           ? 
_struct.pdbx_formula_weight          ? 
_struct.pdbx_formula_weight_method   ? 
_struct.pdbx_model_type_details      ? 
_struct.pdbx_CASP_flag               N 
# 
_struct_keywords.entry_id        7ZAT 
_struct_keywords.text            'BRD4, INHIBITOR, FRAGMENT, BROMODOMAIN, FRAGLITE, TRANSCRIPTION' 
_struct_keywords.pdbx_keywords   TRANSCRIPTION 
# 
loop_
_struct_asym.id 
_struct_asym.pdbx_blank_PDB_chainid_flag 
_struct_asym.pdbx_modified 
_struct_asym.entity_id 
_struct_asym.details 
A N N 1 ? 
B N N 2 ? 
C N N 3 ? 
D N N 4 ? 
# 
_struct_ref.id                         1 
_struct_ref.db_name                    UNP 
_struct_ref.db_code                    BRD4-2_HUMAN 
_struct_ref.pdbx_db_accession          O60885-2 
_struct_ref.pdbx_db_isoform            ? 
_struct_ref.entity_id                  1 
_struct_ref.pdbx_seq_one_letter_code   
;NPPPPETSNPNKPKRQTNQLQYLLRVVLKTLWKHQFAWPFQQPVDAVKLNLPDYYKIIKTPMDMGTIKKRLENNYYWNAQ
ECIQDFNTMFTNCYIYNKPGDDIVLMAEALEKLFLQKINELPTEE
;
_struct_ref.pdbx_align_begin           44 
# 
_struct_ref_seq.align_id                      1 
_struct_ref_seq.ref_id                        1 
_struct_ref_seq.pdbx_PDB_id_code              7ZAT 
_struct_ref_seq.pdbx_strand_id                AAA 
_struct_ref_seq.seq_align_beg                 5 
_struct_ref_seq.pdbx_seq_align_beg_ins_code   ? 
_struct_ref_seq.seq_align_end                 129 
_struct_ref_seq.pdbx_seq_align_end_ins_code   ? 
_struct_ref_seq.pdbx_db_accession             O60885-2 
_struct_ref_seq.db_align_beg                  44 
_struct_ref_seq.pdbx_db_align_beg_ins_code    ? 
_struct_ref_seq.db_align_end                  168 
_struct_ref_seq.pdbx_db_align_end_ins_code    ? 
_struct_ref_seq.pdbx_auth_seq_align_beg       44 
_struct_ref_seq.pdbx_auth_seq_align_end       168 
# 
loop_
_struct_ref_seq_dif.align_id 
_struct_ref_seq_dif.pdbx_pdb_id_code 
_struct_ref_seq_dif.mon_id 
_struct_ref_seq_dif.pdbx_pdb_strand_id 
_struct_ref_seq_dif.seq_num 
_struct_ref_seq_dif.pdbx_pdb_ins_code 
_struct_ref_seq_dif.pdbx_seq_db_name 
_struct_ref_seq_dif.pdbx_seq_db_accession_code 
_struct_ref_seq_dif.db_mon_id 
_struct_ref_seq_dif.pdbx_seq_db_seq_num 
_struct_ref_seq_dif.details 
_struct_ref_seq_dif.pdbx_auth_seq_num 
_struct_ref_seq_dif.pdbx_ordinal 
1 7ZAT GLY AAA 1 ? UNP O60885-2 ? ? 'expression tag' 40 1 
1 7ZAT SER AAA 2 ? UNP O60885-2 ? ? 'expression tag' 41 2 
1 7ZAT HIS AAA 3 ? UNP O60885-2 ? ? 'expression tag' 42 3 
1 7ZAT MET AAA 4 ? UNP O60885-2 ? ? 'expression tag' 43 4 
# 
_pdbx_struct_assembly.id                   1 
_pdbx_struct_assembly.details              author_defined_assembly 
_pdbx_struct_assembly.method_details       ? 
_pdbx_struct_assembly.oligomeric_details   monomeric 
_pdbx_struct_assembly.oligomeric_count     1 
# 
_pdbx_struct_assembly_gen.assembly_id       1 
_pdbx_struct_assembly_gen.oper_expression   1 
_pdbx_struct_assembly_gen.asym_id_list      A,B,C,D 
# 
_pdbx_struct_assembly_auth_evidence.id                     1 
_pdbx_struct_assembly_auth_evidence.assembly_id            1 
_pdbx_struct_assembly_auth_evidence.experimental_support   'gel filtration' 
_pdbx_struct_assembly_auth_evidence.details                ? 
# 
_pdbx_struct_oper_list.id                   1 
_pdbx_struct_oper_list.type                 'identity operation' 
_pdbx_struct_oper_list.name                 1_555 
_pdbx_struct_oper_list.symmetry_operation   x,y,z 
_pdbx_struct_oper_list.matrix[1][1]         1.0000000000 
_pdbx_struct_oper_list.matrix[1][2]         0.0000000000 
_pdbx_struct_oper_list.matrix[1][3]         0.0000000000 
_pdbx_struct_oper_list.vector[1]            0.0000000000 
_pdbx_struct_oper_list.matrix[2][1]         0.0000000000 
_pdbx_struct_oper_list.matrix[2][2]         1.0000000000 
_pdbx_struct_oper_list.matrix[2][3]         0.0000000000 
_pdbx_struct_oper_list.vector[2]            0.0000000000 
_pdbx_struct_oper_list.matrix[3][1]         0.0000000000 
_pdbx_struct_oper_list.matrix[3][2]         0.0000000000 
_pdbx_struct_oper_list.matrix[3][3]         1.0000000000 
_pdbx_struct_oper_list.vector[3]            0.0000000000 
# 
loop_
_struct_conf.conf_type_id 
_struct_conf.id 
_struct_conf.pdbx_PDB_helix_id 
_struct_conf.beg_label_comp_id 
_struct_conf.beg_label_asym_id 
_struct_conf.beg_label_seq_id 
_struct_conf.pdbx_beg_PDB_ins_code 
_struct_conf.end_label_comp_id 
_struct_conf.end_label_asym_id 
_struct_conf.end_label_seq_id 
_struct_conf.pdbx_end_PDB_ins_code 
_struct_conf.beg_auth_comp_id 
_struct_conf.beg_auth_asym_id 
_struct_conf.beg_auth_seq_id 
_struct_conf.end_auth_comp_id 
_struct_conf.end_auth_asym_id 
_struct_conf.end_auth_seq_id 
_struct_conf.pdbx_PDB_helix_class 
_struct_conf.details 
_struct_conf.pdbx_PDB_helix_length 
HELX_P HELX_P1 AA1 THR A 21  ? VAL A 30  ? THR AAA 60  VAL AAA 69  1 ? 10 
HELX_P HELX_P2 AA2 VAL A 30  ? LYS A 37  ? VAL AAA 69  LYS AAA 76  1 ? 8  
HELX_P HELX_P3 AA3 ALA A 41  ? GLN A 45  ? ALA AAA 80  GLN AAA 84  5 ? 5  
HELX_P HELX_P4 AA4 ASP A 57  ? ILE A 62  ? ASP AAA 96  ILE AAA 101 1 ? 6  
HELX_P HELX_P5 AA5 ASP A 67  ? ASN A 77  ? ASP AAA 106 ASN AAA 116 1 ? 11 
HELX_P HELX_P6 AA6 ASN A 82  ? ASN A 101 ? ASN AAA 121 ASN AAA 140 1 ? 20 
HELX_P HELX_P7 AA7 ASP A 105 ? ASN A 123 ? ASP AAA 144 ASN AAA 162 1 ? 19 
# 
_struct_conf_type.id          HELX_P 
_struct_conf_type.criteria    ? 
_struct_conf_type.reference   ? 
# 
loop_
_pdbx_validate_close_contact.id 
_pdbx_validate_close_contact.PDB_model_num 
_pdbx_validate_close_contact.auth_atom_id_1 
_pdbx_validate_close_contact.auth_asym_id_1 
_pdbx_validate_close_contact.auth_comp_id_1 
_pdbx_validate_close_contact.auth_seq_id_1 
_pdbx_validate_close_contact.PDB_ins_code_1 
_pdbx_validate_close_contact.label_alt_id_1 
_pdbx_validate_close_contact.auth_atom_id_2 
_pdbx_validate_close_contact.auth_asym_id_2 
_pdbx_validate_close_contact.auth_comp_id_2 
_pdbx_validate_close_contact.auth_seq_id_2 
_pdbx_validate_close_contact.PDB_ins_code_2 
_pdbx_validate_close_contact.label_alt_id_2 
_pdbx_validate_close_contact.dist 
1 1 O AAA HOH 323 ? ? O AAA HOH 362 ? ? 1.74 
2 1 O AAA HOH 315 ? ? O AAA HOH 381 ? ? 2.17 
# 
loop_
_pdbx_validate_rmsd_angle.id 
_pdbx_validate_rmsd_angle.PDB_model_num 
_pdbx_validate_rmsd_angle.auth_atom_id_1 
_pdbx_validate_rmsd_angle.auth_asym_id_1 
_pdbx_validate_rmsd_angle.auth_comp_id_1 
_pdbx_validate_rmsd_angle.auth_seq_id_1 
_pdbx_validate_rmsd_angle.PDB_ins_code_1 
_pdbx_validate_rmsd_angle.label_alt_id_1 
_pdbx_validate_rmsd_angle.auth_atom_id_2 
_pdbx_validate_rmsd_angle.auth_asym_id_2 
_pdbx_validate_rmsd_angle.auth_comp_id_2 
_pdbx_validate_rmsd_angle.auth_seq_id_2 
_pdbx_validate_rmsd_angle.PDB_ins_code_2 
_pdbx_validate_rmsd_angle.label_alt_id_2 
_pdbx_validate_rmsd_angle.auth_atom_id_3 
_pdbx_validate_rmsd_angle.auth_asym_id_3 
_pdbx_validate_rmsd_angle.auth_comp_id_3 
_pdbx_validate_rmsd_angle.auth_seq_id_3 
_pdbx_validate_rmsd_angle.PDB_ins_code_3 
_pdbx_validate_rmsd_angle.label_alt_id_3 
_pdbx_validate_rmsd_angle.angle_value 
_pdbx_validate_rmsd_angle.angle_target_value 
_pdbx_validate_rmsd_angle.angle_deviation 
_pdbx_validate_rmsd_angle.angle_standard_deviation 
_pdbx_validate_rmsd_angle.linker_flag 
1 1 CB AAA LYS 57  ? ? CA AAA LYS 57  ? ? C   AAA LYS 57  ? ? 95.39  110.40 -15.01 2.00 N 
2 1 NE AAA ARG 113 ? ? CZ AAA ARG 113 ? ? NH2 AAA ARG 113 ? ? 116.29 120.30 -4.01  0.50 N 
# 
_pdbx_validate_torsion.id              1 
_pdbx_validate_torsion.PDB_model_num   1 
_pdbx_validate_torsion.auth_comp_id    ASN 
_pdbx_validate_torsion.auth_asym_id    AAA 
_pdbx_validate_torsion.auth_seq_id     52 
_pdbx_validate_torsion.PDB_ins_code    ? 
_pdbx_validate_torsion.label_alt_id    ? 
_pdbx_validate_torsion.phi             -164.88 
_pdbx_validate_torsion.psi             102.35 
# 
_pdbx_entry_details.entry_id                 7ZAT 
_pdbx_entry_details.has_ligand_of_interest   Y 
_pdbx_entry_details.compound_details         ? 
_pdbx_entry_details.source_details           ? 
_pdbx_entry_details.nonpolymer_details       ? 
_pdbx_entry_details.sequence_details         ? 
# 
loop_
_chem_comp_atom.comp_id 
_chem_comp_atom.atom_id 
_chem_comp_atom.type_symbol 
_chem_comp_atom.pdbx_aromatic_flag 
_chem_comp_atom.pdbx_stereo_config 
_chem_comp_atom.pdbx_ordinal 
ALA N    N  N N 1   
ALA CA   C  N S 2   
ALA C    C  N N 3   
ALA O    O  N N 4   
ALA CB   C  N N 5   
ALA OXT  O  N N 6   
ALA H    H  N N 7   
ALA H2   H  N N 8   
ALA HA   H  N N 9   
ALA HB1  H  N N 10  
ALA HB2  H  N N 11  
ALA HB3  H  N N 12  
ALA HXT  H  N N 13  
ARG N    N  N N 14  
ARG CA   C  N S 15  
ARG C    C  N N 16  
ARG O    O  N N 17  
ARG CB   C  N N 18  
ARG CG   C  N N 19  
ARG CD   C  N N 20  
ARG NE   N  N N 21  
ARG CZ   C  N N 22  
ARG NH1  N  N N 23  
ARG NH2  N  N N 24  
ARG OXT  O  N N 25  
ARG H    H  N N 26  
ARG H2   H  N N 27  
ARG HA   H  N N 28  
ARG HB2  H  N N 29  
ARG HB3  H  N N 30  
ARG HG2  H  N N 31  
ARG HG3  H  N N 32  
ARG HD2  H  N N 33  
ARG HD3  H  N N 34  
ARG HE   H  N N 35  
ARG HH11 H  N N 36  
ARG HH12 H  N N 37  
ARG HH21 H  N N 38  
ARG HH22 H  N N 39  
ARG HXT  H  N N 40  
ASN N    N  N N 41  
ASN CA   C  N S 42  
ASN C    C  N N 43  
ASN O    O  N N 44  
ASN CB   C  N N 45  
ASN CG   C  N N 46  
ASN OD1  O  N N 47  
ASN ND2  N  N N 48  
ASN OXT  O  N N 49  
ASN H    H  N N 50  
ASN H2   H  N N 51  
ASN HA   H  N N 52  
ASN HB2  H  N N 53  
ASN HB3  H  N N 54  
ASN HD21 H  N N 55  
ASN HD22 H  N N 56  
ASN HXT  H  N N 57  
ASP N    N  N N 58  
ASP CA   C  N S 59  
ASP C    C  N N 60  
ASP O    O  N N 61  
ASP CB   C  N N 62  
ASP CG   C  N N 63  
ASP OD1  O  N N 64  
ASP OD2  O  N N 65  
ASP OXT  O  N N 66  
ASP H    H  N N 67  
ASP H2   H  N N 68  
ASP HA   H  N N 69  
ASP HB2  H  N N 70  
ASP HB3  H  N N 71  
ASP HD2  H  N N 72  
ASP HXT  H  N N 73  
CYS N    N  N N 74  
CYS CA   C  N R 75  
CYS C    C  N N 76  
CYS O    O  N N 77  
CYS CB   C  N N 78  
CYS SG   S  N N 79  
CYS OXT  O  N N 80  
CYS H    H  N N 81  
CYS H2   H  N N 82  
CYS HA   H  N N 83  
CYS HB2  H  N N 84  
CYS HB3  H  N N 85  
CYS HG   H  N N 86  
CYS HXT  H  N N 87  
GLN N    N  N N 88  
GLN CA   C  N S 89  
GLN C    C  N N 90  
GLN O    O  N N 91  
GLN CB   C  N N 92  
GLN CG   C  N N 93  
GLN CD   C  N N 94  
GLN OE1  O  N N 95  
GLN NE2  N  N N 96  
GLN OXT  O  N N 97  
GLN H    H  N N 98  
GLN H2   H  N N 99  
GLN HA   H  N N 100 
GLN HB2  H  N N 101 
GLN HB3  H  N N 102 
GLN HG2  H  N N 103 
GLN HG3  H  N N 104 
GLN HE21 H  N N 105 
GLN HE22 H  N N 106 
GLN HXT  H  N N 107 
GLU N    N  N N 108 
GLU CA   C  N S 109 
GLU C    C  N N 110 
GLU O    O  N N 111 
GLU CB   C  N N 112 
GLU CG   C  N N 113 
GLU CD   C  N N 114 
GLU OE1  O  N N 115 
GLU OE2  O  N N 116 
GLU OXT  O  N N 117 
GLU H    H  N N 118 
GLU H2   H  N N 119 
GLU HA   H  N N 120 
GLU HB2  H  N N 121 
GLU HB3  H  N N 122 
GLU HG2  H  N N 123 
GLU HG3  H  N N 124 
GLU HE2  H  N N 125 
GLU HXT  H  N N 126 
GLY N    N  N N 127 
GLY CA   C  N N 128 
GLY C    C  N N 129 
GLY O    O  N N 130 
GLY OXT  O  N N 131 
GLY H    H  N N 132 
GLY H2   H  N N 133 
GLY HA2  H  N N 134 
GLY HA3  H  N N 135 
GLY HXT  H  N N 136 
GOL C1   C  N N 137 
GOL O1   O  N N 138 
GOL C2   C  N N 139 
GOL O2   O  N N 140 
GOL C3   C  N N 141 
GOL O3   O  N N 142 
GOL H11  H  N N 143 
GOL H12  H  N N 144 
GOL HO1  H  N N 145 
GOL H2   H  N N 146 
GOL HO2  H  N N 147 
GOL H31  H  N N 148 
GOL H32  H  N N 149 
GOL HO3  H  N N 150 
HIS N    N  N N 151 
HIS CA   C  N S 152 
HIS C    C  N N 153 
HIS O    O  N N 154 
HIS CB   C  N N 155 
HIS CG   C  Y N 156 
HIS ND1  N  Y N 157 
HIS CD2  C  Y N 158 
HIS CE1  C  Y N 159 
HIS NE2  N  Y N 160 
HIS OXT  O  N N 161 
HIS H    H  N N 162 
HIS H2   H  N N 163 
HIS HA   H  N N 164 
HIS HB2  H  N N 165 
HIS HB3  H  N N 166 
HIS HD1  H  N N 167 
HIS HD2  H  N N 168 
HIS HE1  H  N N 169 
HIS HE2  H  N N 170 
HIS HXT  H  N N 171 
HOH O    O  N N 172 
HOH H1   H  N N 173 
HOH H2   H  N N 174 
IJU C4   C  Y N 175 
IJU C5   C  Y N 176 
IJU C6   C  Y N 177 
IJU C7   C  Y N 178 
IJU N1   N  Y N 179 
IJU C3   C  Y N 180 
IJU C1   C  N N 181 
IJU O1   O  N N 182 
IJU C2   C  N N 183 
IJU BR1  BR N N 184 
IJU H1   H  N N 185 
IJU H2   H  N N 186 
IJU H3   H  N N 187 
IJU H4   H  N N 188 
IJU H5   H  N N 189 
IJU H6   H  N N 190 
IJU H7   H  N N 191 
IJU H8   H  N N 192 
ILE N    N  N N 193 
ILE CA   C  N S 194 
ILE C    C  N N 195 
ILE O    O  N N 196 
ILE CB   C  N S 197 
ILE CG1  C  N N 198 
ILE CG2  C  N N 199 
ILE CD1  C  N N 200 
ILE OXT  O  N N 201 
ILE H    H  N N 202 
ILE H2   H  N N 203 
ILE HA   H  N N 204 
ILE HB   H  N N 205 
ILE HG12 H  N N 206 
ILE HG13 H  N N 207 
ILE HG21 H  N N 208 
ILE HG22 H  N N 209 
ILE HG23 H  N N 210 
ILE HD11 H  N N 211 
ILE HD12 H  N N 212 
ILE HD13 H  N N 213 
ILE HXT  H  N N 214 
LEU N    N  N N 215 
LEU CA   C  N S 216 
LEU C    C  N N 217 
LEU O    O  N N 218 
LEU CB   C  N N 219 
LEU CG   C  N N 220 
LEU CD1  C  N N 221 
LEU CD2  C  N N 222 
LEU OXT  O  N N 223 
LEU H    H  N N 224 
LEU H2   H  N N 225 
LEU HA   H  N N 226 
LEU HB2  H  N N 227 
LEU HB3  H  N N 228 
LEU HG   H  N N 229 
LEU HD11 H  N N 230 
LEU HD12 H  N N 231 
LEU HD13 H  N N 232 
LEU HD21 H  N N 233 
LEU HD22 H  N N 234 
LEU HD23 H  N N 235 
LEU HXT  H  N N 236 
LYS N    N  N N 237 
LYS CA   C  N S 238 
LYS C    C  N N 239 
LYS O    O  N N 240 
LYS CB   C  N N 241 
LYS CG   C  N N 242 
LYS CD   C  N N 243 
LYS CE   C  N N 244 
LYS NZ   N  N N 245 
LYS OXT  O  N N 246 
LYS H    H  N N 247 
LYS H2   H  N N 248 
LYS HA   H  N N 249 
LYS HB2  H  N N 250 
LYS HB3  H  N N 251 
LYS HG2  H  N N 252 
LYS HG3  H  N N 253 
LYS HD2  H  N N 254 
LYS HD3  H  N N 255 
LYS HE2  H  N N 256 
LYS HE3  H  N N 257 
LYS HZ1  H  N N 258 
LYS HZ2  H  N N 259 
LYS HZ3  H  N N 260 
LYS HXT  H  N N 261 
MET N    N  N N 262 
MET CA   C  N S 263 
MET C    C  N N 264 
MET O    O  N N 265 
MET CB   C  N N 266 
MET CG   C  N N 267 
MET SD   S  N N 268 
MET CE   C  N N 269 
MET OXT  O  N N 270 
MET H    H  N N 271 
MET H2   H  N N 272 
MET HA   H  N N 273 
MET HB2  H  N N 274 
MET HB3  H  N N 275 
MET HG2  H  N N 276 
MET HG3  H  N N 277 
MET HE1  H  N N 278 
MET HE2  H  N N 279 
MET HE3  H  N N 280 
MET HXT  H  N N 281 
PHE N    N  N N 282 
PHE CA   C  N S 283 
PHE C    C  N N 284 
PHE O    O  N N 285 
PHE CB   C  N N 286 
PHE CG   C  Y N 287 
PHE CD1  C  Y N 288 
PHE CD2  C  Y N 289 
PHE CE1  C  Y N 290 
PHE CE2  C  Y N 291 
PHE CZ   C  Y N 292 
PHE OXT  O  N N 293 
PHE H    H  N N 294 
PHE H2   H  N N 295 
PHE HA   H  N N 296 
PHE HB2  H  N N 297 
PHE HB3  H  N N 298 
PHE HD1  H  N N 299 
PHE HD2  H  N N 300 
PHE HE1  H  N N 301 
PHE HE2  H  N N 302 
PHE HZ   H  N N 303 
PHE HXT  H  N N 304 
PRO N    N  N N 305 
PRO CA   C  N S 306 
PRO C    C  N N 307 
PRO O    O  N N 308 
PRO CB   C  N N 309 
PRO CG   C  N N 310 
PRO CD   C  N N 311 
PRO OXT  O  N N 312 
PRO H    H  N N 313 
PRO HA   H  N N 314 
PRO HB2  H  N N 315 
PRO HB3  H  N N 316 
PRO HG2  H  N N 317 
PRO HG3  H  N N 318 
PRO HD2  H  N N 319 
PRO HD3  H  N N 320 
PRO HXT  H  N N 321 
SER N    N  N N 322 
SER CA   C  N S 323 
SER C    C  N N 324 
SER O    O  N N 325 
SER CB   C  N N 326 
SER OG   O  N N 327 
SER OXT  O  N N 328 
SER H    H  N N 329 
SER H2   H  N N 330 
SER HA   H  N N 331 
SER HB2  H  N N 332 
SER HB3  H  N N 333 
SER HG   H  N N 334 
SER HXT  H  N N 335 
THR N    N  N N 336 
THR CA   C  N S 337 
THR C    C  N N 338 
THR O    O  N N 339 
THR CB   C  N R 340 
THR OG1  O  N N 341 
THR CG2  C  N N 342 
THR OXT  O  N N 343 
THR H    H  N N 344 
THR H2   H  N N 345 
THR HA   H  N N 346 
THR HB   H  N N 347 
THR HG1  H  N N 348 
THR HG21 H  N N 349 
THR HG22 H  N N 350 
THR HG23 H  N N 351 
THR HXT  H  N N 352 
TRP N    N  N N 353 
TRP CA   C  N S 354 
TRP C    C  N N 355 
TRP O    O  N N 356 
TRP CB   C  N N 357 
TRP CG   C  Y N 358 
TRP CD1  C  Y N 359 
TRP CD2  C  Y N 360 
TRP NE1  N  Y N 361 
TRP CE2  C  Y N 362 
TRP CE3  C  Y N 363 
TRP CZ2  C  Y N 364 
TRP CZ3  C  Y N 365 
TRP CH2  C  Y N 366 
TRP OXT  O  N N 367 
TRP H    H  N N 368 
TRP H2   H  N N 369 
TRP HA   H  N N 370 
TRP HB2  H  N N 371 
TRP HB3  H  N N 372 
TRP HD1  H  N N 373 
TRP HE1  H  N N 374 
TRP HE3  H  N N 375 
TRP HZ2  H  N N 376 
TRP HZ3  H  N N 377 
TRP HH2  H  N N 378 
TRP HXT  H  N N 379 
TYR N    N  N N 380 
TYR CA   C  N S 381 
TYR C    C  N N 382 
TYR O    O  N N 383 
TYR CB   C  N N 384 
TYR CG   C  Y N 385 
TYR CD1  C  Y N 386 
TYR CD2  C  Y N 387 
TYR CE1  C  Y N 388 
TYR CE2  C  Y N 389 
TYR CZ   C  Y N 390 
TYR OH   O  N N 391 
TYR OXT  O  N N 392 
TYR H    H  N N 393 
TYR H2   H  N N 394 
TYR HA   H  N N 395 
TYR HB2  H  N N 396 
TYR HB3  H  N N 397 
TYR HD1  H  N N 398 
TYR HD2  H  N N 399 
TYR HE1  H  N N 400 
TYR HE2  H  N N 401 
TYR HH   H  N N 402 
TYR HXT  H  N N 403 
VAL N    N  N N 404 
VAL CA   C  N S 405 
VAL C    C  N N 406 
VAL O    O  N N 407 
VAL CB   C  N N 408 
VAL CG1  C  N N 409 
VAL CG2  C  N N 410 
VAL OXT  O  N N 411 
VAL H    H  N N 412 
VAL H2   H  N N 413 
VAL HA   H  N N 414 
VAL HB   H  N N 415 
VAL HG11 H  N N 416 
VAL HG12 H  N N 417 
VAL HG13 H  N N 418 
VAL HG21 H  N N 419 
VAL HG22 H  N N 420 
VAL HG23 H  N N 421 
VAL HXT  H  N N 422 
# 
loop_
_chem_comp_bond.comp_id 
_chem_comp_bond.atom_id_1 
_chem_comp_bond.atom_id_2 
_chem_comp_bond.value_order 
_chem_comp_bond.pdbx_aromatic_flag 
_chem_comp_bond.pdbx_stereo_config 
_chem_comp_bond.pdbx_ordinal 
ALA N   CA   sing N N 1   
ALA N   H    sing N N 2   
ALA N   H2   sing N N 3   
ALA CA  C    sing N N 4   
ALA CA  CB   sing N N 5   
ALA CA  HA   sing N N 6   
ALA C   O    doub N N 7   
ALA C   OXT  sing N N 8   
ALA CB  HB1  sing N N 9   
ALA CB  HB2  sing N N 10  
ALA CB  HB3  sing N N 11  
ALA OXT HXT  sing N N 12  
ARG N   CA   sing N N 13  
ARG N   H    sing N N 14  
ARG N   H2   sing N N 15  
ARG CA  C    sing N N 16  
ARG CA  CB   sing N N 17  
ARG CA  HA   sing N N 18  
ARG C   O    doub N N 19  
ARG C   OXT  sing N N 20  
ARG CB  CG   sing N N 21  
ARG CB  HB2  sing N N 22  
ARG CB  HB3  sing N N 23  
ARG CG  CD   sing N N 24  
ARG CG  HG2  sing N N 25  
ARG CG  HG3  sing N N 26  
ARG CD  NE   sing N N 27  
ARG CD  HD2  sing N N 28  
ARG CD  HD3  sing N N 29  
ARG NE  CZ   sing N N 30  
ARG NE  HE   sing N N 31  
ARG CZ  NH1  sing N N 32  
ARG CZ  NH2  doub N N 33  
ARG NH1 HH11 sing N N 34  
ARG NH1 HH12 sing N N 35  
ARG NH2 HH21 sing N N 36  
ARG NH2 HH22 sing N N 37  
ARG OXT HXT  sing N N 38  
ASN N   CA   sing N N 39  
ASN N   H    sing N N 40  
ASN N   H2   sing N N 41  
ASN CA  C    sing N N 42  
ASN CA  CB   sing N N 43  
ASN CA  HA   sing N N 44  
ASN C   O    doub N N 45  
ASN C   OXT  sing N N 46  
ASN CB  CG   sing N N 47  
ASN CB  HB2  sing N N 48  
ASN CB  HB3  sing N N 49  
ASN CG  OD1  doub N N 50  
ASN CG  ND2  sing N N 51  
ASN ND2 HD21 sing N N 52  
ASN ND2 HD22 sing N N 53  
ASN OXT HXT  sing N N 54  
ASP N   CA   sing N N 55  
ASP N   H    sing N N 56  
ASP N   H2   sing N N 57  
ASP CA  C    sing N N 58  
ASP CA  CB   sing N N 59  
ASP CA  HA   sing N N 60  
ASP C   O    doub N N 61  
ASP C   OXT  sing N N 62  
ASP CB  CG   sing N N 63  
ASP CB  HB2  sing N N 64  
ASP CB  HB3  sing N N 65  
ASP CG  OD1  doub N N 66  
ASP CG  OD2  sing N N 67  
ASP OD2 HD2  sing N N 68  
ASP OXT HXT  sing N N 69  
CYS N   CA   sing N N 70  
CYS N   H    sing N N 71  
CYS N   H2   sing N N 72  
CYS CA  C    sing N N 73  
CYS CA  CB   sing N N 74  
CYS CA  HA   sing N N 75  
CYS C   O    doub N N 76  
CYS C   OXT  sing N N 77  
CYS CB  SG   sing N N 78  
CYS CB  HB2  sing N N 79  
CYS CB  HB3  sing N N 80  
CYS SG  HG   sing N N 81  
CYS OXT HXT  sing N N 82  
GLN N   CA   sing N N 83  
GLN N   H    sing N N 84  
GLN N   H2   sing N N 85  
GLN CA  C    sing N N 86  
GLN CA  CB   sing N N 87  
GLN CA  HA   sing N N 88  
GLN C   O    doub N N 89  
GLN C   OXT  sing N N 90  
GLN CB  CG   sing N N 91  
GLN CB  HB2  sing N N 92  
GLN CB  HB3  sing N N 93  
GLN CG  CD   sing N N 94  
GLN CG  HG2  sing N N 95  
GLN CG  HG3  sing N N 96  
GLN CD  OE1  doub N N 97  
GLN CD  NE2  sing N N 98  
GLN NE2 HE21 sing N N 99  
GLN NE2 HE22 sing N N 100 
GLN OXT HXT  sing N N 101 
GLU N   CA   sing N N 102 
GLU N   H    sing N N 103 
GLU N   H2   sing N N 104 
GLU CA  C    sing N N 105 
GLU CA  CB   sing N N 106 
GLU CA  HA   sing N N 107 
GLU C   O    doub N N 108 
GLU C   OXT  sing N N 109 
GLU CB  CG   sing N N 110 
GLU CB  HB2  sing N N 111 
GLU CB  HB3  sing N N 112 
GLU CG  CD   sing N N 113 
GLU CG  HG2  sing N N 114 
GLU CG  HG3  sing N N 115 
GLU CD  OE1  doub N N 116 
GLU CD  OE2  sing N N 117 
GLU OE2 HE2  sing N N 118 
GLU OXT HXT  sing N N 119 
GLY N   CA   sing N N 120 
GLY N   H    sing N N 121 
GLY N   H2   sing N N 122 
GLY CA  C    sing N N 123 
GLY CA  HA2  sing N N 124 
GLY CA  HA3  sing N N 125 
GLY C   O    doub N N 126 
GLY C   OXT  sing N N 127 
GLY OXT HXT  sing N N 128 
GOL C1  O1   sing N N 129 
GOL C1  C2   sing N N 130 
GOL C1  H11  sing N N 131 
GOL C1  H12  sing N N 132 
GOL O1  HO1  sing N N 133 
GOL C2  O2   sing N N 134 
GOL C2  C3   sing N N 135 
GOL C2  H2   sing N N 136 
GOL O2  HO2  sing N N 137 
GOL C3  O3   sing N N 138 
GOL C3  H31  sing N N 139 
GOL C3  H32  sing N N 140 
GOL O3  HO3  sing N N 141 
HIS N   CA   sing N N 142 
HIS N   H    sing N N 143 
HIS N   H2   sing N N 144 
HIS CA  C    sing N N 145 
HIS CA  CB   sing N N 146 
HIS CA  HA   sing N N 147 
HIS C   O    doub N N 148 
HIS C   OXT  sing N N 149 
HIS CB  CG   sing N N 150 
HIS CB  HB2  sing N N 151 
HIS CB  HB3  sing N N 152 
HIS CG  ND1  sing Y N 153 
HIS CG  CD2  doub Y N 154 
HIS ND1 CE1  doub Y N 155 
HIS ND1 HD1  sing N N 156 
HIS CD2 NE2  sing Y N 157 
HIS CD2 HD2  sing N N 158 
HIS CE1 NE2  sing Y N 159 
HIS CE1 HE1  sing N N 160 
HIS NE2 HE2  sing N N 161 
HIS OXT HXT  sing N N 162 
HOH O   H1   sing N N 163 
HOH O   H2   sing N N 164 
IJU BR1 C5   sing N N 165 
IJU C6  C7   doub Y N 166 
IJU C6  C5   sing Y N 167 
IJU C7  N1   sing Y N 168 
IJU C5  C4   doub Y N 169 
IJU N1  C3   doub Y N 170 
IJU C4  C3   sing Y N 171 
IJU C3  C2   sing N N 172 
IJU C2  O1   sing N N 173 
IJU O1  C1   sing N N 174 
IJU C4  H1   sing N N 175 
IJU C6  H2   sing N N 176 
IJU C7  H3   sing N N 177 
IJU C1  H4   sing N N 178 
IJU C1  H5   sing N N 179 
IJU C1  H6   sing N N 180 
IJU C2  H7   sing N N 181 
IJU C2  H8   sing N N 182 
ILE N   CA   sing N N 183 
ILE N   H    sing N N 184 
ILE N   H2   sing N N 185 
ILE CA  C    sing N N 186 
ILE CA  CB   sing N N 187 
ILE CA  HA   sing N N 188 
ILE C   O    doub N N 189 
ILE C   OXT  sing N N 190 
ILE CB  CG1  sing N N 191 
ILE CB  CG2  sing N N 192 
ILE CB  HB   sing N N 193 
ILE CG1 CD1  sing N N 194 
ILE CG1 HG12 sing N N 195 
ILE CG1 HG13 sing N N 196 
ILE CG2 HG21 sing N N 197 
ILE CG2 HG22 sing N N 198 
ILE CG2 HG23 sing N N 199 
ILE CD1 HD11 sing N N 200 
ILE CD1 HD12 sing N N 201 
ILE CD1 HD13 sing N N 202 
ILE OXT HXT  sing N N 203 
LEU N   CA   sing N N 204 
LEU N   H    sing N N 205 
LEU N   H2   sing N N 206 
LEU CA  C    sing N N 207 
LEU CA  CB   sing N N 208 
LEU CA  HA   sing N N 209 
LEU C   O    doub N N 210 
LEU C   OXT  sing N N 211 
LEU CB  CG   sing N N 212 
LEU CB  HB2  sing N N 213 
LEU CB  HB3  sing N N 214 
LEU CG  CD1  sing N N 215 
LEU CG  CD2  sing N N 216 
LEU CG  HG   sing N N 217 
LEU CD1 HD11 sing N N 218 
LEU CD1 HD12 sing N N 219 
LEU CD1 HD13 sing N N 220 
LEU CD2 HD21 sing N N 221 
LEU CD2 HD22 sing N N 222 
LEU CD2 HD23 sing N N 223 
LEU OXT HXT  sing N N 224 
LYS N   CA   sing N N 225 
LYS N   H    sing N N 226 
LYS N   H2   sing N N 227 
LYS CA  C    sing N N 228 
LYS CA  CB   sing N N 229 
LYS CA  HA   sing N N 230 
LYS C   O    doub N N 231 
LYS C   OXT  sing N N 232 
LYS CB  CG   sing N N 233 
LYS CB  HB2  sing N N 234 
LYS CB  HB3  sing N N 235 
LYS CG  CD   sing N N 236 
LYS CG  HG2  sing N N 237 
LYS CG  HG3  sing N N 238 
LYS CD  CE   sing N N 239 
LYS CD  HD2  sing N N 240 
LYS CD  HD3  sing N N 241 
LYS CE  NZ   sing N N 242 
LYS CE  HE2  sing N N 243 
LYS CE  HE3  sing N N 244 
LYS NZ  HZ1  sing N N 245 
LYS NZ  HZ2  sing N N 246 
LYS NZ  HZ3  sing N N 247 
LYS OXT HXT  sing N N 248 
MET N   CA   sing N N 249 
MET N   H    sing N N 250 
MET N   H2   sing N N 251 
MET CA  C    sing N N 252 
MET CA  CB   sing N N 253 
MET CA  HA   sing N N 254 
MET C   O    doub N N 255 
MET C   OXT  sing N N 256 
MET CB  CG   sing N N 257 
MET CB  HB2  sing N N 258 
MET CB  HB3  sing N N 259 
MET CG  SD   sing N N 260 
MET CG  HG2  sing N N 261 
MET CG  HG3  sing N N 262 
MET SD  CE   sing N N 263 
MET CE  HE1  sing N N 264 
MET CE  HE2  sing N N 265 
MET CE  HE3  sing N N 266 
MET OXT HXT  sing N N 267 
PHE N   CA   sing N N 268 
PHE N   H    sing N N 269 
PHE N   H2   sing N N 270 
PHE CA  C    sing N N 271 
PHE CA  CB   sing N N 272 
PHE CA  HA   sing N N 273 
PHE C   O    doub N N 274 
PHE C   OXT  sing N N 275 
PHE CB  CG   sing N N 276 
PHE CB  HB2  sing N N 277 
PHE CB  HB3  sing N N 278 
PHE CG  CD1  doub Y N 279 
PHE CG  CD2  sing Y N 280 
PHE CD1 CE1  sing Y N 281 
PHE CD1 HD1  sing N N 282 
PHE CD2 CE2  doub Y N 283 
PHE CD2 HD2  sing N N 284 
PHE CE1 CZ   doub Y N 285 
PHE CE1 HE1  sing N N 286 
PHE CE2 CZ   sing Y N 287 
PHE CE2 HE2  sing N N 288 
PHE CZ  HZ   sing N N 289 
PHE OXT HXT  sing N N 290 
PRO N   CA   sing N N 291 
PRO N   CD   sing N N 292 
PRO N   H    sing N N 293 
PRO CA  C    sing N N 294 
PRO CA  CB   sing N N 295 
PRO CA  HA   sing N N 296 
PRO C   O    doub N N 297 
PRO C   OXT  sing N N 298 
PRO CB  CG   sing N N 299 
PRO CB  HB2  sing N N 300 
PRO CB  HB3  sing N N 301 
PRO CG  CD   sing N N 302 
PRO CG  HG2  sing N N 303 
PRO CG  HG3  sing N N 304 
PRO CD  HD2  sing N N 305 
PRO CD  HD3  sing N N 306 
PRO OXT HXT  sing N N 307 
SER N   CA   sing N N 308 
SER N   H    sing N N 309 
SER N   H2   sing N N 310 
SER CA  C    sing N N 311 
SER CA  CB   sing N N 312 
SER CA  HA   sing N N 313 
SER C   O    doub N N 314 
SER C   OXT  sing N N 315 
SER CB  OG   sing N N 316 
SER CB  HB2  sing N N 317 
SER CB  HB3  sing N N 318 
SER OG  HG   sing N N 319 
SER OXT HXT  sing N N 320 
THR N   CA   sing N N 321 
THR N   H    sing N N 322 
THR N   H2   sing N N 323 
THR CA  C    sing N N 324 
THR CA  CB   sing N N 325 
THR CA  HA   sing N N 326 
THR C   O    doub N N 327 
THR C   OXT  sing N N 328 
THR CB  OG1  sing N N 329 
THR CB  CG2  sing N N 330 
THR CB  HB   sing N N 331 
THR OG1 HG1  sing N N 332 
THR CG2 HG21 sing N N 333 
THR CG2 HG22 sing N N 334 
THR CG2 HG23 sing N N 335 
THR OXT HXT  sing N N 336 
TRP N   CA   sing N N 337 
TRP N   H    sing N N 338 
TRP N   H2   sing N N 339 
TRP CA  C    sing N N 340 
TRP CA  CB   sing N N 341 
TRP CA  HA   sing N N 342 
TRP C   O    doub N N 343 
TRP C   OXT  sing N N 344 
TRP CB  CG   sing N N 345 
TRP CB  HB2  sing N N 346 
TRP CB  HB3  sing N N 347 
TRP CG  CD1  doub Y N 348 
TRP CG  CD2  sing Y N 349 
TRP CD1 NE1  sing Y N 350 
TRP CD1 HD1  sing N N 351 
TRP CD2 CE2  doub Y N 352 
TRP CD2 CE3  sing Y N 353 
TRP NE1 CE2  sing Y N 354 
TRP NE1 HE1  sing N N 355 
TRP CE2 CZ2  sing Y N 356 
TRP CE3 CZ3  doub Y N 357 
TRP CE3 HE3  sing N N 358 
TRP CZ2 CH2  doub Y N 359 
TRP CZ2 HZ2  sing N N 360 
TRP CZ3 CH2  sing Y N 361 
TRP CZ3 HZ3  sing N N 362 
TRP CH2 HH2  sing N N 363 
TRP OXT HXT  sing N N 364 
TYR N   CA   sing N N 365 
TYR N   H    sing N N 366 
TYR N   H2   sing N N 367 
TYR CA  C    sing N N 368 
TYR CA  CB   sing N N 369 
TYR CA  HA   sing N N 370 
TYR C   O    doub N N 371 
TYR C   OXT  sing N N 372 
TYR CB  CG   sing N N 373 
TYR CB  HB2  sing N N 374 
TYR CB  HB3  sing N N 375 
TYR CG  CD1  doub Y N 376 
TYR CG  CD2  sing Y N 377 
TYR CD1 CE1  sing Y N 378 
TYR CD1 HD1  sing N N 379 
TYR CD2 CE2  doub Y N 380 
TYR CD2 HD2  sing N N 381 
TYR CE1 CZ   doub Y N 382 
TYR CE1 HE1  sing N N 383 
TYR CE2 CZ   sing Y N 384 
TYR CE2 HE2  sing N N 385 
TYR CZ  OH   sing N N 386 
TYR OH  HH   sing N N 387 
TYR OXT HXT  sing N N 388 
VAL N   CA   sing N N 389 
VAL N   H    sing N N 390 
VAL N   H2   sing N N 391 
VAL CA  C    sing N N 392 
VAL CA  CB   sing N N 393 
VAL CA  HA   sing N N 394 
VAL C   O    doub N N 395 
VAL C   OXT  sing N N 396 
VAL CB  CG1  sing N N 397 
VAL CB  CG2  sing N N 398 
VAL CB  HB   sing N N 399 
VAL CG1 HG11 sing N N 400 
VAL CG1 HG12 sing N N 401 
VAL CG1 HG13 sing N N 402 
VAL CG2 HG21 sing N N 403 
VAL CG2 HG22 sing N N 404 
VAL CG2 HG23 sing N N 405 
VAL OXT HXT  sing N N 406 
# 
loop_
_pdbx_audit_support.funding_organization 
_pdbx_audit_support.country 
_pdbx_audit_support.grant_number 
_pdbx_audit_support.ordinal 
'Cancer Research UK' 'United Kingdom' C57659/A27310 1 
'Cancer Research UK' 'United Kingdom' C1362/A20263  2 
'Cancer Research UK' 'United Kingdom' C2215/A21421  3 
# 
_pdbx_entity_instance_feature.ordinal        1 
_pdbx_entity_instance_feature.comp_id        IJU 
_pdbx_entity_instance_feature.asym_id        ? 
_pdbx_entity_instance_feature.seq_num        ? 
_pdbx_entity_instance_feature.auth_comp_id   IJU 
_pdbx_entity_instance_feature.auth_asym_id   ? 
_pdbx_entity_instance_feature.auth_seq_num   ? 
_pdbx_entity_instance_feature.feature_type   'SUBJECT OF INVESTIGATION' 
_pdbx_entity_instance_feature.details        ? 
# 
_pdbx_initial_refinement_model.id               1 
_pdbx_initial_refinement_model.entity_id_list   ? 
_pdbx_initial_refinement_model.type             'experimental model' 
_pdbx_initial_refinement_model.source_name      PDB 
_pdbx_initial_refinement_model.accession_code   5LRQ 
_pdbx_initial_refinement_model.details          ? 
# 
_atom_sites.entry_id                    7ZAT 
_atom_sites.Cartn_transf_matrix[1][1]   ? 
_atom_sites.Cartn_transf_matrix[1][2]   ? 
_atom_sites.Cartn_transf_matrix[1][3]   ? 
_atom_sites.Cartn_transf_matrix[2][1]   ? 
_atom_sites.Cartn_transf_matrix[2][2]   ? 
_atom_sites.Cartn_transf_matrix[2][3]   ? 
_atom_sites.Cartn_transf_matrix[3][1]   ? 
_atom_sites.Cartn_transf_matrix[3][2]   ? 
_atom_sites.Cartn_transf_matrix[3][3]   ? 
_atom_sites.Cartn_transf_vector[1]      ? 
_atom_sites.Cartn_transf_vector[2]      ? 
_atom_sites.Cartn_transf_vector[3]      ? 
_atom_sites.fract_transf_matrix[1][1]   -0.02538431 
_atom_sites.fract_transf_matrix[1][2]   -0.00648894 
_atom_sites.fract_transf_matrix[1][3]   -0.00235290 
_atom_sites.fract_transf_matrix[2][1]   -0.00066759 
_atom_sites.fract_transf_matrix[2][2]   0.01014521 
_atom_sites.fract_transf_matrix[2][3]   -0.02077672 
_atom_sites.fract_transf_matrix[3][1]   0.00330088 
_atom_sites.fract_transf_matrix[3][2]   -0.01093776 
_atom_sites.fract_transf_matrix[3][3]   -0.00544694 
_atom_sites.fract_transf_vector[1]      -0.313808 
_atom_sites.fract_transf_vector[2]      0.071153 
_atom_sites.fract_transf_vector[3]      -0.117926 
_atom_sites.solution_primary            ? 
_atom_sites.solution_secondary          ? 
_atom_sites.solution_hydrogens          ? 
_atom_sites.special_details             ? 
# 
loop_
_atom_type.symbol 
_atom_type.pdbx_scat_Z 
_atom_type.pdbx_N_electrons 
_atom_type.scat_Cromer_Mann_a1 
_atom_type.scat_Cromer_Mann_b1 
_atom_type.scat_Cromer_Mann_a2 
_atom_type.scat_Cromer_Mann_b2 
_atom_type.scat_Cromer_Mann_a3 
_atom_type.scat_Cromer_Mann_b3 
_atom_type.scat_Cromer_Mann_a4 
_atom_type.scat_Cromer_Mann_b4 
_atom_type.scat_Cromer_Mann_c 
BR 35 35 17.182 2.172  5.237 16.580 5.639 0.261  3.986 41.433 0.001   
C  6  6  2.310  20.844 1.020 10.208 1.589 0.569  0.865 51.651 0.216   
N  7  7  12.222 0.006  3.135 9.893  2.014 28.997 1.167 0.583  -11.538 
O  8  8  3.049  13.277 2.287 5.701  1.546 0.324  0.867 32.909 0.251   
S  16 16 6.905  1.468  5.203 22.215 1.438 0.254  1.586 56.172 1.042   
# 
loop_
_atom_site.group_PDB 
_atom_site.id 
_atom_site.type_symbol 
_atom_site.label_atom_id 
_atom_site.label_alt_id 
_atom_site.label_comp_id 
_atom_site.label_asym_id 
_atom_site.label_entity_id 
_atom_site.label_seq_id 
_atom_site.pdbx_PDB_ins_code 
_atom_site.Cartn_x 
_atom_site.Cartn_y 
_atom_site.Cartn_z 
_atom_site.occupancy 
_atom_site.B_iso_or_equiv 
_atom_site.pdbx_formal_charge 
_atom_site.auth_seq_id 
_atom_site.auth_comp_id 
_atom_site.auth_asym_id 
_atom_site.auth_atom_id 
_atom_site.pdbx_PDB_model_num 
_atom_site.calc_flag 
ATOM   1    N  N   . GLY A 1 1   ? -4.154  -4.647  18.330  1.000 31.073 ? 40  GLY AAA N   1 ? 
ATOM   2    C  CA  . GLY A 1 1   ? -3.886  -6.093  18.309  1.000 21.182 ? 40  GLY AAA CA  1 ? 
ATOM   3    C  C   . GLY A 1 1   ? -2.730  -6.422  19.252  1.000 19.443 ? 40  GLY AAA C   1 ? 
ATOM   4    O  O   . GLY A 1 1   ? -2.621  -5.808  20.307  1.000 20.602 ? 40  GLY AAA O   1 ? 
ATOM   5    N  N   . SER A 1 2   ? -1.845  -7.319  18.816  1.000 17.184 ? 41  SER AAA N   1 ? 
ATOM   6    C  CA  . SER A 1 2   ? -0.718  -7.784  19.620  1.000 15.006 ? 41  SER AAA CA  1 ? 
ATOM   7    C  C   . SER A 1 2   ? 0.310   -6.689  19.855  1.000 13.788 ? 41  SER AAA C   1 ? 
ATOM   8    O  O   . SER A 1 2   ? 0.741   -6.042  18.879  1.000 13.820 ? 41  SER AAA O   1 ? 
ATOM   9    C  CB  . SER A 1 2   ? -0.051  -8.947  18.949  1.000 15.359 ? 41  SER AAA CB  1 ? 
ATOM   10   O  OG  . SER A 1 2   ? 1.116   -9.277  19.709  1.000 15.504 ? 41  SER AAA OG  1 ? 
ATOM   11   N  N   . HIS A 1 3   ? 0.849   -6.584  21.075  1.000 12.968 ? 42  HIS AAA N   1 ? 
ATOM   12   C  CA  . HIS A 1 3   ? 1.970   -5.739  21.383  1.000 13.842 ? 42  HIS AAA CA  1 ? 
ATOM   13   C  C   . HIS A 1 3   ? 3.235   -6.095  20.605  1.000 13.952 ? 42  HIS AAA C   1 ? 
ATOM   14   O  O   . HIS A 1 3   ? 4.161   -5.286  20.530  1.000 17.070 ? 42  HIS AAA O   1 ? 
ATOM   15   C  CB  . HIS A 1 3   ? 2.231   -5.700  22.907  1.000 17.126 ? 42  HIS AAA CB  1 ? 
ATOM   16   C  CG  . HIS A 1 3   ? 2.989   -6.890  23.387  1.000 18.216 ? 42  HIS AAA CG  1 ? 
ATOM   17   N  ND1 . HIS A 1 3   ? 2.434   -8.139  23.412  1.000 18.156 ? 42  HIS AAA ND1 1 ? 
ATOM   18   C  CD2 . HIS A 1 3   ? 4.233   -7.020  23.895  1.000 20.895 ? 42  HIS AAA CD2 1 ? 
ATOM   19   C  CE1 . HIS A 1 3   ? 3.314   -9.020  23.895  1.000 21.419 ? 42  HIS AAA CE1 1 ? 
ATOM   20   N  NE2 . HIS A 1 3   ? 4.411   -8.347  24.168  1.000 20.152 ? 42  HIS AAA NE2 1 ? 
ATOM   21   N  N   . MET A 1 4   ? 3.275   -7.294  20.009  1.000 12.023 ? 43  MET AAA N   1 ? 
ATOM   22   C  CA  . MET A 1 4   ? 4.450   -7.684  19.251  1.000 12.628 ? 43  MET AAA CA  1 ? 
ATOM   23   C  C   . MET A 1 4   ? 4.399   -7.264  17.789  1.000 13.150 ? 43  MET AAA C   1 ? 
ATOM   24   O  O   . MET A 1 4   ? 5.403   -7.449  17.102  1.000 16.255 ? 43  MET AAA O   1 ? 
ATOM   25   C  CB  . MET A 1 4   ? 4.663   -9.190  19.329  1.000 15.788 ? 43  MET AAA CB  1 ? 
ATOM   26   C  CG  . MET A 1 4   ? 4.926   -9.614  20.779  1.000 15.425 ? 43  MET AAA CG  1 ? 
ATOM   27   S  SD  . MET A 1 4   ? 5.492   -11.310 20.971  1.000 20.614 ? 43  MET AAA SD  1 ? 
ATOM   28   C  CE  . MET A 1 4   ? 4.796   -12.188 19.587  1.000 24.096 ? 43  MET AAA CE  1 ? 
ATOM   29   N  N   . ASN A 1 5   ? 3.284   -6.709  17.316  1.000 11.101 ? 44  ASN AAA N   1 ? 
ATOM   30   C  CA  . ASN A 1 5   ? 3.230   -6.042  16.026  1.000 12.471 ? 44  ASN AAA CA  1 ? 
ATOM   31   C  C   . ASN A 1 5   ? 3.402   -4.552  16.244  1.000 13.525 ? 44  ASN AAA C   1 ? 
ATOM   32   O  O   . ASN A 1 5   ? 2.919   -4.013  17.248  1.000 13.570 ? 44  ASN AAA O   1 ? 
ATOM   33   C  CB  . ASN A 1 5   ? 1.907   -6.306  15.319  1.000 12.483 ? 44  ASN AAA CB  1 ? 
ATOM   34   C  CG  . ASN A 1 5   ? 1.792   -7.712  14.783  1.000 12.791 ? 44  ASN AAA CG  1 ? 
ATOM   35   O  OD1 . ASN A 1 5   ? 2.758   -8.273  14.261  1.000 13.966 ? 44  ASN AAA OD1 1 ? 
ATOM   36   N  ND2 . ASN A 1 5   ? 0.629   -8.296  14.973  1.000 13.194 ? 44  ASN AAA ND2 1 ? 
ATOM   37   N  N   . PRO A 1 6   ? 4.061   -3.813  15.340  1.000 12.637 ? 45  PRO AAA N   1 ? 
ATOM   38   C  CA  . PRO A 1 6   ? 4.184   -2.359  15.490  1.000 12.330 ? 45  PRO AAA CA  1 ? 
ATOM   39   C  C   . PRO A 1 6   ? 2.835   -1.704  15.275  1.000 12.597 ? 45  PRO AAA C   1 ? 
ATOM   40   O  O   . PRO A 1 6   ? 1.939   -2.259  14.624  1.000 13.473 ? 45  PRO AAA O   1 ? 
ATOM   41   C  CB  . PRO A 1 6   ? 5.151   -1.986  14.351  1.000 14.378 ? 45  PRO AAA CB  1 ? 
ATOM   42   C  CG  . PRO A 1 6   ? 4.862   -2.999  13.296  1.000 14.463 ? 45  PRO AAA CG  1 ? 
ATOM   43   C  CD  . PRO A 1 6   ? 4.645   -4.290  14.060  1.000 13.898 ? 45  PRO AAA CD  1 ? 
ATOM   44   N  N   . PRO A 1 7   ? 2.674   -0.435  15.728  1.000 13.773 ? 46  PRO AAA N   1 ? 
ATOM   45   C  CA  . PRO A 1 7   ? 1.496   0.334   15.354  1.000 13.585 ? 46  PRO AAA CA  1 ? 
ATOM   46   C  C   . PRO A 1 7   ? 1.528   0.488   13.835  1.000 14.292 ? 46  PRO AAA C   1 ? 
ATOM   47   O  O   . PRO A 1 7   ? 2.603   0.491   13.222  1.000 14.137 ? 46  PRO AAA O   1 ? 
ATOM   48   C  CB  . PRO A 1 7   ? 1.720   1.711   15.997  1.000 16.135 ? 46  PRO AAA CB  1 ? 
ATOM   49   C  CG  . PRO A 1 7   ? 3.180   1.755   16.165  1.000 17.000 ? 46  PRO AAA CG  1 ? 
ATOM   50   C  CD  . PRO A 1 7   ? 3.649   0.341   16.493  1.000 15.895 ? 46  PRO AAA CD  1 ? 
ATOM   51   N  N   . PRO A 1 8   ? 0.340   0.572   13.214  1.000 16.368 ? 47  PRO AAA N   1 ? 
ATOM   52   C  CA  . PRO A 1 8   ? 0.311   0.735   11.763  1.000 15.179 ? 47  PRO AAA CA  1 ? 
ATOM   53   C  C   . PRO A 1 8   ? 0.875   2.084   11.343  1.000 14.528 ? 47  PRO AAA C   1 ? 
ATOM   54   O  O   . PRO A 1 8   ? 1.041   2.988   12.187  1.000 15.950 ? 47  PRO AAA O   1 ? 
ATOM   55   C  CB  . PRO A 1 8   ? -1.191  0.744   11.482  1.000 18.523 ? 47  PRO AAA CB  1 ? 
ATOM   56   C  CG  . PRO A 1 8   ? -1.800  1.282   12.775  1.000 21.018 ? 47  PRO AAA CG  1 ? 
ATOM   57   C  CD  . PRO A 1 8   ? -1.002  0.533   13.822  1.000 17.788 ? 47  PRO AAA CD  1 ? 
ATOM   58   N  N   . PRO A 1 9   ? 1.137   2.337   10.059  1.000 13.032 ? 48  PRO AAA N   1 ? 
ATOM   59   C  CA  . PRO A 1 9   ? 1.485   3.684   9.615   1.000 13.548 ? 48  PRO AAA CA  1 ? 
ATOM   60   C  C   . PRO A 1 9   ? 0.338   4.645   9.964   1.000 13.434 ? 48  PRO AAA C   1 ? 
ATOM   61   O  O   . PRO A 1 9   ? -0.793  4.295   9.954   1.000 14.382 ? 48  PRO AAA O   1 ? 
ATOM   62   C  CB  . PRO A 1 9   ? 1.769   3.476   8.102   1.000 12.902 ? 48  PRO AAA CB  1 ? 
ATOM   63   C  CG  . PRO A 1 9   ? 1.973   1.982   7.953   1.000 13.857 ? 48  PRO AAA CG  1 ? 
ATOM   64   C  CD  . PRO A 1 9   ? 1.062   1.336   8.961   1.000 13.054 ? 48  PRO AAA CD  1 ? 
ATOM   65   N  N   . GLU A 1 10  ? 0.770   5.889   10.209  1.000 17.218 ? 49  GLU AAA N   1 ? 
ATOM   66   C  CA  . GLU A 1 10  ? -0.083  7.035   10.459  1.000 19.277 ? 49  GLU AAA CA  1 ? 
ATOM   67   C  C   . GLU A 1 10  ? -1.168  7.172   9.369   1.000 16.076 ? 49  GLU AAA C   1 ? 
ATOM   68   O  O   . GLU A 1 10  ? -0.808  7.147   8.183   1.000 16.160 ? 49  GLU AAA O   1 ? 
ATOM   69   C  CB  . GLU A 1 10  ? 0.846   8.258   10.415  1.000 18.588 ? 49  GLU AAA CB  1 ? 
ATOM   70   C  CG  . GLU A 1 10  ? 0.172   9.479   10.912  1.000 20.893 ? 49  GLU AAA CG  1 ? 
ATOM   71   C  CD  . GLU A 1 10  ? 1.138   10.590  11.074  1.000 23.044 ? 49  GLU AAA CD  1 ? 
ATOM   72   O  OE1 . GLU A 1 10  ? 1.476   10.913  12.240  1.000 28.463 ? 49  GLU AAA OE1 1 ? 
ATOM   73   O  OE2 . GLU A 1 10  ? 1.489   11.168  10.068  1.000 21.066 ? 49  GLU AAA OE2 1 ? 
ATOM   74   N  N   . THR A 1 11  ? -2.439  7.359   9.695   1.000 16.060 ? 50  THR AAA N   1 ? 
ATOM   75   C  CA  . THR A 1 11  ? -3.439  7.692   8.681   1.000 16.585 ? 50  THR AAA CA  1 ? 
ATOM   76   C  C   . THR A 1 11  ? -4.183  9.006   8.961   1.000 14.219 ? 50  THR AAA C   1 ? 
ATOM   77   O  O   . THR A 1 11  ? -4.986  9.439   8.136   1.000 16.616 ? 50  THR AAA O   1 ? 
ATOM   78   C  CB  . THR A 1 11  ? -4.455  6.568   8.557   1.000 17.254 ? 50  THR AAA CB  1 ? 
ATOM   79   O  OG1 . THR A 1 11  ? -4.703  6.249   9.930   1.000 20.625 ? 50  THR AAA OG1 1 ? 
ATOM   80   C  CG2 . THR A 1 11  ? -3.822  5.327   7.967   1.000 19.476 ? 50  THR AAA CG2 1 ? 
ATOM   81   N  N   A SER A 1 12  ? -3.835  9.579   10.117  0.500 15.101 ? 51  SER AAA N   1 ? 
ATOM   82   N  N   B SER A 1 12  ? -3.967  9.586   10.132  0.500 15.998 ? 51  SER AAA N   1 ? 
ATOM   83   C  CA  A SER A 1 12  ? -4.447  10.753  10.730  0.500 15.394 ? 51  SER AAA CA  1 ? 
ATOM   84   C  CA  B SER A 1 12  ? -4.570  10.864  10.503  0.500 16.025 ? 51  SER AAA CA  1 ? 
ATOM   85   C  C   A SER A 1 12  ? -3.322  11.584  11.332  0.500 15.323 ? 51  SER AAA C   1 ? 
ATOM   86   C  C   B SER A 1 12  ? -3.522  11.608  11.326  0.500 16.186 ? 51  SER AAA C   1 ? 
ATOM   87   O  O   A SER A 1 12  ? -2.520  11.097  12.123  0.500 17.090 ? 51  SER AAA O   1 ? 
ATOM   88   O  O   B SER A 1 12  ? -2.981  11.073  12.284  0.500 18.363 ? 51  SER AAA O   1 ? 
ATOM   89   C  CB  A SER A 1 12  ? -5.428  10.332  11.808  0.500 16.749 ? 51  SER AAA CB  1 ? 
ATOM   90   C  CB  B SER A 1 12  ? -5.846  10.646  11.310  0.500 17.737 ? 51  SER AAA CB  1 ? 
ATOM   91   O  OG  A SER A 1 12  ? -5.967  11.491  12.422  0.500 16.820 ? 51  SER AAA OG  1 ? 
ATOM   92   O  OG  B SER A 1 12  ? -7.020  10.589  10.521  0.500 24.120 ? 51  SER AAA OG  1 ? 
ATOM   93   N  N   . ASN A 1 13  ? -3.265  12.866  10.972  1.000 14.106 ? 52  ASN AAA N   1 ? 
ATOM   94   C  CA  . ASN A 1 13  ? -2.367  13.765  11.694  1.000 14.039 ? 52  ASN AAA CA  1 ? 
ATOM   95   C  C   . ASN A 1 13  ? -2.745  15.202  11.370  1.000 12.426 ? 52  ASN AAA C   1 ? 
ATOM   96   O  O   . ASN A 1 13  ? -2.416  15.683  10.291  1.000 12.085 ? 52  ASN AAA O   1 ? 
ATOM   97   C  CB  . ASN A 1 13  ? -0.896  13.604  11.322  1.000 17.456 ? 52  ASN AAA CB  1 ? 
ATOM   98   C  CG  . ASN A 1 13  ? -0.016  14.434  12.233  1.000 17.748 ? 52  ASN AAA CG  1 ? 
ATOM   99   O  OD1 . ASN A 1 13  ? -0.453  15.409  12.856  1.000 19.872 ? 52  ASN AAA OD1 1 ? 
ATOM   100  N  ND2 . ASN A 1 13  ? 1.246   14.035  12.324  1.000 26.589 ? 52  ASN AAA ND2 1 ? 
ATOM   101  N  N   . PRO A 1 14  ? -3.440  15.942  12.229  1.000 12.286 ? 53  PRO AAA N   1 ? 
ATOM   102  C  CA  . PRO A 1 14  ? -3.779  17.328  11.895  1.000 13.296 ? 53  PRO AAA CA  1 ? 
ATOM   103  C  C   . PRO A 1 14  ? -2.605  18.250  11.596  1.000 14.040 ? 53  PRO AAA C   1 ? 
ATOM   104  O  O   . PRO A 1 14  ? -2.828  19.275  10.949  1.000 17.723 ? 53  PRO AAA O   1 ? 
ATOM   105  C  CB  . PRO A 1 14  ? -4.531  17.828  13.143  1.000 13.380 ? 53  PRO AAA CB  1 ? 
ATOM   106  C  CG  . PRO A 1 14  ? -5.143  16.545  13.676  1.000 15.079 ? 53  PRO AAA CG  1 ? 
ATOM   107  C  CD  . PRO A 1 14  ? -4.063  15.499  13.500  1.000 13.530 ? 53  PRO AAA CD  1 ? 
ATOM   108  N  N   . ASN A 1 15  ? -1.386  17.885  11.976  1.000 14.430 ? 54  ASN AAA N   1 ? 
ATOM   109  C  CA  . ASN A 1 15  ? -0.301  18.817  11.708  1.000 17.024 ? 54  ASN AAA CA  1 ? 
ATOM   110  C  C   . ASN A 1 15  ? 0.236   18.670  10.295  1.000 18.353 ? 54  ASN AAA C   1 ? 
ATOM   111  O  O   . ASN A 1 15  ? 1.016   19.522  9.863   1.000 18.580 ? 54  ASN AAA O   1 ? 
ATOM   112  C  CB  . ASN A 1 15  ? 0.828   18.632  12.702  1.000 18.215 ? 54  ASN AAA CB  1 ? 
ATOM   113  C  CG  . ASN A 1 15  ? 0.403   19.066  14.097  1.000 16.863 ? 54  ASN AAA CG  1 ? 
ATOM   114  O  OD1 . ASN A 1 15  ? -0.252  20.092  14.290  1.000 19.466 ? 54  ASN AAA OD1 1 ? 
ATOM   115  N  ND2 . ASN A 1 15  ? 0.748   18.258  15.087  1.000 21.416 ? 54  ASN AAA ND2 1 ? 
ATOM   116  N  N   . LYS A 1 16  ? -0.087  17.562  9.623   1.000 15.083 ? 55  LYS AAA N   1 ? 
ATOM   117  C  CA  . LYS A 1 16  ? 0.427   17.375  8.275   1.000 16.100 ? 55  LYS AAA CA  1 ? 
ATOM   118  C  C   . LYS A 1 16  ? -0.462  18.052  7.242   1.000 16.554 ? 55  LYS AAA C   1 ? 
ATOM   119  O  O   . LYS A 1 16  ? -1.671  17.890  7.195   1.000 14.862 ? 55  LYS AAA O   1 ? 
ATOM   120  C  CB  . LYS A 1 16  ? 0.411   15.900  7.978   1.000 12.855 ? 55  LYS AAA CB  1 ? 
ATOM   121  C  CG  . LYS A 1 16  ? 0.959   15.569  6.581   1.000 15.095 ? 55  LYS AAA CG  1 ? 
ATOM   122  C  CD  . LYS A 1 16  ? 0.847   14.074  6.202   1.000 13.603 ? 55  LYS AAA CD  1 ? 
ATOM   123  C  CE  . LYS A 1 16  ? 1.492   13.674  4.877   1.000 13.584 ? 55  LYS AAA CE  1 ? 
ATOM   124  N  NZ  . LYS A 1 16  ? 0.917   14.368  3.715   1.000 12.271 ? 55  LYS AAA NZ  1 ? 
ATOM   125  N  N   . PRO A 1 17  ? 0.130   18.884  6.343   1.000 18.946 ? 56  PRO AAA N   1 ? 
ATOM   126  C  CA  . PRO A 1 17  ? -0.592  19.372  5.186   1.000 19.072 ? 56  PRO AAA CA  1 ? 
ATOM   127  C  C   . PRO A 1 17  ? -1.084  18.293  4.220   1.000 13.632 ? 56  PRO AAA C   1 ? 
ATOM   128  O  O   . PRO A 1 17  ? -0.445  17.281  3.948   1.000 18.487 ? 56  PRO AAA O   1 ? 
ATOM   129  C  CB  . PRO A 1 17  ? 0.412   20.328  4.532   1.000 20.958 ? 56  PRO AAA CB  1 ? 
ATOM   130  C  CG  . PRO A 1 17  ? 1.181   20.831  5.683   1.000 25.869 ? 56  PRO AAA CG  1 ? 
ATOM   131  C  CD  . PRO A 1 17  ? 1.418   19.575  6.498   1.000 20.052 ? 56  PRO AAA CD  1 ? 
ATOM   132  N  N   . LYS A 1 18  ? -2.253  18.672  3.745   1.000 17.283 ? 57  LYS AAA N   1 ? 
ATOM   133  C  CA  . LYS A 1 18  ? -3.209  17.826  3.036   1.000 17.402 ? 57  LYS AAA CA  1 ? 
ATOM   134  C  C   . LYS A 1 18  ? -3.839  18.629  1.915   1.000 15.631 ? 57  LYS AAA C   1 ? 
ATOM   135  O  O   . LYS A 1 18  ? -4.161  19.795  2.122   1.000 15.191 ? 57  LYS AAA O   1 ? 
ATOM   136  C  CB  . LYS A 1 18  ? -4.534  17.632  3.840   1.000 21.086 ? 57  LYS AAA CB  1 ? 
ATOM   137  C  CG  . LYS A 1 18  ? -4.456  17.348  5.324   1.000 17.055 ? 57  LYS AAA CG  1 ? 
ATOM   138  C  CD  . LYS A 1 18  ? -3.639  16.086  5.450   1.000 20.336 ? 57  LYS AAA CD  1 ? 
ATOM   139  C  CE  . LYS A 1 18  ? -3.936  15.335  6.705   1.000 19.726 ? 57  LYS AAA CE  1 ? 
ATOM   140  N  NZ  . LYS A 1 18  ? -3.739  16.239  7.849   1.000 13.959 ? 57  LYS AAA NZ  1 ? 
ATOM   141  N  N   . ARG A 1 19  ? -4.103  17.985  0.790   1.000 14.150 ? 58  ARG AAA N   1 ? 
ATOM   142  C  CA  . ARG A 1 19  ? -4.881  18.616  -0.264  1.000 15.130 ? 58  ARG AAA CA  1 ? 
ATOM   143  C  C   . ARG A 1 19  ? -5.608  17.527  -1.005  1.000 15.740 ? 58  ARG AAA C   1 ? 
ATOM   144  O  O   . ARG A 1 19  ? -5.096  16.415  -1.058  1.000 20.090 ? 58  ARG AAA O   1 ? 
ATOM   145  C  CB  . ARG A 1 19  ? -3.889  19.039  -1.365  1.000 21.609 ? 58  ARG AAA CB  1 ? 
ATOM   146  C  CG  . ARG A 1 19  ? -3.135  20.325  -1.205  1.000 25.551 ? 58  ARG AAA CG  1 ? 
ATOM   147  C  CD  . ARG A 1 19  ? -2.566  20.519  -2.596  1.000 16.108 ? 58  ARG AAA CD  1 ? 
ATOM   148  N  NE  . ARG A 1 19  ? -1.612  19.596  -3.156  1.000 14.276 ? 58  ARG AAA NE  1 ? 
ATOM   149  C  CZ  . ARG A 1 19  ? -0.884  19.834  -4.195  1.000 13.399 ? 58  ARG AAA CZ  1 ? 
ATOM   150  N  NH1 . ARG A 1 19  ? -0.926  21.012  -4.821  1.000 19.230 ? 58  ARG AAA NH1 1 ? 
ATOM   151  N  NH2 . ARG A 1 19  ? -0.156  18.842  -4.678  1.000 17.001 ? 58  ARG AAA NH2 1 ? 
ATOM   152  N  N   . GLN A 1 20  ? -6.717  17.890  -1.629  1.000 16.002 ? 59  GLN AAA N   1 ? 
ATOM   153  C  CA  . GLN A 1 20  ? -7.288  17.095  -2.699  1.000 19.120 ? 59  GLN AAA CA  1 ? 
ATOM   154  C  C   . GLN A 1 20  ? -6.638  17.520  -4.015  1.000 19.208 ? 59  GLN AAA C   1 ? 
ATOM   155  O  O   . GLN A 1 20  ? -6.375  18.721  -4.238  1.000 21.034 ? 59  GLN AAA O   1 ? 
ATOM   156  C  CB  . GLN A 1 20  ? -8.794  17.309  -2.719  1.000 22.391 ? 59  GLN AAA CB  1 ? 
ATOM   157  C  CG  . GLN A 1 20  ? -9.430  16.530  -1.580  1.000 26.656 ? 59  GLN AAA CG  1 ? 
ATOM   158  C  CD  . GLN A 1 20  ? -10.935 16.474  -1.486  1.000 38.154 ? 59  GLN AAA CD  1 ? 
ATOM   159  O  OE1 . GLN A 1 20  ? -11.636 16.192  -2.462  1.000 46.404 ? 59  GLN AAA OE1 1 ? 
ATOM   160  N  NE2 . GLN A 1 20  ? -11.433 16.643  -0.271  1.000 43.092 ? 59  GLN AAA NE2 1 ? 
ATOM   161  N  N   . THR A 1 21  ? -6.227  16.549  -4.848  1.000 16.638 ? 60  THR AAA N   1 ? 
ATOM   162  C  CA  . THR A 1 21  ? -5.875  16.858  -6.228  1.000 14.656 ? 60  THR AAA CA  1 ? 
ATOM   163  C  C   . THR A 1 21  ? -6.615  15.868  -7.134  1.000 13.898 ? 60  THR AAA C   1 ? 
ATOM   164  O  O   . THR A 1 21  ? -7.040  14.779  -6.723  1.000 13.459 ? 60  THR AAA O   1 ? 
ATOM   165  C  CB  . THR A 1 21  ? -4.364  16.819  -6.487  1.000 15.992 ? 60  THR AAA CB  1 ? 
ATOM   166  O  OG1 . THR A 1 21  ? -3.932  15.445  -6.600  1.000 14.964 ? 60  THR AAA OG1 1 ? 
ATOM   167  C  CG2 . THR A 1 21  ? -3.515  17.580  -5.475  1.000 16.825 ? 60  THR AAA CG2 1 ? 
ATOM   168  N  N   . ASN A 1 22  ? -6.739  16.247  -8.408  1.000 13.001 ? 61  ASN AAA N   1 ? 
ATOM   169  C  CA  . ASN A 1 22  ? -7.341  15.335  -9.368  1.000 12.958 ? 61  ASN AAA CA  1 ? 
ATOM   170  C  C   . ASN A 1 22  ? -6.542  14.021  -9.488  1.000 11.822 ? 61  ASN AAA C   1 ? 
ATOM   171  O  O   . ASN A 1 22  ? -7.127  12.962  -9.737  1.000 11.870 ? 61  ASN AAA O   1 ? 
ATOM   172  C  CB  . ASN A 1 22  ? -7.525  15.943  -10.769 1.000 13.710 ? 61  ASN AAA CB  1 ? 
ATOM   173  C  CG  . ASN A 1 22  ? -6.223  16.307  -11.463 1.000 14.120 ? 61  ASN AAA CG  1 ? 
ATOM   174  O  OD1 . ASN A 1 22  ? -5.336  16.940  -10.905 1.000 16.743 ? 61  ASN AAA OD1 1 ? 
ATOM   175  N  ND2 . ASN A 1 22  ? -6.127  15.855  -12.702 1.000 16.296 ? 61  ASN AAA ND2 1 ? 
ATOM   176  N  N   . GLN A 1 23  ? -5.217  14.103  -9.302  1.000 11.222 ? 62  GLN AAA N   1 ? 
ATOM   177  C  CA  . GLN A 1 23  ? -4.417  12.872  -9.335  1.000 11.047 ? 62  GLN AAA CA  1 ? 
ATOM   178  C  C   . GLN A 1 23  ? -4.722  11.978  -8.133  1.000 10.590 ? 62  GLN AAA C   1 ? 
ATOM   179  O  O   . GLN A 1 23  ? -4.796  10.788  -8.302  1.000 10.653 ? 62  GLN AAA O   1 ? 
ATOM   180  C  CB  . GLN A 1 23  ? -2.945  13.229  -9.366  1.000 11.194 ? 62  GLN AAA CB  1 ? 
ATOM   181  C  CG  . GLN A 1 23  ? -2.564  14.036  -10.624 1.000 13.736 ? 62  GLN AAA CG  1 ? 
ATOM   182  C  CD  . GLN A 1 23  ? -1.070  14.164  -10.702 1.000 13.803 ? 62  GLN AAA CD  1 ? 
ATOM   183  O  OE1 . GLN A 1 23  ? -0.392  14.340  -9.686  1.000 14.476 ? 62  GLN AAA OE1 1 ? 
ATOM   184  N  NE2 . GLN A 1 23  ? -0.564  14.162  -11.938 1.000 13.882 ? 62  GLN AAA NE2 1 ? 
ATOM   185  N  N   . LEU A 1 24  ? -4.886  12.568  -6.942  1.000 10.531 ? 63  LEU AAA N   1 ? 
ATOM   186  C  CA  . LEU A 1 24  ? -5.225  11.782  -5.765  1.000 10.694 ? 63  LEU AAA CA  1 ? 
ATOM   187  C  C   . LEU A 1 24  ? -6.613  11.187  -5.931  1.000 10.916 ? 63  LEU AAA C   1 ? 
ATOM   188  O  O   . LEU A 1 24  ? -6.850  10.067  -5.483  1.000 12.126 ? 63  LEU AAA O   1 ? 
ATOM   189  C  CB  . LEU A 1 24  ? -5.082  12.586  -4.475  1.000 11.864 ? 63  LEU AAA CB  1 ? 
ATOM   190  C  CG  . LEU A 1 24  ? -3.619  12.775  -4.094  1.000 11.163 ? 63  LEU AAA CG  1 ? 
ATOM   191  C  CD1 . LEU A 1 24  ? -3.449  13.937  -3.120  1.000 13.272 ? 63  LEU AAA CD1 1 ? 
ATOM   192  C  CD2 . LEU A 1 24  ? -3.065  11.475  -3.482  1.000 11.845 ? 63  LEU AAA CD2 1 ? 
ATOM   193  N  N   . GLN A 1 25  ? -7.557  11.927  -6.559  1.000 11.652 ? 64  GLN AAA N   1 ? 
ATOM   194  C  CA  . GLN A 1 25  ? -8.877  11.364  -6.814  1.000 13.183 ? 64  GLN AAA CA  1 ? 
ATOM   195  C  C   . GLN A 1 25  ? -8.803  10.145  -7.727  1.000 12.591 ? 64  GLN AAA C   1 ? 
ATOM   196  O  O   . GLN A 1 25  ? -9.470  9.161   -7.470  1.000 13.153 ? 64  GLN AAA O   1 ? 
ATOM   197  C  CB  . GLN A 1 25  ? -9.772  12.468  -7.389  1.000 15.136 ? 64  GLN AAA CB  1 ? 
ATOM   198  C  CG  . GLN A 1 25  ? -10.150 13.519  -6.342  1.000 20.330 ? 64  GLN AAA CG  1 ? 
ATOM   199  C  CD  . GLN A 1 25  ? -10.821 14.761  -6.873  0.500 21.688 ? 64  GLN AAA CD  1 ? 
ATOM   200  O  OE1 . GLN A 1 25  ? -10.398 15.369  -7.858  0.500 24.762 ? 64  GLN AAA OE1 1 ? 
ATOM   201  N  NE2 . GLN A 1 25  ? -11.886 15.146  -6.196  0.500 23.957 ? 64  GLN AAA NE2 1 ? 
ATOM   202  N  N   . TYR A 1 26  ? -7.936  10.220  -8.749  1.000 11.962 ? 65  TYR AAA N   1 ? 
ATOM   203  C  CA  . TYR A 1 26  ? -7.729  9.105   -9.642  1.000 11.783 ? 65  TYR AAA CA  1 ? 
ATOM   204  C  C   . TYR A 1 26  ? -7.119  7.920   -8.891  1.000 11.565 ? 65  TYR AAA C   1 ? 
ATOM   205  O  O   . TYR A 1 26  ? -7.478  6.769   -9.120  1.000 11.266 ? 65  TYR AAA O   1 ? 
ATOM   206  C  CB  . TYR A 1 26  ? -6.814  9.553   -10.773 1.000 12.373 ? 65  TYR AAA CB  1 ? 
ATOM   207  C  CG  . TYR A 1 26  ? -6.452  8.461   -11.768 1.000 11.592 ? 65  TYR AAA CG  1 ? 
ATOM   208  C  CD1 . TYR A 1 26  ? -5.277  7.730   -11.626 1.000 11.929 ? 65  TYR AAA CD1 1 ? 
ATOM   209  C  CD2 . TYR A 1 26  ? -7.201  8.261   -12.936 1.000 13.662 ? 65  TYR AAA CD2 1 ? 
ATOM   210  C  CE1 . TYR A 1 26  ? -4.872  6.770   -12.539 1.000 12.699 ? 65  TYR AAA CE1 1 ? 
ATOM   211  C  CE2 . TYR A 1 26  ? -6.808  7.304   -13.861 1.000 13.367 ? 65  TYR AAA CE2 1 ? 
ATOM   212  C  CZ  . TYR A 1 26  ? -5.645  6.573   -13.672 1.000 12.254 ? 65  TYR AAA CZ  1 ? 
ATOM   213  O  OH  . TYR A 1 26  ? -5.241  5.653   -14.614 1.000 14.519 ? 65  TYR AAA OH  1 ? 
ATOM   214  N  N   . LEU A 1 27  ? -6.174  8.207   -8.001  1.000 11.081 ? 66  LEU AAA N   1 ? 
ATOM   215  C  CA  . LEU A 1 27  ? -5.586  7.122   -7.228  1.000 11.169 ? 66  LEU AAA CA  1 ? 
ATOM   216  C  C   . LEU A 1 27  ? -6.600  6.368   -6.390  1.000 10.869 ? 66  LEU AAA C   1 ? 
ATOM   217  O  O   . LEU A 1 27  ? -6.441  5.163   -6.202  1.000 12.711 ? 66  LEU AAA O   1 ? 
ATOM   218  C  CB  . LEU A 1 27  ? -4.418  7.642   -6.390  1.000 11.257 ? 66  LEU AAA CB  1 ? 
ATOM   219  C  CG  . LEU A 1 27  ? -3.153  7.870   -7.218  1.000 12.149 ? 66  LEU AAA CG  1 ? 
ATOM   220  C  CD1 . LEU A 1 27  ? -2.219  8.861   -6.556  1.000 13.067 ? 66  LEU AAA CD1 1 ? 
ATOM   221  C  CD2 . LEU A 1 27  ? -2.426  6.560   -7.358  1.000 17.160 ? 66  LEU AAA CD2 1 ? 
ATOM   222  N  N   . LEU A 1 28  ? -7.591  7.070   -5.864  1.000 10.404 ? 67  LEU AAA N   1 ? 
ATOM   223  C  CA  . LEU A 1 28  ? -8.651  6.414   -5.100  1.000 11.801 ? 67  LEU AAA CA  1 ? 
ATOM   224  C  C   . LEU A 1 28  ? -9.655  5.697   -6.010  1.000 13.396 ? 67  LEU AAA C   1 ? 
ATOM   225  O  O   . LEU A 1 28  ? -9.965  4.514   -5.810  1.000 14.612 ? 67  LEU AAA O   1 ? 
ATOM   226  C  CB  . LEU A 1 28  ? -9.331  7.400   -4.154  1.000 13.588 ? 67  LEU AAA CB  1 ? 
ATOM   227  C  CG  . LEU A 1 28  ? -10.470 6.757   -3.341  1.000 14.958 ? 67  LEU AAA CG  1 ? 
ATOM   228  C  CD1 . LEU A 1 28  ? -9.997  5.561   -2.523  1.000 14.772 ? 67  LEU AAA CD1 1 ? 
ATOM   229  C  CD2 . LEU A 1 28  ? -11.077 7.808   -2.443  1.000 19.230 ? 67  LEU AAA CD2 1 ? 
ATOM   230  N  N   . ARG A 1 29  ? -10.202 6.434   -6.968  1.000 12.746 ? 68  ARG AAA N   1 ? 
ATOM   231  C  CA  . ARG A 1 29  ? -11.379 5.994   -7.717  1.000 14.871 ? 68  ARG AAA CA  1 ? 
ATOM   232  C  C   . ARG A 1 29  ? -11.002 5.008   -8.803  1.000 14.811 ? 68  ARG AAA C   1 ? 
ATOM   233  O  O   . ARG A 1 29  ? -11.872 4.220   -9.199  1.000 18.029 ? 68  ARG AAA O   1 ? 
ATOM   234  C  CB  . ARG A 1 29  ? -12.039 7.230   -8.341  1.000 17.737 ? 68  ARG AAA CB  1 ? 
ATOM   235  C  CG  . ARG A 1 29  ? -12.718 8.126   -7.306  1.000 20.033 ? 68  ARG AAA CG  1 ? 
ATOM   236  C  CD  . ARG A 1 29  ? -13.573 9.215   -7.925  1.000 24.451 ? 68  ARG AAA CD  1 ? 
ATOM   237  N  NE  . ARG A 1 29  ? -13.473 10.503  -7.246  0.500 24.521 ? 68  ARG AAA NE  1 ? 
ATOM   238  C  CZ  . ARG A 1 29  ? -13.567 11.699  -7.826  0.500 24.566 ? 68  ARG AAA CZ  1 ? 
ATOM   239  N  NH1 . ARG A 1 29  ? -13.775 11.800  -9.127  0.500 29.110 ? 68  ARG AAA NH1 1 ? 
ATOM   240  N  NH2 . ARG A 1 29  ? -13.455 12.795  -7.101  0.500 24.417 ? 68  ARG AAA NH2 1 ? 
ATOM   241  N  N   . VAL A 1 30  ? -9.778  5.056   -9.295  1.000 13.436 ? 69  VAL AAA N   1 ? 
ATOM   242  C  CA  . VAL A 1 30  ? -9.335  4.173   -10.365 1.000 14.526 ? 69  VAL AAA CA  1 ? 
ATOM   243  C  C   . VAL A 1 30  ? -8.310  3.165   -9.836  1.000 14.281 ? 69  VAL AAA C   1 ? 
ATOM   244  O  O   . VAL A 1 30  ? -8.481  1.941   -9.955  1.000 16.838 ? 69  VAL AAA O   1 ? 
ATOM   245  C  CB  . VAL A 1 30  ? -8.786  4.926   -11.598 1.000 14.300 ? 69  VAL AAA CB  1 ? 
ATOM   246  C  CG1 . VAL A 1 30  ? -8.313  3.930   -12.633 1.000 14.815 ? 69  VAL AAA CG1 1 ? 
ATOM   247  C  CG2 . VAL A 1 30  ? -9.854  5.800   -12.233 1.000 16.609 ? 69  VAL AAA CG2 1 ? 
ATOM   248  N  N   . VAL A 1 31  ? -7.188  3.644   -9.313  1.000 13.246 ? 70  VAL AAA N   1 ? 
ATOM   249  C  CA  . VAL A 1 31  ? -6.088  2.756   -8.975  1.000 12.865 ? 70  VAL AAA CA  1 ? 
ATOM   250  C  C   . VAL A 1 31  ? -6.416  1.841   -7.787  1.000 12.609 ? 70  VAL AAA C   1 ? 
ATOM   251  O  O   . VAL A 1 31  ? -6.375  0.606   -7.907  1.000 14.501 ? 70  VAL AAA O   1 ? 
ATOM   252  C  CB  . VAL A 1 31  ? -4.782  3.525   -8.757  1.000 12.923 ? 70  VAL AAA CB  1 ? 
ATOM   253  C  CG1 . VAL A 1 31  ? -3.588  2.595   -8.461  1.000 14.011 ? 70  VAL AAA CG1 1 ? 
ATOM   254  C  CG2 . VAL A 1 31  ? -4.471  4.413   -9.958  1.000 14.677 ? 70  VAL AAA CG2 1 ? 
ATOM   255  N  N   . LEU A 1 32  ? -6.756  2.425   -6.643  1.000 13.470 ? 71  LEU AAA N   1 ? 
ATOM   256  C  CA  . LEU A 1 32  ? -7.030  1.634   -5.451  1.000 14.010 ? 71  LEU AAA CA  1 ? 
ATOM   257  C  C   . LEU A 1 32  ? -8.236  0.745   -5.706  1.000 14.670 ? 71  LEU AAA C   1 ? 
ATOM   258  O  O   . LEU A 1 32  ? -8.196  -0.454  -5.398  1.000 14.042 ? 71  LEU AAA O   1 ? 
ATOM   259  C  CB  . LEU A 1 32  ? -7.277  2.548   -4.252  1.000 15.192 ? 71  LEU AAA CB  1 ? 
ATOM   260  C  CG  . LEU A 1 32  ? -7.511  1.733   -2.983  1.000 17.386 ? 71  LEU AAA CG  1 ? 
ATOM   261  C  CD1 . LEU A 1 32  ? -6.273  0.984   -2.546  1.000 19.518 ? 71  LEU AAA CD1 1 ? 
ATOM   262  C  CD2 . LEU A 1 32  ? -8.103  2.593   -1.888  1.000 22.228 ? 71  LEU AAA CD2 1 ? 
ATOM   263  N  N   . LYS A 1 33  ? -9.260  1.299   -6.352  1.000 14.780 ? 72  LYS AAA N   1 ? 
ATOM   264  C  CA  . LYS A 1 33  ? -10.466 0.528   -6.656  1.000 17.445 ? 72  LYS AAA CA  1 ? 
ATOM   265  C  C   . LYS A 1 33  ? -10.144 -0.730  -7.464  1.000 17.738 ? 72  LYS AAA C   1 ? 
ATOM   266  O  O   . LYS A 1 33  ? -10.694 -1.803  -7.160  1.000 20.716 ? 72  LYS AAA O   1 ? 
ATOM   267  C  CB  . LYS A 1 33  ? -11.502 1.422   -7.354  1.000 20.230 ? 72  LYS AAA CB  1 ? 
ATOM   268  C  CG  . LYS A 1 33  ? -12.846 0.746   -7.635  0.500 20.201 ? 72  LYS AAA CG  1 ? 
ATOM   269  C  CD  . LYS A 1 33  ? -13.758 1.495   -8.600  0.500 22.733 ? 72  LYS AAA CD  1 ? 
ATOM   270  C  CE  . LYS A 1 33  ? -13.345 1.397   -10.054 0.500 24.461 ? 72  LYS AAA CE  1 ? 
ATOM   271  N  NZ  . LYS A 1 33  ? -13.970 0.249   -10.755 0.500 24.867 ? 72  LYS AAA NZ  1 ? 
ATOM   272  N  N   . THR A 1 34  ? -9.288  -0.599  -8.479  1.000 15.211 ? 73  THR AAA N   1 ? 
ATOM   273  C  CA  . THR A 1 34  ? -8.936  -1.689  -9.375  1.000 17.740 ? 73  THR AAA CA  1 ? 
ATOM   274  C  C   . THR A 1 34  ? -8.152  -2.749  -8.591  1.000 15.146 ? 73  THR AAA C   1 ? 
ATOM   275  O  O   . THR A 1 34  ? -8.385  -3.943  -8.699  1.000 16.780 ? 73  THR AAA O   1 ? 
ATOM   276  C  CB  . THR A 1 34  ? -8.114  -1.182  -10.574 1.000 19.418 ? 73  THR AAA CB  1 ? 
ATOM   277  O  OG1 . THR A 1 34  ? -9.011  -0.441  -11.411 1.000 23.599 ? 73  THR AAA OG1 1 ? 
ATOM   278  C  CG2 . THR A 1 34  ? -7.460  -2.298  -11.372 1.000 25.570 ? 73  THR AAA CG2 1 ? 
ATOM   279  N  N   . LEU A 1 35  ? -7.179  -2.322  -7.782  1.000 13.453 ? 74  LEU AAA N   1 ? 
ATOM   280  C  CA  . LEU A 1 35  ? -6.311  -3.278  -7.121  1.000 13.423 ? 74  LEU AAA CA  1 ? 
ATOM   281  C  C   . LEU A 1 35  ? -7.033  -3.948  -5.978  1.000 12.337 ? 74  LEU AAA C   1 ? 
ATOM   282  O  O   . LEU A 1 35  ? -6.798  -5.125  -5.741  1.000 13.852 ? 74  LEU AAA O   1 ? 
ATOM   283  C  CB  . LEU A 1 35  ? -5.029  -2.600  -6.585  1.000 12.566 ? 74  LEU AAA CB  1 ? 
ATOM   284  C  CG  . LEU A 1 35  ? -3.846  -2.526  -7.562  1.000 15.863 ? 74  LEU AAA CG  1 ? 
ATOM   285  C  CD1 . LEU A 1 35  ? -4.112  -1.694  -8.825  1.000 18.891 ? 74  LEU AAA CD1 1 ? 
ATOM   286  C  CD2 . LEU A 1 35  ? -2.577  -2.056  -6.838  1.000 16.432 ? 74  LEU AAA CD2 1 ? 
ATOM   287  N  N   . TRP A 1 36  ? -7.911  -3.240  -5.288  1.000 12.981 ? 75  TRP AAA N   1 ? 
ATOM   288  C  CA  . TRP A 1 36  ? -8.529  -3.769  -4.087  1.000 13.341 ? 75  TRP AAA CA  1 ? 
ATOM   289  C  C   . TRP A 1 36  ? -9.383  -4.992  -4.415  1.000 14.026 ? 75  TRP AAA C   1 ? 
ATOM   290  O  O   . TRP A 1 36  ? -9.474  -5.896  -3.574  1.000 14.979 ? 75  TRP AAA O   1 ? 
ATOM   291  C  CB  . TRP A 1 36  ? -9.398  -2.717  -3.426  1.000 13.749 ? 75  TRP AAA CB  1 ? 
ATOM   292  C  CG  . TRP A 1 36  ? -9.935  -3.073  -2.085  1.000 14.303 ? 75  TRP AAA CG  1 ? 
ATOM   293  C  CD1 . TRP A 1 36  ? -11.131 -3.677  -1.806  1.000 16.257 ? 75  TRP AAA CD1 1 ? 
ATOM   294  C  CD2 . TRP A 1 36  ? -9.293  -2.856  -0.821  1.000 13.137 ? 75  TRP AAA CD2 1 ? 
ATOM   295  N  NE1 . TRP A 1 36  ? -11.254 -3.849  -0.453  1.000 16.807 ? 75  TRP AAA NE1 1 ? 
ATOM   296  C  CE2 . TRP A 1 36  ? -10.157 -3.305  0.195   1.000 13.612 ? 75  TRP AAA CE2 1 ? 
ATOM   297  C  CE3 . TRP A 1 36  ? -8.041  -2.337  -0.468  1.000 13.269 ? 75  TRP AAA CE3 1 ? 
ATOM   298  C  CZ2 . TRP A 1 36  ? -9.795  -3.287  1.532   1.000 15.135 ? 75  TRP AAA CZ2 1 ? 
ATOM   299  C  CZ3 . TRP A 1 36  ? -7.705  -2.246  0.857   1.000 14.223 ? 75  TRP AAA CZ3 1 ? 
ATOM   300  C  CH2 . TRP A 1 36  ? -8.581  -2.712  1.845   1.000 15.434 ? 75  TRP AAA CH2 1 ? 
ATOM   301  N  N   . LYS A 1 37  ? -10.003 -4.992  -5.603  1.000 14.331 ? 76  LYS AAA N   1 ? 
ATOM   302  C  CA  . LYS A 1 37  ? -10.974 -6.039  -5.939  1.000 15.357 ? 76  LYS AAA CA  1 ? 
ATOM   303  C  C   . LYS A 1 37  ? -10.272 -7.185  -6.659  1.000 16.786 ? 76  LYS AAA C   1 ? 
ATOM   304  O  O   . LYS A 1 37  ? -10.902 -8.199  -7.006  1.000 17.106 ? 76  LYS AAA O   1 ? 
ATOM   305  C  CB  . LYS A 1 37  ? -12.172 -5.462  -6.714  1.000 18.327 ? 76  LYS AAA CB  1 ? 
ATOM   306  C  CG  . LYS A 1 37  ? -11.832 -4.884  -8.065  1.000 20.276 ? 76  LYS AAA CG  1 ? 
ATOM   307  C  CD  . LYS A 1 37  ? -13.122 -4.423  -8.799  1.000 24.044 ? 76  LYS AAA CD  1 ? 
ATOM   308  C  CE  . LYS A 1 37  ? -12.873 -3.591  -10.043 1.000 32.977 ? 76  LYS AAA CE  1 ? 
ATOM   309  N  NZ  . LYS A 1 37  ? -12.446 -4.413  -11.197 1.000 38.633 ? 76  LYS AAA NZ  1 ? 
ATOM   310  N  N   . HIS A 1 38  ? -8.974  -7.076  -6.933  1.000 15.497 ? 77  HIS AAA N   1 ? 
ATOM   311  C  CA  . HIS A 1 38  ? -8.253  -8.146  -7.594  1.000 15.533 ? 77  HIS AAA CA  1 ? 
ATOM   312  C  C   . HIS A 1 38  ? -8.261  -9.431  -6.768  1.000 13.893 ? 77  HIS AAA C   1 ? 
ATOM   313  O  O   . HIS A 1 38  ? -8.243  -9.395  -5.554  1.000 13.320 ? 77  HIS AAA O   1 ? 
ATOM   314  C  CB  . HIS A 1 38  ? -6.819  -7.681  -7.868  1.000 15.558 ? 77  HIS AAA CB  1 ? 
ATOM   315  C  CG  . HIS A 1 38  ? -6.110  -8.589  -8.799  1.000 16.205 ? 77  HIS AAA CG  1 ? 
ATOM   316  N  ND1 . HIS A 1 38  ? -5.524  -9.785  -8.426  1.000 14.339 ? 77  HIS AAA ND1 1 ? 
ATOM   317  C  CD2 . HIS A 1 38  ? -5.882  -8.463  -10.122 1.000 17.456 ? 77  HIS AAA CD2 1 ? 
ATOM   318  C  CE1 . HIS A 1 38  ? -5.006  -10.372 -9.481  1.000 16.168 ? 77  HIS AAA CE1 1 ? 
ATOM   319  N  NE2 . HIS A 1 38  ? -5.197  -9.539  -10.541 1.000 18.214 ? 77  HIS AAA NE2 1 ? 
ATOM   320  N  N   A GLN A 1 39  ? -8.345  -10.591 -7.467  0.500 13.230 ? 78  GLN AAA N   1 ? 
ATOM   321  N  N   B GLN A 1 39  ? -8.352  -10.588 -7.458  0.500 14.136 ? 78  GLN AAA N   1 ? 
ATOM   322  C  CA  A GLN A 1 39  ? -8.357  -11.897 -6.816  0.500 13.474 ? 78  GLN AAA CA  1 ? 
ATOM   323  C  CA  B GLN A 1 39  ? -8.396  -11.872 -6.775  0.500 14.699 ? 78  GLN AAA CA  1 ? 
ATOM   324  C  C   A GLN A 1 39  ? -7.206  -12.020 -5.816  0.500 12.005 ? 78  GLN AAA C   1 ? 
ATOM   325  C  C   B GLN A 1 39  ? -7.196  -12.046 -5.834  0.500 12.703 ? 78  GLN AAA C   1 ? 
ATOM   326  O  O   A GLN A 1 39  ? -7.388  -12.659 -4.793  0.500 12.857 ? 78  GLN AAA O   1 ? 
ATOM   327  O  O   B GLN A 1 39  ? -7.314  -12.773 -4.866  0.500 13.449 ? 78  GLN AAA O   1 ? 
ATOM   328  C  CB  A GLN A 1 39  ? -8.229  -13.055 -7.822  0.500 13.796 ? 78  GLN AAA CB  1 ? 
ATOM   329  C  CB  B GLN A 1 39  ? -8.387  -13.014 -7.801  0.500 17.049 ? 78  GLN AAA CB  1 ? 
ATOM   330  C  CG  A GLN A 1 39  ? -8.353  -14.447 -7.203  0.500 14.564 ? 78  GLN AAA CG  1 ? 
ATOM   331  C  CG  B GLN A 1 39  ? -7.125  -12.975 -8.642  0.500 18.586 ? 78  GLN AAA CG  1 ? 
ATOM   332  C  CD  A GLN A 1 39  ? -8.367  -15.533 -8.245  0.500 15.601 ? 78  GLN AAA CD  1 ? 
ATOM   333  C  CD  B GLN A 1 39  ? -7.025  -13.758 -9.921  0.500 22.886 ? 78  GLN AAA CD  1 ? 
ATOM   334  O  OE1 A GLN A 1 39  ? -9.305  -16.335 -8.287  0.500 17.697 ? 78  GLN AAA OE1 1 ? 
ATOM   335  O  OE1 B GLN A 1 39  ? -5.917  -14.090 -10.355 0.500 23.496 ? 78  GLN AAA OE1 1 ? 
ATOM   336  N  NE2 A GLN A 1 39  ? -7.366  -15.544 -9.109  0.500 14.024 ? 78  GLN AAA NE2 1 ? 
ATOM   337  N  NE2 B GLN A 1 39  ? -8.155  -13.968 -10.573 0.500 24.974 ? 78  GLN AAA NE2 1 ? 
ATOM   338  N  N   . PHE A 1 40  ? -6.049  -11.377 -6.098  1.000 11.953 ? 79  PHE AAA N   1 ? 
ATOM   339  C  CA  . PHE A 1 40  ? -4.843  -11.561 -5.285  1.000 11.474 ? 79  PHE AAA CA  1 ? 
ATOM   340  C  C   . PHE A 1 40  ? -4.645  -10.408 -4.288  1.000 10.966 ? 79  PHE AAA C   1 ? 
ATOM   341  O  O   . PHE A 1 40  ? -3.560  -10.347 -3.684  1.000 11.916 ? 79  PHE AAA O   1 ? 
ATOM   342  C  CB  . PHE A 1 40  ? -3.623  -11.697 -6.185  1.000 12.570 ? 79  PHE AAA CB  1 ? 
ATOM   343  C  CG  . PHE A 1 40  ? -3.552  -12.946 -7.027  1.000 12.277 ? 79  PHE AAA CG  1 ? 
ATOM   344  C  CD1 . PHE A 1 40  ? -4.273  -14.099 -6.740  1.000 12.865 ? 79  PHE AAA CD1 1 ? 
ATOM   345  C  CD2 . PHE A 1 40  ? -2.709  -12.940 -8.135  1.000 13.242 ? 79  PHE AAA CD2 1 ? 
ATOM   346  C  CE1 . PHE A 1 40  ? -4.098  -15.232 -7.530  1.000 15.031 ? 79  PHE AAA CE1 1 ? 
ATOM   347  C  CE2 . PHE A 1 40  ? -2.535  -14.079 -8.917  1.000 15.383 ? 79  PHE AAA CE2 1 ? 
ATOM   348  C  CZ  . PHE A 1 40  ? -3.240  -15.221 -8.623  1.000 16.903 ? 79  PHE AAA CZ  1 ? 
ATOM   349  N  N   . ALA A 1 41  ? -5.655  -9.546  -4.081  1.000 11.072 ? 80  ALA AAA N   1 ? 
ATOM   350  C  CA  . ALA A 1 41  ? -5.427  -8.395  -3.211  1.000 10.873 ? 80  ALA AAA CA  1 ? 
ATOM   351  C  C   . ALA A 1 41  ? -5.387  -8.759  -1.743  1.000 11.590 ? 80  ALA AAA C   1 ? 
ATOM   352  O  O   . ALA A 1 41  ? -4.856  -7.987  -0.940  1.000 11.296 ? 80  ALA AAA O   1 ? 
ATOM   353  C  CB  . ALA A 1 41  ? -6.531  -7.391  -3.427  1.000 13.355 ? 80  ALA AAA CB  1 ? 
ATOM   354  N  N   . TRP A 1 42  ? -6.078  -9.851  -1.325  1.000 12.481 ? 81  TRP AAA N   1 ? 
ATOM   355  C  CA  . TRP A 1 42  ? -6.378  -10.058 0.082   1.000 11.625 ? 81  TRP AAA CA  1 ? 
ATOM   356  C  C   . TRP A 1 42  ? -5.164  -10.008 1.010   1.000 12.324 ? 81  TRP AAA C   1 ? 
ATOM   357  O  O   . TRP A 1 42  ? -5.313  -9.453  2.120   1.000 13.128 ? 81  TRP AAA O   1 ? 
ATOM   358  C  CB  . TRP A 1 42  ? -7.280  -11.300 0.324   1.000 12.721 ? 81  TRP AAA CB  1 ? 
ATOM   359  C  CG  . TRP A 1 42  ? -6.662  -12.586 -0.126  1.000 14.098 ? 81  TRP AAA CG  1 ? 
ATOM   360  C  CD1 . TRP A 1 42  ? -6.743  -13.159 -1.375  1.000 14.242 ? 81  TRP AAA CD1 1 ? 
ATOM   361  C  CD2 . TRP A 1 42  ? -5.791  -13.420 0.636   1.000 15.548 ? 81  TRP AAA CD2 1 ? 
ATOM   362  N  NE1 . TRP A 1 42  ? -6.017  -14.311 -1.405  1.000 16.139 ? 81  TRP AAA NE1 1 ? 
ATOM   363  C  CE2 . TRP A 1 42  ? -5.432  -14.511 -0.199  1.000 15.244 ? 81  TRP AAA CE2 1 ? 
ATOM   364  C  CE3 . TRP A 1 42  ? -5.322  -13.395 1.959   1.000 17.145 ? 81  TRP AAA CE3 1 ? 
ATOM   365  C  CZ2 . TRP A 1 42  ? -4.594  -15.531 0.215   1.000 17.822 ? 81  TRP AAA CZ2 1 ? 
ATOM   366  C  CZ3 . TRP A 1 42  ? -4.487  -14.417 2.360   1.000 19.275 ? 81  TRP AAA CZ3 1 ? 
ATOM   367  C  CH2 . TRP A 1 42  ? -4.144  -15.473 1.514   1.000 18.296 ? 81  TRP AAA CH2 1 ? 
ATOM   368  N  N   . PRO A 1 43  ? -3.983  -10.540 0.693   1.000 11.365 ? 82  PRO AAA N   1 ? 
ATOM   369  C  CA  . PRO A 1 43  ? -2.892  -10.446 1.645   1.000 11.861 ? 82  PRO AAA CA  1 ? 
ATOM   370  C  C   . PRO A 1 43  ? -2.412  -9.016  1.885   1.000 11.292 ? 82  PRO AAA C   1 ? 
ATOM   371  O  O   . PRO A 1 43  ? -1.651  -8.791  2.830   1.000 12.932 ? 82  PRO AAA O   1 ? 
ATOM   372  C  CB  . PRO A 1 43  ? -1.732  -11.219 1.000   1.000 12.202 ? 82  PRO AAA CB  1 ? 
ATOM   373  C  CG  . PRO A 1 43  ? -2.437  -12.106 -0.039  1.000 11.861 ? 82  PRO AAA CG  1 ? 
ATOM   374  C  CD  . PRO A 1 43  ? -3.599  -11.269 -0.515  1.000 11.727 ? 82  PRO AAA CD  1 ? 
ATOM   375  N  N   . PHE A 1 44  ? -2.813  -8.092  0.995   1.000 10.472 ? 83  PHE AAA N   1 ? 
ATOM   376  C  CA  . PHE A 1 44  ? -2.279  -6.736  1.028   1.000 9.634  ? 83  PHE AAA CA  1 ? 
ATOM   377  C  C   . PHE A 1 44  ? -3.328  -5.768  1.530   1.000 10.054 ? 83  PHE AAA C   1 ? 
ATOM   378  O  O   . PHE A 1 44  ? -3.040  -4.550  1.540   1.000 11.409 ? 83  PHE AAA O   1 ? 
ATOM   379  C  CB  . PHE A 1 44  ? -1.874  -6.347  -0.395  1.000 10.099 ? 83  PHE AAA CB  1 ? 
ATOM   380  C  CG  . PHE A 1 44  ? -0.866  -7.285  -0.983  1.000 10.142 ? 83  PHE AAA CG  1 ? 
ATOM   381  C  CD1 . PHE A 1 44  ? 0.490   -7.215  -0.607  1.000 11.920 ? 83  PHE AAA CD1 1 ? 
ATOM   382  C  CD2 . PHE A 1 44  ? -1.257  -8.272  -1.874  1.000 10.176 ? 83  PHE AAA CD2 1 ? 
ATOM   383  C  CE1 . PHE A 1 44  ? 1.420   -8.138  -1.099  1.000 14.777 ? 83  PHE AAA CE1 1 ? 
ATOM   384  C  CE2 . PHE A 1 44  ? -0.302  -9.166  -2.365  1.000 12.148 ? 83  PHE AAA CE2 1 ? 
ATOM   385  C  CZ  . PHE A 1 44  ? 1.016   -9.100  -1.997  1.000 12.882 ? 83  PHE AAA CZ  1 ? 
ATOM   386  N  N   . GLN A 1 45  ? -4.491  -6.213  2.001   1.000 10.193 ? 84  GLN AAA N   1 ? 
ATOM   387  C  CA  . GLN A 1 45  ? -5.573  -5.336  2.407   1.000 10.804 ? 84  GLN AAA CA  1 ? 
ATOM   388  C  C   . GLN A 1 45  ? -5.492  -4.871  3.873   1.000 10.181 ? 84  GLN AAA C   1 ? 
ATOM   389  O  O   . GLN A 1 45  ? -6.314  -4.068  4.308   1.000 11.945 ? 84  GLN AAA O   1 ? 
ATOM   390  C  CB  . GLN A 1 45  ? -6.933  -6.007  2.159   1.000 11.836 ? 84  GLN AAA CB  1 ? 
ATOM   391  C  CG  . GLN A 1 45  ? -7.274  -6.054  0.670   1.000 12.622 ? 84  GLN AAA CG  1 ? 
ATOM   392  C  CD  . GLN A 1 45  ? -8.534  -6.865  0.419   1.000 13.936 ? 84  GLN AAA CD  1 ? 
ATOM   393  O  OE1 . GLN A 1 45  ? -8.903  -7.730  1.214   1.000 17.165 ? 84  GLN AAA OE1 1 ? 
ATOM   394  N  NE2 . GLN A 1 45  ? -9.172  -6.601  -0.702  1.000 15.637 ? 84  GLN AAA NE2 1 ? 
ATOM   395  N  N   . GLN A 1 46  ? -4.460  -5.308  4.578   1.000 10.772 ? 85  GLN AAA N   1 ? 
ATOM   396  C  CA  . GLN A 1 46  ? -4.213  -4.941  5.967   1.000 10.713 ? 85  GLN AAA CA  1 ? 
ATOM   397  C  C   . GLN A 1 46  ? -2.738  -5.111  6.269   1.000 11.066 ? 85  GLN AAA C   1 ? 
ATOM   398  O  O   . GLN A 1 46  ? -2.041  -5.790  5.552   1.000 10.581 ? 85  GLN AAA O   1 ? 
ATOM   399  C  CB  . GLN A 1 46  ? -5.100  -5.769  6.895   1.000 13.108 ? 85  GLN AAA CB  1 ? 
ATOM   400  C  CG  . GLN A 1 46  ? -4.845  -7.268  6.844   1.000 12.440 ? 85  GLN AAA CG  1 ? 
ATOM   401  C  CD  . GLN A 1 46  ? -5.391  -7.920  5.583   1.000 12.909 ? 85  GLN AAA CD  1 ? 
ATOM   402  O  OE1 . GLN A 1 46  ? -6.551  -7.724  5.275   1.000 15.279 ? 85  GLN AAA OE1 1 ? 
ATOM   403  N  NE2 . GLN A 1 46  ? -4.567  -8.677  4.880   1.000 14.887 ? 85  GLN AAA NE2 1 ? 
ATOM   404  N  N   . PRO A 1 47  ? -2.222  -4.493  7.355   1.000 11.462 ? 86  PRO AAA N   1 ? 
ATOM   405  C  CA  . PRO A 1 47  ? -0.832  -4.705  7.764   1.000 11.857 ? 86  PRO AAA CA  1 ? 
ATOM   406  C  C   . PRO A 1 47  ? -0.534  -6.190  7.936   1.000 11.455 ? 86  PRO AAA C   1 ? 
ATOM   407  O  O   . PRO A 1 47  ? -1.397  -6.964  8.361   1.000 12.390 ? 86  PRO AAA O   1 ? 
ATOM   408  C  CB  . PRO A 1 47  ? -0.716  -3.932  9.097   1.000 14.021 ? 86  PRO AAA CB  1 ? 
ATOM   409  C  CG  . PRO A 1 47  ? -1.773  -2.874  8.951   1.000 14.807 ? 86  PRO AAA CG  1 ? 
ATOM   410  C  CD  . PRO A 1 47  ? -2.941  -3.523  8.224   1.000 13.963 ? 86  PRO AAA CD  1 ? 
ATOM   411  N  N   . VAL A 1 48  ? 0.705   -6.559  7.679   1.000 11.108 ? 87  VAL AAA N   1 ? 
ATOM   412  C  CA  . VAL A 1 48  ? 1.157   -7.913  7.927   1.000 12.419 ? 87  VAL AAA CA  1 ? 
ATOM   413  C  C   . VAL A 1 48  ? 1.092   -8.175  9.429   1.000 12.821 ? 87  VAL AAA C   1 ? 
ATOM   414  O  O   . VAL A 1 48  ? 1.719   -7.463  10.230  1.000 12.767 ? 87  VAL AAA O   1 ? 
ATOM   415  C  CB  . VAL A 1 48  ? 2.564   -8.143  7.371   1.000 12.941 ? 87  VAL AAA CB  1 ? 
ATOM   416  C  CG1 . VAL A 1 48  ? 3.111   -9.482  7.778   1.000 14.501 ? 87  VAL AAA CG1 1 ? 
ATOM   417  C  CG2 . VAL A 1 48  ? 2.603   -7.993  5.869   1.000 13.483 ? 87  VAL AAA CG2 1 ? 
ATOM   418  N  N   . ASP A 1 49  ? 0.360   -9.228  9.801   1.000 12.754 ? 88  ASP AAA N   1 ? 
ATOM   419  C  CA  . ASP A 1 49  ? 0.240   -9.611  11.199  1.000 12.972 ? 88  ASP AAA CA  1 ? 
ATOM   420  C  C   . ASP A 1 49  ? 1.286   -10.711 11.414  1.000 12.484 ? 88  ASP AAA C   1 ? 
ATOM   421  O  O   . ASP A 1 49  ? 1.043   -11.886 11.159  1.000 12.629 ? 88  ASP AAA O   1 ? 
ATOM   422  C  CB  . ASP A 1 49  ? -1.182  -10.045 11.544  1.000 14.452 ? 88  ASP AAA CB  1 ? 
ATOM   423  C  CG  . ASP A 1 49  ? -1.345  -10.404 13.014  1.000 16.614 ? 88  ASP AAA CG  1 ? 
ATOM   424  O  OD1 . ASP A 1 49  ? -0.330  -10.700 13.691  1.000 15.856 ? 88  ASP AAA OD1 1 ? 
ATOM   425  O  OD2 . ASP A 1 49  ? -2.526  -10.484 13.434  1.000 22.370 ? 88  ASP AAA OD2 1 ? 
ATOM   426  N  N   . ALA A 1 50  ? 2.474   -10.263 11.824  1.000 13.029 ? 89  ALA AAA N   1 ? 
ATOM   427  C  CA  . ALA A 1 50  ? 3.630   -11.142 11.913  1.000 13.278 ? 89  ALA AAA CA  1 ? 
ATOM   428  C  C   . ALA A 1 50  ? 3.431   -12.171 13.033  1.000 14.353 ? 89  ALA AAA C   1 ? 
ATOM   429  O  O   . ALA A 1 50  ? 4.015   -13.256 12.987  1.000 14.668 ? 89  ALA AAA O   1 ? 
ATOM   430  C  CB  . ALA A 1 50  ? 4.891   -10.318 12.115  1.000 16.277 ? 89  ALA AAA CB  1 ? 
ATOM   431  N  N   . VAL A 1 51  ? 2.632   -11.852 14.046  1.000 13.810 ? 90  VAL AAA N   1 ? 
ATOM   432  C  CA  . VAL A 1 51  ? 2.369   -12.807 15.116  1.000 14.834 ? 90  VAL AAA CA  1 ? 
ATOM   433  C  C   . VAL A 1 51  ? 1.525   -13.955 14.561  1.000 14.820 ? 90  VAL AAA C   1 ? 
ATOM   434  O  O   . VAL A 1 51  ? 1.864   -15.132 14.681  1.000 14.731 ? 90  VAL AAA O   1 ? 
ATOM   435  C  CB  . VAL A 1 51  ? 1.683   -12.099 16.309  1.000 13.939 ? 90  VAL AAA CB  1 ? 
ATOM   436  C  CG1 . VAL A 1 51  ? 1.272   -13.085 17.388  1.000 18.280 ? 90  VAL AAA CG1 1 ? 
ATOM   437  C  CG2 . VAL A 1 51  ? 2.583   -11.025 16.869  1.000 15.845 ? 90  VAL AAA CG2 1 ? 
ATOM   438  N  N   . LYS A 1 52  ? 0.406   -13.594 13.920  1.000 12.699 ? 91  LYS AAA N   1 ? 
ATOM   439  C  CA  . LYS A 1 52  ? -0.498  -14.620 13.424  1.000 14.972 ? 91  LYS AAA CA  1 ? 
ATOM   440  C  C   . LYS A 1 52  ? 0.158   -15.505 12.360  1.000 15.352 ? 91  LYS AAA C   1 ? 
ATOM   441  O  O   . LYS A 1 52  ? -0.089  -16.706 12.295  1.000 14.909 ? 91  LYS AAA O   1 ? 
ATOM   442  C  CB  . LYS A 1 52  ? -1.807  -14.024 12.927  1.000 17.772 ? 91  LYS AAA CB  1 ? 
ATOM   443  C  CG  . LYS A 1 52  ? -2.972  -15.015 12.945  1.000 22.806 ? 91  LYS AAA CG  1 ? 
ATOM   444  C  CD  . LYS A 1 52  ? -4.327  -14.414 12.713  1.000 22.461 ? 91  LYS AAA CD  1 ? 
ATOM   445  C  CE  . LYS A 1 52  ? -5.458  -15.387 13.001  1.000 22.668 ? 91  LYS AAA CE  1 ? 
ATOM   446  N  NZ  . LYS A 1 52  ? -6.708  -14.872 12.412  1.000 24.190 ? 91  LYS AAA NZ  1 ? 
ATOM   447  N  N   . LEU A 1 53  ? 1.000   -14.911 11.513  1.000 13.406 ? 92  LEU AAA N   1 ? 
ATOM   448  C  CA  . LEU A 1 53  ? 1.708   -15.626 10.456  1.000 14.655 ? 92  LEU AAA CA  1 ? 
ATOM   449  C  C   . LEU A 1 53  ? 2.993   -16.327 10.919  1.000 14.944 ? 92  LEU AAA C   1 ? 
ATOM   450  O  O   . LEU A 1 53  ? 3.662   -16.975 10.125  1.000 16.033 ? 92  LEU AAA O   1 ? 
ATOM   451  C  CB  . LEU A 1 53  ? 2.057   -14.670 9.317   1.000 15.713 ? 92  LEU AAA CB  1 ? 
ATOM   452  C  CG  . LEU A 1 53  ? 0.844   -14.166 8.535   1.000 16.858 ? 92  LEU AAA CG  1 ? 
ATOM   453  C  CD1 . LEU A 1 53  ? 1.176   -12.979 7.651   1.000 21.952 ? 92  LEU AAA CD1 1 ? 
ATOM   454  C  CD2 . LEU A 1 53  ? 0.231   -15.261 7.702   1.000 22.002 ? 92  LEU AAA CD2 1 ? 
ATOM   455  N  N   . ASN A 1 54  ? 3.361   -16.196 12.197  1.000 14.344 ? 93  ASN AAA N   1 ? 
ATOM   456  C  CA  . ASN A 1 54  ? 4.588   -16.787 12.741  1.000 15.342 ? 93  ASN AAA CA  1 ? 
ATOM   457  C  C   . ASN A 1 54  ? 5.801   -16.345 11.930  1.000 15.207 ? 93  ASN AAA C   1 ? 
ATOM   458  O  O   . ASN A 1 54  ? 6.627   -17.155 11.507  1.000 16.799 ? 93  ASN AAA O   1 ? 
ATOM   459  C  CB  . ASN A 1 54  ? 4.539   -18.320 12.851  1.000 18.922 ? 93  ASN AAA CB  1 ? 
ATOM   460  C  CG  . ASN A 1 54  ? 5.739   -18.865 13.615  1.000 21.312 ? 93  ASN AAA CG  1 ? 
ATOM   461  O  OD1 . ASN A 1 54  ? 6.290   -18.216 14.522  1.000 24.110 ? 93  ASN AAA OD1 1 ? 
ATOM   462  N  ND2 . ASN A 1 54  ? 6.140   -20.078 13.282  1.000 25.097 ? 93  ASN AAA ND2 1 ? 
ATOM   463  N  N   . LEU A 1 55  ? 5.919   -15.021 11.765  1.000 13.839 ? 94  LEU AAA N   1 ? 
ATOM   464  C  CA  . LEU A 1 55  ? 7.042   -14.415 11.049  1.000 12.518 ? 94  LEU AAA CA  1 ? 
ATOM   465  C  C   . LEU A 1 55  ? 7.735   -13.476 12.017  1.000 13.548 ? 94  LEU AAA C   1 ? 
ATOM   466  O  O   . LEU A 1 55  ? 7.663   -12.263 11.865  1.000 12.278 ? 94  LEU AAA O   1 ? 
ATOM   467  C  CB  . LEU A 1 55  ? 6.570   -13.632 9.817   1.000 14.307 ? 94  LEU AAA CB  1 ? 
ATOM   468  C  CG  . LEU A 1 55  ? 5.778   -14.450 8.807   1.000 16.111 ? 94  LEU AAA CG  1 ? 
ATOM   469  C  CD1 . LEU A 1 55  ? 5.290   -13.525 7.689   1.000 16.744 ? 94  LEU AAA CD1 1 ? 
ATOM   470  C  CD2 . LEU A 1 55  ? 6.585   -15.602 8.282   1.000 17.820 ? 94  LEU AAA CD2 1 ? 
ATOM   471  N  N   . PRO A 1 56  ? 8.365   -13.969 13.104  1.000 12.225 ? 95  PRO AAA N   1 ? 
ATOM   472  C  CA  . PRO A 1 56  ? 8.865   -13.038 14.114  1.000 12.511 ? 95  PRO AAA CA  1 ? 
ATOM   473  C  C   . PRO A 1 56  ? 9.947   -12.100 13.614  1.000 13.428 ? 95  PRO AAA C   1 ? 
ATOM   474  O  O   . PRO A 1 56  ? 10.121  -11.030 14.176  1.000 14.818 ? 95  PRO AAA O   1 ? 
ATOM   475  C  CB  . PRO A 1 56  ? 9.415   -13.956 15.222  1.000 14.478 ? 95  PRO AAA CB  1 ? 
ATOM   476  C  CG  . PRO A 1 56  ? 9.667   -15.222 14.506  1.000 14.374 ? 95  PRO AAA CG  1 ? 
ATOM   477  C  CD  . PRO A 1 56  ? 8.535   -15.378 13.493  1.000 14.711 ? 95  PRO AAA CD  1 ? 
ATOM   478  N  N   . ASP A 1 57  ? 10.622  -12.439 12.533  1.000 12.220 ? 96  ASP AAA N   1 ? 
ATOM   479  C  CA  . ASP A 1 57  ? 11.634  -11.544 11.987  1.000 11.645 ? 96  ASP AAA CA  1 ? 
ATOM   480  C  C   . ASP A 1 57  ? 11.081  -10.504 10.998  1.000 12.183 ? 96  ASP AAA C   1 ? 
ATOM   481  O  O   . ASP A 1 57  ? 11.859  -9.715  10.503  1.000 13.226 ? 96  ASP AAA O   1 ? 
ATOM   482  C  CB  . ASP A 1 57  ? 12.746  -12.322 11.292  1.000 13.694 ? 96  ASP AAA CB  1 ? 
ATOM   483  C  CG  . ASP A 1 57  ? 12.330  -12.919 9.968   1.000 16.699 ? 96  ASP AAA CG  1 ? 
ATOM   484  O  OD1 . ASP A 1 57  ? 11.116  -13.102 9.735   1.000 17.169 ? 96  ASP AAA OD1 1 ? 
ATOM   485  O  OD2 . ASP A 1 57  ? 13.230  -13.253 9.160   1.000 21.622 ? 96  ASP AAA OD2 1 ? 
ATOM   486  N  N   . TYR A 1 58  ? 9.769   -10.494 10.716  1.000 11.456 ? 97  TYR AAA N   1 ? 
ATOM   487  C  CA  . TYR A 1 58  ? 9.276   -9.667  9.623   1.000 10.660 ? 97  TYR AAA CA  1 ? 
ATOM   488  C  C   . TYR A 1 58  ? 9.636   -8.202  9.832   1.000 11.220 ? 97  TYR AAA C   1 ? 
ATOM   489  O  O   . TYR A 1 58  ? 10.164  -7.580  8.921   1.000 11.702 ? 97  TYR AAA O   1 ? 
ATOM   490  C  CB  . TYR A 1 58  ? 7.753   -9.833  9.456   1.000 11.636 ? 97  TYR AAA CB  1 ? 
ATOM   491  C  CG  . TYR A 1 58  ? 7.233   -9.073  8.264   1.000 11.841 ? 97  TYR AAA CG  1 ? 
ATOM   492  C  CD1 . TYR A 1 58  ? 7.344   -9.590  6.972   1.000 11.729 ? 97  TYR AAA CD1 1 ? 
ATOM   493  C  CD2 . TYR A 1 58  ? 6.666   -7.832  8.426   1.000 11.890 ? 97  TYR AAA CD2 1 ? 
ATOM   494  C  CE1 . TYR A 1 58  ? 6.952   -8.856  5.858   1.000 11.845 ? 97  TYR AAA CE1 1 ? 
ATOM   495  C  CE2 . TYR A 1 58  ? 6.262   -7.100  7.330   1.000 12.726 ? 97  TYR AAA CE2 1 ? 
ATOM   496  C  CZ  . TYR A 1 58  ? 6.409   -7.599  6.052   1.000 12.914 ? 97  TYR AAA CZ  1 ? 
ATOM   497  O  OH  . TYR A 1 58  ? 5.986   -6.817  4.982   1.000 14.636 ? 97  TYR AAA OH  1 ? 
ATOM   498  N  N   . TYR A 1 59  ? 9.305   -7.673  11.016  1.000 12.250 ? 98  TYR AAA N   1 ? 
ATOM   499  C  CA  . TYR A 1 59  ? 9.517   -6.265  11.289  1.000 12.256 ? 98  TYR AAA CA  1 ? 
ATOM   500  C  C   . TYR A 1 59  ? 10.954  -6.003  11.738  1.000 14.856 ? 98  TYR AAA C   1 ? 
ATOM   501  O  O   . TYR A 1 59  ? 11.304  -4.837  11.971  1.000 17.586 ? 98  TYR AAA O   1 ? 
ATOM   502  C  CB  . TYR A 1 59  ? 8.438   -5.754  12.248  1.000 12.774 ? 98  TYR AAA CB  1 ? 
ATOM   503  C  CG  . TYR A 1 59  ? 7.083   -5.662  11.593  1.000 12.365 ? 98  TYR AAA CG  1 ? 
ATOM   504  C  CD1 . TYR A 1 59  ? 6.851   -4.766  10.563  1.000 13.563 ? 98  TYR AAA CD1 1 ? 
ATOM   505  C  CD2 . TYR A 1 59  ? 6.052   -6.526  11.969  1.000 12.119 ? 98  TYR AAA CD2 1 ? 
ATOM   506  C  CE1 . TYR A 1 59  ? 5.607   -4.703  9.948   1.000 13.011 ? 98  TYR AAA CE1 1 ? 
ATOM   507  C  CE2 . TYR A 1 59  ? 4.791   -6.457  11.392  1.000 12.412 ? 98  TYR AAA CE2 1 ? 
ATOM   508  C  CZ  . TYR A 1 59  ? 4.572   -5.517  10.372  1.000 12.575 ? 98  TYR AAA CZ  1 ? 
ATOM   509  O  OH  . TYR A 1 59  ? 3.351   -5.420  9.745   1.000 13.469 ? 98  TYR AAA OH  1 ? 
ATOM   510  N  N   . LYS A 1 60  ? 11.814  -7.016  11.765  1.000 14.301 ? 99  LYS AAA N   1 ? 
ATOM   511  C  CA  . LYS A 1 60  ? 13.244  -6.816  11.860  1.000 16.775 ? 99  LYS AAA CA  1 ? 
ATOM   512  C  C   . LYS A 1 60  ? 13.832  -6.494  10.487  1.000 16.569 ? 99  LYS AAA C   1 ? 
ATOM   513  O  O   . LYS A 1 60  ? 14.842  -5.785  10.371  1.000 20.597 ? 99  LYS AAA O   1 ? 
ATOM   514  C  CB  . LYS A 1 60  ? 13.894  -8.099  12.372  1.000 19.060 ? 99  LYS AAA CB  1 ? 
ATOM   515  C  CG  . LYS A 1 60  ? 13.778  -8.303  13.869  1.000 25.768 ? 99  LYS AAA CG  1 ? 
ATOM   516  C  CD  . LYS A 1 60  ? 14.800  -7.421  14.560  1.000 30.910 ? 99  LYS AAA CD  1 ? 
ATOM   517  C  CE  . LYS A 1 60  ? 16.192  -7.571  13.976  1.000 35.573 ? 99  LYS AAA CE  1 ? 
ATOM   518  N  NZ  . LYS A 1 60  ? 17.111  -6.473  14.373  1.000 39.553 ? 99  LYS AAA NZ  1 ? 
ATOM   519  N  N   . ILE A 1 61  ? 13.246  -7.072  9.421   1.000 13.103 ? 100 ILE AAA N   1 ? 
ATOM   520  C  CA  . ILE A 1 61  ? 13.657  -6.916  8.027   1.000 13.889 ? 100 ILE AAA CA  1 ? 
ATOM   521  C  C   . ILE A 1 61  ? 12.934  -5.735  7.371   1.000 13.044 ? 100 ILE AAA C   1 ? 
ATOM   522  O  O   . ILE A 1 61  ? 13.562  -4.959  6.636   1.000 15.618 ? 100 ILE AAA O   1 ? 
ATOM   523  C  CB  . ILE A 1 61  ? 13.423  -8.255  7.278   1.000 14.802 ? 100 ILE AAA CB  1 ? 
ATOM   524  C  CG1 . ILE A 1 61  ? 14.092  -9.468  7.950   1.000 17.803 ? 100 ILE AAA CG1 1 ? 
ATOM   525  C  CG2 . ILE A 1 61  ? 13.845  -8.130  5.824   1.000 16.490 ? 100 ILE AAA CG2 1 ? 
ATOM   526  C  CD1 . ILE A 1 61  ? 15.504  -9.241  8.264   1.000 21.937 ? 100 ILE AAA CD1 1 ? 
ATOM   527  N  N   . ILE A 1 62  ? 11.631  -5.639  7.584   1.000 12.029 ? 101 ILE AAA N   1 ? 
ATOM   528  C  CA  . ILE A 1 62  ? 10.801  -4.625  6.935   1.000 11.997 ? 101 ILE AAA CA  1 ? 
ATOM   529  C  C   . ILE A 1 62  ? 10.594  -3.493  7.927   1.000 12.460 ? 101 ILE AAA C   1 ? 
ATOM   530  O  O   . ILE A 1 62  ? 9.813   -3.616  8.873   1.000 13.961 ? 101 ILE AAA O   1 ? 
ATOM   531  C  CB  . ILE A 1 62  ? 9.490   -5.264  6.446   1.000 12.172 ? 101 ILE AAA CB  1 ? 
ATOM   532  C  CG1 . ILE A 1 62  ? 9.760   -6.349  5.389   1.000 12.726 ? 101 ILE AAA CG1 1 ? 
ATOM   533  C  CG2 . ILE A 1 62  ? 8.531   -4.200  5.922   1.000 12.572 ? 101 ILE AAA CG2 1 ? 
ATOM   534  C  CD1 . ILE A 1 62  ? 10.674  -5.938  4.221   1.000 14.433 ? 101 ILE AAA CD1 1 ? 
ATOM   535  N  N   . LYS A 1 63  ? 11.382  -2.451  7.747   1.000 11.630 ? 102 LYS AAA N   1 ? 
ATOM   536  C  CA  . LYS A 1 63  ? 11.337  -1.305  8.652   1.000 13.849 ? 102 LYS AAA CA  1 ? 
ATOM   537  C  C   . LYS A 1 63  ? 10.456  -0.186  8.114   1.000 14.427 ? 102 LYS AAA C   1 ? 
ATOM   538  O  O   . LYS A 1 63  ? 10.226  0.785   8.828   1.000 18.352 ? 102 LYS AAA O   1 ? 
ATOM   539  C  CB  . LYS A 1 63  ? 12.736  -0.741  8.890   1.000 15.492 ? 102 LYS AAA CB  1 ? 
ATOM   540  C  CG  . LYS A 1 63  ? 13.690  -1.707  9.553   1.000 20.573 ? 102 LYS AAA CG  1 ? 
ATOM   541  C  CD  . LYS A 1 63  ? 13.066  -2.211  10.806  1.000 24.253 ? 102 LYS AAA CD  1 ? 
ATOM   542  C  CE  . LYS A 1 63  ? 14.072  -2.687  11.824  1.000 29.515 ? 102 LYS AAA CE  1 ? 
ATOM   543  N  NZ  . LYS A 1 63  ? 13.354  -3.259  12.983  1.000 24.315 ? 102 LYS AAA NZ  1 ? 
ATOM   544  N  N   . THR A 1 64  ? 9.939   -0.272  6.880   1.000 14.141 ? 103 THR AAA N   1 ? 
ATOM   545  C  CA  . THR A 1 64  ? 9.007   0.708   6.349   1.000 15.199 ? 103 THR AAA CA  1 ? 
ATOM   546  C  C   . THR A 1 64  ? 7.779   -0.038  5.837   1.000 13.165 ? 103 THR AAA C   1 ? 
ATOM   547  O  O   . THR A 1 64  ? 7.549   -0.159  4.620   1.000 13.658 ? 103 THR AAA O   1 ? 
ATOM   548  C  CB  . THR A 1 64  ? 9.629   1.624   5.289   1.000 19.558 ? 103 THR AAA CB  1 ? 
ATOM   549  O  OG1 . THR A 1 64  ? 9.911   0.881   4.124   1.000 28.263 ? 103 THR AAA OG1 1 ? 
ATOM   550  C  CG2 . THR A 1 64  ? 10.859  2.344   5.782   1.000 19.312 ? 103 THR AAA CG2 1 ? 
ATOM   551  N  N   . PRO A 1 65  ? 6.918   -0.542  6.726   1.000 12.257 ? 104 PRO AAA N   1 ? 
ATOM   552  C  CA  . PRO A 1 65  ? 5.817   -1.373  6.280   1.000 12.939 ? 104 PRO AAA CA  1 ? 
ATOM   553  C  C   . PRO A 1 65  ? 4.762   -0.520  5.602   1.000 11.766 ? 104 PRO AAA C   1 ? 
ATOM   554  O  O   . PRO A 1 65  ? 4.590   0.662   5.870   1.000 12.737 ? 104 PRO AAA O   1 ? 
ATOM   555  C  CB  . PRO A 1 65  ? 5.242   -1.985  7.533   1.000 15.400 ? 104 PRO AAA CB  1 ? 
ATOM   556  C  CG  . PRO A 1 65  ? 6.027   -1.388  8.694   1.000 15.449 ? 104 PRO AAA CG  1 ? 
ATOM   557  C  CD  . PRO A 1 65  ? 7.041   -0.409  8.204   1.000 14.629 ? 104 PRO AAA CD  1 ? 
ATOM   558  N  N   . MET A 1 66  ? 4.058   -1.138  4.659   1.000 11.391 ? 105 MET AAA N   1 ? 
ATOM   559  C  CA  . MET A 1 66  ? 2.920   -0.441  4.062   1.000 10.432 ? 105 MET AAA CA  1 ? 
ATOM   560  C  C   . MET A 1 66  ? 1.986   -1.487  3.497   1.000 10.739 ? 105 MET AAA C   1 ? 
ATOM   561  O  O   . MET A 1 66  ? 2.440   -2.572  3.093   1.000 12.229 ? 105 MET AAA O   1 ? 
ATOM   562  C  CB  . MET A 1 66  ? 3.407   0.463   2.915   1.000 10.703 ? 105 MET AAA CB  1 ? 
ATOM   563  C  CG  . MET A 1 66  ? 2.364   1.420   2.320   1.000 11.398 ? 105 MET AAA CG  1 ? 
ATOM   564  S  SD  . MET A 1 66  ? 1.334   2.323   3.496   1.000 11.122 ? 105 MET AAA SD  1 ? 
ATOM   565  C  CE  . MET A 1 66  ? 2.549   3.272   4.404   1.000 13.418 ? 105 MET AAA CE  1 ? 
ATOM   566  N  N   . ASP A 1 67  ? 0.733   -1.165  3.425   1.000 10.519 ? 106 ASP AAA N   1 ? 
ATOM   567  C  CA  . ASP A 1 67  ? -0.300  -2.089  2.937   1.000 10.652 ? 106 ASP AAA CA  1 ? 
ATOM   568  C  C   . ASP A 1 67  ? -1.415  -1.270  2.310   1.000 10.351 ? 106 ASP AAA C   1 ? 
ATOM   569  O  O   . ASP A 1 67  ? -1.520  -0.050  2.560   1.000 9.908  ? 106 ASP AAA O   1 ? 
ATOM   570  C  CB  . ASP A 1 67  ? -0.842  -2.952  4.102   1.000 11.384 ? 106 ASP AAA CB  1 ? 
ATOM   571  C  CG  . ASP A 1 67  ? -1.610  -2.111  5.103   1.000 11.343 ? 106 ASP AAA CG  1 ? 
ATOM   572  O  OD1 . ASP A 1 67  ? -0.904  -1.422  5.920   1.000 12.176 ? 106 ASP AAA OD1 1 ? 
ATOM   573  O  OD2 . ASP A 1 67  ? -2.826  -1.992  5.012   1.000 12.166 ? 106 ASP AAA OD2 1 ? 
ATOM   574  N  N   . MET A 1 68  ? -2.286  -1.913  1.534   1.000 10.655 ? 107 MET AAA N   1 ? 
ATOM   575  C  CA  . MET A 1 68  ? -3.371  -1.205  0.879   1.000 9.539  ? 107 MET AAA CA  1 ? 
ATOM   576  C  C   . MET A 1 68  ? -4.491  -0.766  1.776   1.000 10.154 ? 107 MET AAA C   1 ? 
ATOM   577  O  O   . MET A 1 68  ? -5.197  0.162   1.442   1.000 11.063 ? 107 MET AAA O   1 ? 
ATOM   578  C  CB  . MET A 1 68  ? -4.009  -2.036  -0.223  1.000 11.927 ? 107 MET AAA CB  1 ? 
ATOM   579  C  CG  . MET A 1 68  ? -3.093  -2.253  -1.419  1.000 13.064 ? 107 MET AAA CG  1 ? 
ATOM   580  S  SD  . MET A 1 68  ? -3.967  -2.599  -2.965  1.000 14.185 ? 107 MET AAA SD  1 ? 
ATOM   581  C  CE  . MET A 1 68  ? -4.791  -4.116  -2.493  1.000 13.405 ? 107 MET AAA CE  1 ? 
ATOM   582  N  N   . GLY A 1 69  ? -4.654  -1.414  2.938   1.000 10.581 ? 108 GLY AAA N   1 ? 
ATOM   583  C  CA  . GLY A 1 69  ? -5.601  -0.893  3.902   1.000 11.891 ? 108 GLY AAA CA  1 ? 
ATOM   584  C  C   . GLY A 1 69  ? -5.204  0.488   4.425   1.000 11.599 ? 108 GLY AAA C   1 ? 
ATOM   585  O  O   . GLY A 1 69  ? -6.064  1.381   4.505   1.000 11.988 ? 108 GLY AAA O   1 ? 
ATOM   586  N  N   . THR A 1 70  ? -3.916  0.630   4.713   1.000 10.718 ? 109 THR AAA N   1 ? 
ATOM   587  C  CA  . THR A 1 70  ? -3.376  1.931   5.095   1.000 10.418 ? 109 THR AAA CA  1 ? 
ATOM   588  C  C   . THR A 1 70  ? -3.548  2.948   3.969   1.000 9.963  ? 109 THR AAA C   1 ? 
ATOM   589  O  O   . THR A 1 70  ? -4.003  4.065   4.211   1.000 10.456 ? 109 THR AAA O   1 ? 
ATOM   590  C  CB  . THR A 1 70  ? -1.911  1.761   5.511   1.000 10.367 ? 109 THR AAA CB  1 ? 
ATOM   591  O  OG1 . THR A 1 70  ? -1.865  0.905   6.659   1.000 12.325 ? 109 THR AAA OG1 1 ? 
ATOM   592  C  CG2 . THR A 1 70  ? -1.305  3.108   5.859   1.000 12.130 ? 109 THR AAA CG2 1 ? 
ATOM   593  N  N   . ILE A 1 71  ? -3.235  2.544   2.731   1.000 9.807  ? 110 ILE AAA N   1 ? 
ATOM   594  C  CA  . ILE A 1 71  ? -3.352  3.506   1.635   1.000 9.584  ? 110 ILE AAA CA  1 ? 
ATOM   595  C  C   . ILE A 1 71  ? -4.802  3.903   1.451   1.000 9.836  ? 110 ILE AAA C   1 ? 
ATOM   596  O  O   . ILE A 1 71  ? -5.101  5.075   1.198   1.000 11.076 ? 110 ILE AAA O   1 ? 
ATOM   597  C  CB  . ILE A 1 71  ? -2.775  2.844   0.360   1.000 9.198  ? 110 ILE AAA CB  1 ? 
ATOM   598  C  CG1 . ILE A 1 71  ? -1.277  2.636   0.528   1.000 9.744  ? 110 ILE AAA CG1 1 ? 
ATOM   599  C  CG2 . ILE A 1 71  ? -3.066  3.693   -0.876  1.000 10.396 ? 110 ILE AAA CG2 1 ? 
ATOM   600  C  CD1 . ILE A 1 71  ? -0.628  1.765   -0.526  1.000 11.289 ? 110 ILE AAA CD1 1 ? 
ATOM   601  N  N   . LYS A 1 72  ? -5.715  2.910   1.536   1.000 10.154 ? 111 LYS AAA N   1 ? 
ATOM   602  C  CA  . LYS A 1 72  ? -7.121  3.222   1.410   1.000 12.064 ? 111 LYS AAA CA  1 ? 
ATOM   603  C  C   . LYS A 1 72  ? -7.558  4.282   2.408   1.000 12.808 ? 111 LYS AAA C   1 ? 
ATOM   604  O  O   . LYS A 1 72  ? -8.269  5.238   2.047   1.000 13.138 ? 111 LYS AAA O   1 ? 
ATOM   605  C  CB  . LYS A 1 72  ? -7.925  1.930   1.540   1.000 13.040 ? 111 LYS AAA CB  1 ? 
ATOM   606  C  CG  . LYS A 1 72  ? -9.425  2.145   1.390   1.000 15.985 ? 111 LYS AAA CG  1 ? 
ATOM   607  C  CD  . LYS A 1 72  ? -10.128 0.791   1.395   1.000 18.470 ? 111 LYS AAA CD  1 ? 
ATOM   608  C  CE  . LYS A 1 72  ? -11.638 0.907   1.240   1.000 25.540 ? 111 LYS AAA CE  1 ? 
ATOM   609  N  NZ  . LYS A 1 72  ? -12.226 1.256   2.544   1.000 29.801 ? 111 LYS AAA NZ  1 ? 
ATOM   610  N  N   . LYS A 1 73  ? -7.159  4.070   3.656   1.000 11.914 ? 112 LYS AAA N   1 ? 
ATOM   611  C  CA  . LYS A 1 73  ? -7.492  5.040   4.687   1.000 14.274 ? 112 LYS AAA CA  1 ? 
ATOM   612  C  C   . LYS A 1 73  ? -6.867  6.411   4.427   1.000 12.688 ? 112 LYS AAA C   1 ? 
ATOM   613  O  O   . LYS A 1 73  ? -7.533  7.439   4.616   1.000 13.785 ? 112 LYS AAA O   1 ? 
ATOM   614  C  CB  . LYS A 1 73  ? -7.031  4.528   6.052   1.000 15.663 ? 112 LYS AAA CB  1 ? 
ATOM   615  C  CG  . LYS A 1 73  ? -7.886  3.401   6.621   1.000 21.851 ? 112 LYS AAA CG  1 ? 
ATOM   616  C  CD  . LYS A 1 73  ? -7.447  3.060   8.050   1.000 26.983 ? 112 LYS AAA CD  1 ? 
ATOM   617  C  CE  . LYS A 1 73  ? -7.860  1.699   8.560   1.000 33.787 ? 112 LYS AAA CE  1 ? 
ATOM   618  N  NZ  . LYS A 1 73  ? -6.920  0.663   8.069   1.000 40.029 ? 112 LYS AAA NZ  1 ? 
ATOM   619  N  N   . ARG A 1 74  ? -5.621  6.421   3.976   1.000 11.423 ? 113 ARG AAA N   1 ? 
ATOM   620  C  CA  . ARG A 1 74  ? -4.933  7.685   3.675   1.000 10.910 ? 113 ARG AAA CA  1 ? 
ATOM   621  C  C   . ARG A 1 74  ? -5.679  8.398   2.552   1.000 11.282 ? 113 ARG AAA C   1 ? 
ATOM   622  O  O   . ARG A 1 74  ? -5.834  9.615   2.602   1.000 13.269 ? 113 ARG AAA O   1 ? 
ATOM   623  C  CB  . ARG A 1 74  ? -3.465  7.455   3.325   1.000 10.133 ? 113 ARG AAA CB  1 ? 
ATOM   624  C  CG  . ARG A 1 74  ? -2.617  7.142   4.548   1.000 10.521 ? 113 ARG AAA CG  1 ? 
ATOM   625  C  CD  . ARG A 1 74  ? -1.184  6.897   4.178   1.000 10.148 ? 113 ARG AAA CD  1 ? 
ATOM   626  N  NE  . ARG A 1 74  ? -0.367  6.755   5.389   1.000 10.727 ? 113 ARG AAA NE  1 ? 
ATOM   627  C  CZ  . ARG A 1 74  ? 0.934   6.797   5.416   1.000 10.149 ? 113 ARG AAA CZ  1 ? 
ATOM   628  N  NH1 . ARG A 1 74  ? 1.678   6.856   4.326   1.000 13.012 ? 113 ARG AAA NH1 1 ? 
ATOM   629  N  NH2 . ARG A 1 74  ? 1.499   6.844   6.622   1.000 12.808 ? 113 ARG AAA NH2 1 ? 
ATOM   630  N  N   . LEU A 1 75  ? -6.129  7.681   1.524   1.000 11.085 ? 114 LEU AAA N   1 ? 
ATOM   631  C  CA  . LEU A 1 75  ? -6.849  8.339   0.437   1.000 11.176 ? 114 LEU AAA CA  1 ? 
ATOM   632  C  C   . LEU A 1 75  ? -8.221  8.800   0.909   1.000 11.861 ? 114 LEU AAA C   1 ? 
ATOM   633  O  O   . LEU A 1 75  ? -8.608  9.939   0.623   1.000 15.079 ? 114 LEU AAA O   1 ? 
ATOM   634  C  CB  . LEU A 1 75  ? -6.978  7.371   -0.733  1.000 10.632 ? 114 LEU AAA CB  1 ? 
ATOM   635  C  CG  . LEU A 1 75  ? -5.678  7.179   -1.507  1.000 10.824 ? 114 LEU AAA CG  1 ? 
ATOM   636  C  CD1 . LEU A 1 75  ? -5.786  5.979   -2.416  1.000 12.480 ? 114 LEU AAA CD1 1 ? 
ATOM   637  C  CD2 . LEU A 1 75  ? -5.341  8.451   -2.326  1.000 11.240 ? 114 LEU AAA CD2 1 ? 
ATOM   638  N  N   . GLU A 1 76  ? -8.954  7.968   1.637   1.000 13.634 ? 115 GLU AAA N   1 ? 
ATOM   639  C  CA  . GLU A 1 76  ? -10.325 8.308   2.010   1.000 15.965 ? 115 GLU AAA CA  1 ? 
ATOM   640  C  C   . GLU A 1 76  ? -10.324 9.441   3.027   1.000 16.656 ? 115 GLU AAA C   1 ? 
ATOM   641  O  O   . GLU A 1 76  ? -11.270 10.237  3.063   1.000 19.100 ? 115 GLU AAA O   1 ? 
ATOM   642  C  CB  . GLU A 1 76  ? -11.068 7.088   2.536   1.000 17.220 ? 115 GLU AAA CB  1 ? 
ATOM   643  C  CG  . GLU A 1 76  ? -11.381 6.042   1.474   1.000 18.613 ? 115 GLU AAA CG  1 ? 
ATOM   644  C  CD  . GLU A 1 76  ? -11.910 4.739   2.035   1.000 22.570 ? 115 GLU AAA CD  1 ? 
ATOM   645  O  OE1 . GLU A 1 76  ? -11.773 4.534   3.245   1.000 28.465 ? 115 GLU AAA OE1 1 ? 
ATOM   646  O  OE2 . GLU A 1 76  ? -12.386 3.938   1.233   1.000 27.390 ? 115 GLU AAA OE2 1 ? 
ATOM   647  N  N   . ASN A 1 77  ? -9.274  9.511   3.846   1.000 16.066 ? 116 ASN AAA N   1 ? 
ATOM   648  C  CA  . ASN A 1 77  ? -9.177  10.508  4.901   1.000 18.067 ? 116 ASN AAA CA  1 ? 
ATOM   649  C  C   . ASN A 1 77  ? -8.341  11.706  4.463   1.000 17.309 ? 116 ASN AAA C   1 ? 
ATOM   650  O  O   . ASN A 1 77  ? -8.006  12.525  5.331   1.000 23.596 ? 116 ASN AAA O   1 ? 
ATOM   651  C  CB  . ASN A 1 77  ? -8.690  9.839   6.187   1.000 23.563 ? 116 ASN AAA CB  1 ? 
ATOM   652  C  CG  . ASN A 1 77  ? -9.782  8.926   6.704   1.000 30.420 ? 116 ASN AAA CG  1 ? 
ATOM   653  O  OD1 . ASN A 1 77  ? -10.847 9.399   7.090   1.000 43.080 ? 116 ASN AAA OD1 1 ? 
ATOM   654  N  ND2 . ASN A 1 77  ? -9.581  7.621   6.652   1.000 35.559 ? 116 ASN AAA ND2 1 ? 
ATOM   655  N  N   . ASN A 1 78  ? -8.069  11.877  3.178   1.000 16.828 ? 117 ASN AAA N   1 ? 
ATOM   656  C  CA  . ASN A 1 78  ? -7.267  12.971  2.624   1.000 17.718 ? 117 ASN AAA CA  1 ? 
ATOM   657  C  C   . ASN A 1 78  ? -6.018  13.244  3.471   1.000 17.195 ? 117 ASN AAA C   1 ? 
ATOM   658  O  O   . ASN A 1 78  ? -5.793  14.347  4.017   1.000 21.361 ? 117 ASN AAA O   1 ? 
ATOM   659  C  CB  . ASN A 1 78  ? -8.139  14.199  2.319   1.000 24.215 ? 117 ASN AAA CB  1 ? 
ATOM   660  C  CG  . ASN A 1 78  ? -9.438  13.857  1.599   1.000 24.895 ? 117 ASN AAA CG  1 ? 
ATOM   661  O  OD1 . ASN A 1 78  ? -9.455  13.589  0.394   1.000 28.081 ? 117 ASN AAA OD1 1 ? 
ATOM   662  N  ND2 . ASN A 1 78  ? -10.541 13.893  2.331   1.000 31.665 ? 117 ASN AAA ND2 1 ? 
ATOM   663  N  N   . TYR A 1 79  ? -5.133  12.256  3.552   1.000 12.861 ? 118 TYR AAA N   1 ? 
ATOM   664  C  CA  . TYR A 1 79  ? -3.911  12.396  4.304   1.000 12.313 ? 118 TYR AAA CA  1 ? 
ATOM   665  C  C   . TYR A 1 79  ? -2.787  12.990  3.463   1.000 10.903 ? 118 TYR AAA C   1 ? 
ATOM   666  O  O   . TYR A 1 79  ? -1.837  13.506  3.987   1.000 11.185 ? 118 TYR AAA O   1 ? 
ATOM   667  C  CB  . TYR A 1 79  ? -3.552  10.988  4.799   1.000 11.939 ? 118 TYR AAA CB  1 ? 
ATOM   668  C  CG  . TYR A 1 79  ? -2.240  10.864  5.529   1.000 11.332 ? 118 TYR AAA CG  1 ? 
ATOM   669  C  CD1 . TYR A 1 79  ? -2.171  11.170  6.870   1.000 12.090 ? 118 TYR AAA CD1 1 ? 
ATOM   670  C  CD2 . TYR A 1 79  ? -1.076  10.422  4.901   1.000 12.276 ? 118 TYR AAA CD2 1 ? 
ATOM   671  C  CE1 . TYR A 1 79  ? -0.980  11.076  7.565   1.000 13.317 ? 118 TYR AAA CE1 1 ? 
ATOM   672  C  CE2 . TYR A 1 79  ? 0.122   10.316  5.573   1.000 12.844 ? 118 TYR AAA CE2 1 ? 
ATOM   673  C  CZ  . TYR A 1 79  ? 0.162   10.628  6.915   1.000 13.063 ? 118 TYR AAA CZ  1 ? 
ATOM   674  O  OH  . TYR A 1 79  ? 1.354   10.522  7.573   1.000 16.661 ? 118 TYR AAA OH  1 ? 
ATOM   675  N  N   . TYR A 1 80  ? -2.888  12.820  2.145   1.000 10.385 ? 119 TYR AAA N   1 ? 
ATOM   676  C  CA  . TYR A 1 80  ? -1.763  13.133  1.265   1.000 11.355 ? 119 TYR AAA CA  1 ? 
ATOM   677  C  C   . TYR A 1 80  ? -1.781  14.583  0.798   1.000 11.780 ? 119 TYR AAA C   1 ? 
ATOM   678  O  O   . TYR A 1 80  ? -2.851  15.199  0.728   1.000 12.833 ? 119 TYR AAA O   1 ? 
ATOM   679  C  CB  . TYR A 1 80  ? -1.816  12.241  0.029   1.000 12.093 ? 119 TYR AAA CB  1 ? 
ATOM   680  C  CG  . TYR A 1 80  ? -1.625  10.769  0.297   1.000 10.350 ? 119 TYR AAA CG  1 ? 
ATOM   681  C  CD1 . TYR A 1 80  ? -0.428  10.273  0.775   1.000 10.635 ? 119 TYR AAA CD1 1 ? 
ATOM   682  C  CD2 . TYR A 1 80  ? -2.641  9.862   0.021   1.000 10.716 ? 119 TYR AAA CD2 1 ? 
ATOM   683  C  CE1 . TYR A 1 80  ? -0.199  8.902   0.930   1.000 10.077 ? 119 TYR AAA CE1 1 ? 
ATOM   684  C  CE2 . TYR A 1 80  ? -2.439  8.513   0.171   1.000 10.331 ? 119 TYR AAA CE2 1 ? 
ATOM   685  C  CZ  . TYR A 1 80  ? -1.215  8.029   0.583   1.000 9.980  ? 119 TYR AAA CZ  1 ? 
ATOM   686  O  OH  . TYR A 1 80  ? -1.051  6.675   0.721   1.000 11.812 ? 119 TYR AAA OH  1 ? 
ATOM   687  N  N   . TRP A 1 81  ? -0.579  15.088  0.500   1.000 10.507 ? 120 TRP AAA N   1 ? 
ATOM   688  C  CA  . TRP A 1 81  ? -0.437  16.351  -0.237  1.000 11.026 ? 120 TRP AAA CA  1 ? 
ATOM   689  C  C   . TRP A 1 81  ? -0.396  16.160  -1.752  1.000 10.141 ? 120 TRP AAA C   1 ? 
ATOM   690  O  O   . TRP A 1 81  ? -0.878  17.012  -2.502  1.000 11.799 ? 120 TRP AAA O   1 ? 
ATOM   691  C  CB  . TRP A 1 81  ? 0.828   17.087  0.233   1.000 11.231 ? 120 TRP AAA CB  1 ? 
ATOM   692  C  CG  . TRP A 1 81  ? 0.980   18.456  -0.385  1.000 12.160 ? 120 TRP AAA CG  1 ? 
ATOM   693  C  CD1 . TRP A 1 81  ? 1.762   18.794  -1.459  1.000 13.572 ? 120 TRP AAA CD1 1 ? 
ATOM   694  C  CD2 . TRP A 1 81  ? 0.288   19.648  0.017   1.000 11.647 ? 120 TRP AAA CD2 1 ? 
ATOM   695  N  NE1 . TRP A 1 81  ? 1.599   20.131  -1.706  1.000 13.869 ? 120 TRP AAA NE1 1 ? 
ATOM   696  C  CE2 . TRP A 1 81  ? 0.668   20.686  -0.882  1.000 11.833 ? 120 TRP AAA CE2 1 ? 
ATOM   697  C  CE3 . TRP A 1 81  ? -0.648  19.984  0.996   1.000 11.993 ? 120 TRP AAA CE3 1 ? 
ATOM   698  C  CZ2 . TRP A 1 81  ? 0.200   21.988  -0.737  1.000 14.137 ? 120 TRP AAA CZ2 1 ? 
ATOM   699  C  CZ3 . TRP A 1 81  ? -1.144  21.275  1.109   1.000 13.459 ? 120 TRP AAA CZ3 1 ? 
ATOM   700  C  CH2 . TRP A 1 81  ? -0.734  22.277  0.216   1.000 13.204 ? 120 TRP AAA CH2 1 ? 
ATOM   701  N  N   . ASN A 1 82  ? 0.182   15.046  -2.200  1.000 11.953 ? 121 ASN AAA N   1 ? 
ATOM   702  C  CA  . ASN A 1 82  ? 0.298   14.887  -3.645  1.000 11.012 ? 121 ASN AAA CA  1 ? 
ATOM   703  C  C   . ASN A 1 82  ? 0.297   13.403  -4.010  1.000 10.951 ? 121 ASN AAA C   1 ? 
ATOM   704  O  O   . ASN A 1 82  ? 0.376   12.517  -3.137  1.000 11.533 ? 121 ASN AAA O   1 ? 
ATOM   705  C  CB  . ASN A 1 82  ? 1.543   15.632  -4.164  1.000 12.436 ? 121 ASN AAA CB  1 ? 
ATOM   706  C  CG  . ASN A 1 82  ? 2.859   15.093  -3.650  1.000 12.388 ? 121 ASN AAA CG  1 ? 
ATOM   707  O  OD1 . ASN A 1 82  ? 2.987   13.899  -3.372  1.000 13.815 ? 121 ASN AAA OD1 1 ? 
ATOM   708  N  ND2 . ASN A 1 82  ? 3.888   15.914  -3.517  1.000 13.498 ? 121 ASN AAA ND2 1 ? 
ATOM   709  N  N   . ALA A 1 83  ? 0.198   13.143  -5.302  1.000 11.164 ? 122 ALA AAA N   1 ? 
ATOM   710  C  CA  . ALA A 1 83  ? 0.154   11.777  -5.797  1.000 11.100 ? 122 ALA AAA CA  1 ? 
ATOM   711  C  C   . ALA A 1 83  ? 1.448   11.064  -5.519  1.000 10.971 ? 122 ALA AAA C   1 ? 
ATOM   712  O  O   . ALA A 1 83  ? 1.378   9.839   -5.306  1.000 11.296 ? 122 ALA AAA O   1 ? 
ATOM   713  C  CB  . ALA A 1 83  ? -0.069  11.801  -7.291  1.000 13.173 ? 122 ALA AAA CB  1 ? 
ATOM   714  N  N   . GLN A 1 84  ? 2.580   11.735  -5.573  1.000 10.634 ? 123 GLN AAA N   1 ? 
ATOM   715  C  CA  . GLN A 1 84  ? 3.848   11.066  -5.385  1.000 11.963 ? 123 GLN AAA CA  1 ? 
ATOM   716  C  C   . GLN A 1 84  ? 3.883   10.360  -4.041  1.000 10.564 ? 123 GLN AAA C   1 ? 
ATOM   717  O  O   . GLN A 1 84  ? 4.442   9.261   -3.934  1.000 10.567 ? 123 GLN AAA O   1 ? 
ATOM   718  C  CB  . GLN A 1 84  ? 5.039   12.020  -5.479  1.000 14.391 ? 123 GLN AAA CB  1 ? 
ATOM   719  C  CG  . GLN A 1 84  ? 6.388   11.269  -5.515  1.000 18.880 ? 123 GLN AAA CG  1 ? 
ATOM   720  C  CD  . GLN A 1 84  ? 6.379   9.988   -6.339  0.500 21.205 ? 123 GLN AAA CD  1 ? 
ATOM   721  O  OE1 . GLN A 1 84  ? 6.605   8.868   -5.838  0.500 25.598 ? 123 GLN AAA OE1 1 ? 
ATOM   722  N  NE2 . GLN A 1 84  ? 6.016   10.102  -7.609  0.500 23.839 ? 123 GLN AAA NE2 1 ? 
ATOM   723  N  N   . GLU A 1 85  ? 3.347   10.987  -2.993  1.000 10.046 ? 124 GLU AAA N   1 ? 
ATOM   724  C  CA  . GLU A 1 85  ? 3.365   10.337  -1.686  1.000 10.395 ? 124 GLU AAA CA  1 ? 
ATOM   725  C  C   . GLU A 1 85  ? 2.596   9.019   -1.736  1.000 10.098 ? 124 GLU AAA C   1 ? 
ATOM   726  O  O   . GLU A 1 85  ? 3.000   8.028   -1.098  1.000 10.368 ? 124 GLU AAA O   1 ? 
ATOM   727  C  CB  . GLU A 1 85  ? 2.691   11.238  -0.648  1.000 11.109 ? 124 GLU AAA CB  1 ? 
ATOM   728  C  CG  . GLU A 1 85  ? 3.535   12.466  -0.273  1.000 12.708 ? 124 GLU AAA CG  1 ? 
ATOM   729  C  CD  . GLU A 1 85  ? 2.911   13.442  0.687   1.000 17.306 ? 124 GLU AAA CD  1 ? 
ATOM   730  O  OE1 . GLU A 1 85  ? 3.659   14.316  1.217   1.000 21.883 ? 124 GLU AAA OE1 1 ? 
ATOM   731  O  OE2 . GLU A 1 85  ? 1.725   13.420  0.820   1.000 18.475 ? 124 GLU AAA OE2 1 ? 
ATOM   732  N  N   . CYS A 1 86  ? 1.466   8.997   -2.394  1.000 9.812  ? 125 CYS AAA N   1 ? 
ATOM   733  C  CA  . CYS A 1 86  ? 0.662   7.787   -2.449  1.000 10.285 ? 125 CYS AAA CA  1 ? 
ATOM   734  C  C   . CYS A 1 86  ? 1.304   6.729   -3.332  1.000 10.281 ? 125 CYS AAA C   1 ? 
ATOM   735  O  O   . CYS A 1 86  ? 1.355   5.548   -2.979  1.000 9.992  ? 125 CYS AAA O   1 ? 
ATOM   736  C  CB  . CYS A 1 86  ? -0.713  8.182   -2.979  1.000 10.670 ? 125 CYS AAA CB  1 ? 
ATOM   737  S  SG  . CYS A 1 86  ? -1.830  6.791   -3.183  1.000 12.297 ? 125 CYS AAA SG  1 ? 
ATOM   738  N  N   . ILE A 1 87  ? 1.810   7.142   -4.492  1.000 9.910  ? 126 ILE AAA N   1 ? 
ATOM   739  C  CA  . ILE A 1 87  ? 2.544   6.221   -5.347  1.000 9.907  ? 126 ILE AAA CA  1 ? 
ATOM   740  C  C   . ILE A 1 87  ? 3.713   5.585   -4.602  1.000 9.683  ? 126 ILE AAA C   1 ? 
ATOM   741  O  O   . ILE A 1 87  ? 3.989   4.380   -4.757  1.000 10.555 ? 126 ILE AAA O   1 ? 
ATOM   742  C  CB  . ILE A 1 87  ? 2.958   6.943   -6.650  1.000 11.146 ? 126 ILE AAA CB  1 ? 
ATOM   743  C  CG1 . ILE A 1 87  ? 1.710   7.244   -7.476  1.000 11.898 ? 126 ILE AAA CG1 1 ? 
ATOM   744  C  CG2 . ILE A 1 87  ? 3.930   6.090   -7.456  1.000 12.176 ? 126 ILE AAA CG2 1 ? 
ATOM   745  C  CD1 . ILE A 1 87  ? 1.978   8.252   -8.632  1.000 13.844 ? 126 ILE AAA CD1 1 ? 
ATOM   746  N  N   . GLN A 1 88  ? 4.411   6.389   -3.805  1.000 10.192 ? 127 GLN AAA N   1 ? 
ATOM   747  C  CA  . GLN A 1 88  ? 5.510   5.853   -3.025  1.000 11.304 ? 127 GLN AAA CA  1 ? 
ATOM   748  C  C   . GLN A 1 88  ? 4.999   4.785   -2.052  1.000 9.925  ? 127 GLN AAA C   1 ? 
ATOM   749  O  O   . GLN A 1 88  ? 5.693   3.788   -1.863  1.000 10.662 ? 127 GLN AAA O   1 ? 
ATOM   750  C  CB  . GLN A 1 88  ? 6.242   6.962   -2.274  1.000 12.978 ? 127 GLN AAA CB  1 ? 
ATOM   751  C  CG  . GLN A 1 88  ? 7.365   6.442   -1.365  1.000 18.319 ? 127 GLN AAA CG  1 ? 
ATOM   752  C  CD  . GLN A 1 88  ? 8.400   5.653   -2.142  1.000 25.228 ? 127 GLN AAA CD  1 ? 
ATOM   753  O  OE1 . GLN A 1 88  ? 8.608   4.445   -1.953  1.000 29.418 ? 127 GLN AAA OE1 1 ? 
ATOM   754  N  NE2 . GLN A 1 88  ? 9.031   6.310   -3.098  1.000 28.491 ? 127 GLN AAA NE2 1 ? 
ATOM   755  N  N   . ASP A 1 89  ? 3.830   4.974   -1.447  1.000 8.952  ? 128 ASP AAA N   1 ? 
ATOM   756  C  CA  . ASP A 1 89  ? 3.298   3.964   -0.540  1.000 9.202  ? 128 ASP AAA CA  1 ? 
ATOM   757  C  C   . ASP A 1 89  ? 3.020   2.665   -1.294  1.000 8.886  ? 128 ASP AAA C   1 ? 
ATOM   758  O  O   . ASP A 1 89  ? 3.367   1.595   -0.786  1.000 9.217  ? 128 ASP AAA O   1 ? 
ATOM   759  C  CB  . ASP A 1 89  ? 2.026   4.457   0.118   1.000 10.376 ? 128 ASP AAA CB  1 ? 
ATOM   760  C  CG  . ASP A 1 89  ? 2.258   5.485   1.234   1.000 11.412 ? 128 ASP AAA CG  1 ? 
ATOM   761  O  OD1 . ASP A 1 89  ? 3.406   5.617   1.696   1.000 12.971 ? 128 ASP AAA OD1 1 ? 
ATOM   762  O  OD2 . ASP A 1 89  ? 1.273   6.135   1.668   1.000 12.324 ? 128 ASP AAA OD2 1 ? 
ATOM   763  N  N   . PHE A 1 90  ? 2.437   2.724   -2.487  1.000 8.713  ? 129 PHE AAA N   1 ? 
ATOM   764  C  CA  . PHE A 1 90  ? 2.242   1.496   -3.248  1.000 9.611  ? 129 PHE AAA CA  1 ? 
ATOM   765  C  C   . PHE A 1 90  ? 3.589   0.846   -3.552  1.000 9.847  ? 129 PHE AAA C   1 ? 
ATOM   766  O  O   . PHE A 1 90  ? 3.730   -0.363  -3.389  1.000 9.874  ? 129 PHE AAA O   1 ? 
ATOM   767  C  CB  . PHE A 1 90  ? 1.493   1.763   -4.545  1.000 10.949 ? 129 PHE AAA CB  1 ? 
ATOM   768  C  CG  . PHE A 1 90  ? 0.001   1.864   -4.444  1.000 10.283 ? 129 PHE AAA CG  1 ? 
ATOM   769  C  CD1 . PHE A 1 90  ? -0.777  0.725   -4.357  1.000 11.207 ? 129 PHE AAA CD1 1 ? 
ATOM   770  C  CD2 . PHE A 1 90  ? -0.640  3.094   -4.446  1.000 11.257 ? 129 PHE AAA CD2 1 ? 
ATOM   771  C  CE1 . PHE A 1 90  ? -2.161  0.836   -4.344  1.000 12.249 ? 129 PHE AAA CE1 1 ? 
ATOM   772  C  CE2 . PHE A 1 90  ? -2.031  3.197   -4.377  1.000 12.015 ? 129 PHE AAA CE2 1 ? 
ATOM   773  C  CZ  . PHE A 1 90  ? -2.778  2.053   -4.337  1.000 13.485 ? 129 PHE AAA CZ  1 ? 
ATOM   774  N  N   . ASN A 1 91  ? 4.568   1.613   -3.984  1.000 9.674  ? 130 ASN AAA N   1 ? 
ATOM   775  C  CA  . ASN A 1 91  ? 5.854   1.029   -4.311  1.000 11.314 ? 130 ASN AAA CA  1 ? 
ATOM   776  C  C   . ASN A 1 91  ? 6.493   0.415   -3.082  1.000 11.246 ? 130 ASN AAA C   1 ? 
ATOM   777  O  O   . ASN A 1 91  ? 7.171   -0.618  -3.196  1.000 11.678 ? 130 ASN AAA O   1 ? 
ATOM   778  C  CB  . ASN A 1 91  ? 6.746   2.019   -5.039  1.000 12.953 ? 130 ASN AAA CB  1 ? 
ATOM   779  C  CG  . ASN A 1 91  ? 6.254   2.170   -6.478  1.000 17.470 ? 130 ASN AAA CG  1 ? 
ATOM   780  O  OD1 . ASN A 1 91  ? 5.833   1.202   -7.126  1.000 23.931 ? 130 ASN AAA OD1 1 ? 
ATOM   781  N  ND2 . ASN A 1 91  ? 6.220   3.368   -6.982  1.000 20.340 ? 130 ASN AAA ND2 1 ? 
ATOM   782  N  N   . THR A 1 92  ? 6.366   1.055   -1.947  1.000 10.118 ? 131 THR AAA N   1 ? 
ATOM   783  C  CA  . THR A 1 92  ? 6.928   0.474   -0.741  1.000 11.573 ? 131 THR AAA CA  1 ? 
ATOM   784  C  C   . THR A 1 92  ? 6.278   -0.875  -0.480  1.000 10.095 ? 131 THR AAA C   1 ? 
ATOM   785  O  O   . THR A 1 92  ? 6.960   -1.835  -0.055  1.000 10.027 ? 131 THR AAA O   1 ? 
ATOM   786  C  CB  . THR A 1 92  ? 6.706   1.436   0.425   1.000 10.750 ? 131 THR AAA CB  1 ? 
ATOM   787  O  OG1 . THR A 1 92  ? 7.494   2.607   0.208   1.000 13.919 ? 131 THR AAA OG1 1 ? 
ATOM   788  C  CG2 . THR A 1 92  ? 7.050   0.857   1.777   1.000 12.737 ? 131 THR AAA CG2 1 ? 
ATOM   789  N  N   . MET A 1 93  ? 4.946   -0.945  -0.555  1.000 9.391  ? 132 MET AAA N   1 ? 
ATOM   790  C  CA  . MET A 1 93  ? 4.267   -2.214  -0.330  1.000 10.278 ? 132 MET AAA CA  1 ? 
ATOM   791  C  C   . MET A 1 93  ? 4.788   -3.310  -1.241  1.000 9.748  ? 132 MET AAA C   1 ? 
ATOM   792  O  O   . MET A 1 93  ? 5.101   -4.399  -0.750  1.000 10.433 ? 132 MET AAA O   1 ? 
ATOM   793  C  CB  . MET A 1 93  ? 2.789   -2.006  -0.557  1.000 9.592  ? 132 MET AAA CB  1 ? 
ATOM   794  C  CG  . MET A 1 93  ? 1.970   -3.278  -0.391  1.000 11.657 ? 132 MET AAA CG  1 ? 
ATOM   795  S  SD  . MET A 1 93  ? 0.234   -2.972  -0.772  1.000 11.818 ? 132 MET AAA SD  1 ? 
ATOM   796  C  CE  . MET A 1 93  ? 0.262   -2.952  -2.559  1.000 15.085 ? 132 MET AAA CE  1 ? 
ATOM   797  N  N   . PHE A 1 94  ? 4.954   -3.016  -2.514  1.000 10.035 ? 133 PHE AAA N   1 ? 
ATOM   798  C  CA  . PHE A 1 94  ? 5.472   -4.056  -3.408  1.000 11.062 ? 133 PHE AAA CA  1 ? 
ATOM   799  C  C   . PHE A 1 94  ? 6.902   -4.415  -3.043  1.000 11.016 ? 133 PHE AAA C   1 ? 
ATOM   800  O  O   . PHE A 1 94  ? 7.265   -5.618  -3.006  1.000 11.082 ? 133 PHE AAA O   1 ? 
ATOM   801  C  CB  . PHE A 1 94  ? 5.404   -3.614  -4.870  1.000 11.134 ? 133 PHE AAA CB  1 ? 
ATOM   802  C  CG  . PHE A 1 94  ? 4.009   -3.322  -5.350  1.000 11.715 ? 133 PHE AAA CG  1 ? 
ATOM   803  C  CD1 . PHE A 1 94  ? 3.002   -4.265  -5.207  1.000 14.699 ? 133 PHE AAA CD1 1 ? 
ATOM   804  C  CD2 . PHE A 1 94  ? 3.697   -2.139  -6.016  1.000 13.099 ? 133 PHE AAA CD2 1 ? 
ATOM   805  C  CE1 . PHE A 1 94  ? 1.734   -4.024  -5.720  1.000 15.818 ? 133 PHE AAA CE1 1 ? 
ATOM   806  C  CE2 . PHE A 1 94  ? 2.406   -1.903  -6.482  1.000 15.797 ? 133 PHE AAA CE2 1 ? 
ATOM   807  C  CZ  . PHE A 1 94  ? 1.447   -2.841  -6.330  1.000 15.955 ? 133 PHE AAA CZ  1 ? 
ATOM   808  N  N   . THR A 1 95  ? 7.750   -3.409  -2.850  1.000 11.626 ? 134 THR AAA N   1 ? 
ATOM   809  C  CA  A THR A 1 95  ? 9.137   -3.732  -2.621  0.500 12.210 ? 134 THR AAA CA  1 ? 
ATOM   810  C  CA  B THR A 1 95  ? 9.156   -3.622  -2.554  0.500 11.680 ? 134 THR AAA CA  1 ? 
ATOM   811  C  C   . THR A 1 95  ? 9.305   -4.476  -1.300  1.000 11.504 ? 134 THR AAA C   1 ? 
ATOM   812  O  O   . THR A 1 95  ? 10.179  -5.359  -1.238  1.000 11.960 ? 134 THR AAA O   1 ? 
ATOM   813  C  CB  A THR A 1 95  ? 10.032  -2.537  -2.936  0.500 13.320 ? 134 THR AAA CB  1 ? 
ATOM   814  C  CB  B THR A 1 95  ? 9.906   -2.304  -2.343  0.500 12.222 ? 134 THR AAA CB  1 ? 
ATOM   815  O  OG1 A THR A 1 95  ? 9.593   -1.536  -2.028  0.500 17.338 ? 134 THR AAA OG1 1 ? 
ATOM   816  O  OG1 B THR A 1 95  ? 9.870   -1.602  -3.579  0.500 13.672 ? 134 THR AAA OG1 1 ? 
ATOM   817  C  CG2 A THR A 1 95  ? 9.838   -2.071  -4.363  0.500 13.095 ? 134 THR AAA CG2 1 ? 
ATOM   818  C  CG2 B THR A 1 95  ? 11.348  -2.518  -1.938  0.500 12.513 ? 134 THR AAA CG2 1 ? 
ATOM   819  N  N   . ASN A 1 96  ? 8.511   -4.193  -0.272  1.000 10.560 ? 135 ASN AAA N   1 ? 
ATOM   820  C  CA  . ASN A 1 96  ? 8.611   -4.957  0.957   1.000 10.614 ? 135 ASN AAA CA  1 ? 
ATOM   821  C  C   . ASN A 1 96  ? 8.419   -6.443  0.682   1.000 10.785 ? 135 ASN AAA C   1 ? 
ATOM   822  O  O   . ASN A 1 96  ? 9.091   -7.304  1.262   1.000 10.655 ? 135 ASN AAA O   1 ? 
ATOM   823  C  CB  . ASN A 1 96  ? 7.540   -4.526  1.958   1.000 11.810 ? 135 ASN AAA CB  1 ? 
ATOM   824  C  CG  . ASN A 1 96  ? 7.838   -3.164  2.569   1.000 12.836 ? 135 ASN AAA CG  1 ? 
ATOM   825  O  OD1 . ASN A 1 96  ? 8.932   -2.659  2.466   1.000 13.977 ? 135 ASN AAA OD1 1 ? 
ATOM   826  N  ND2 . ASN A 1 96  ? 6.833   -2.622  3.173   1.000 15.925 ? 135 ASN AAA ND2 1 ? 
ATOM   827  N  N   . CYS A 1 97  ? 7.453   -6.760  -0.149  1.000 9.820  ? 136 CYS AAA N   1 ? 
ATOM   828  C  CA  . CYS A 1 97  ? 7.154   -8.143  -0.463  1.000 10.239 ? 136 CYS AAA CA  1 ? 
ATOM   829  C  C   . CYS A 1 97  ? 8.320   -8.813  -1.193  1.000 9.834  ? 136 CYS AAA C   1 ? 
ATOM   830  O  O   . CYS A 1 97  ? 8.698   -9.919  -0.857  1.000 10.674 ? 136 CYS AAA O   1 ? 
ATOM   831  C  CB  . CYS A 1 97  ? 5.918   -8.145  -1.343  1.000 11.453 ? 136 CYS AAA CB  1 ? 
ATOM   832  S  SG  . CYS A 1 97  ? 5.315   -9.781  -1.720  1.000 14.816 ? 136 CYS AAA SG  1 ? 
ATOM   833  N  N   . TYR A 1 98  ? 8.911   -8.076  -2.112  1.000 9.541  ? 137 TYR AAA N   1 ? 
ATOM   834  C  CA  . TYR A 1 98  ? 9.999   -8.624  -2.881  1.000 11.005 ? 137 TYR AAA CA  1 ? 
ATOM   835  C  C   . TYR A 1 98  ? 11.252  -8.784  -2.046  1.000 12.371 ? 137 TYR AAA C   1 ? 
ATOM   836  O  O   . TYR A 1 98  ? 12.073  -9.661  -2.332  1.000 14.166 ? 137 TYR AAA O   1 ? 
ATOM   837  C  CB  . TYR A 1 98  ? 10.277  -7.761  -4.109  1.000 11.146 ? 137 TYR AAA CB  1 ? 
ATOM   838  C  CG  . TYR A 1 98  ? 9.069   -7.543  -4.982  1.000 11.310 ? 137 TYR AAA CG  1 ? 
ATOM   839  C  CD1 . TYR A 1 98  ? 8.072   -8.511  -5.120  1.000 11.738 ? 137 TYR AAA CD1 1 ? 
ATOM   840  C  CD2 . TYR A 1 98  ? 8.924   -6.357  -5.675  1.000 11.427 ? 137 TYR AAA CD2 1 ? 
ATOM   841  C  CE1 . TYR A 1 98  ? 6.963   -8.306  -5.931  1.000 12.100 ? 137 TYR AAA CE1 1 ? 
ATOM   842  C  CE2 . TYR A 1 98  ? 7.833   -6.153  -6.513  1.000 12.518 ? 137 TYR AAA CE2 1 ? 
ATOM   843  C  CZ  . TYR A 1 98  ? 6.854   -7.128  -6.631  1.000 13.184 ? 137 TYR AAA CZ  1 ? 
ATOM   844  O  OH  . TYR A 1 98  ? 5.755   -6.922  -7.427  1.000 14.881 ? 137 TYR AAA OH  1 ? 
ATOM   845  N  N   . ILE A 1 99  ? 11.437  -7.931  -1.058  1.000 12.018 ? 138 ILE AAA N   1 ? 
ATOM   846  C  CA  . ILE A 1 99  ? 12.600  -8.016  -0.183  1.000 12.810 ? 138 ILE AAA CA  1 ? 
ATOM   847  C  C   . ILE A 1 99  ? 12.449  -9.185  0.764   1.000 13.187 ? 138 ILE AAA C   1 ? 
ATOM   848  O  O   . ILE A 1 99  ? 13.426  -9.931  0.961   1.000 15.062 ? 138 ILE AAA O   1 ? 
ATOM   849  C  CB  . ILE A 1 99  ? 12.797  -6.690  0.592   1.000 15.488 ? 138 ILE AAA CB  1 ? 
ATOM   850  C  CG1 . ILE A 1 99  ? 13.269  -5.583  -0.358  1.000 18.150 ? 138 ILE AAA CG1 1 ? 
ATOM   851  C  CG2 . ILE A 1 99  ? 13.743  -6.889  1.788   1.000 16.480 ? 138 ILE AAA CG2 1 ? 
ATOM   852  C  CD1 . ILE A 1 99  ? 13.399  -4.253  0.304   1.000 25.126 ? 138 ILE AAA CD1 1 ? 
ATOM   853  N  N   . TYR A 1 100 ? 11.283  -9.366  1.371   1.000 11.626 ? 139 TYR AAA N   1 ? 
ATOM   854  C  CA  . TYR A 1 100 ? 11.139  -10.344 2.427   1.000 11.528 ? 139 TYR AAA CA  1 ? 
ATOM   855  C  C   . TYR A 1 100 ? 11.057  -11.759 1.858   1.000 12.329 ? 139 TYR AAA C   1 ? 
ATOM   856  O  O   . TYR A 1 100 ? 11.481  -12.700 2.532   1.000 13.322 ? 139 TYR AAA O   1 ? 
ATOM   857  C  CB  . TYR A 1 100 ? 9.918   -10.025 3.303   1.000 11.562 ? 139 TYR AAA CB  1 ? 
ATOM   858  C  CG  . TYR A 1 100 ? 9.831   -10.939 4.485   1.000 11.216 ? 139 TYR AAA CG  1 ? 
ATOM   859  C  CD1 . TYR A 1 100 ? 10.655  -10.765 5.595   1.000 12.356 ? 139 TYR AAA CD1 1 ? 
ATOM   860  C  CD2 . TYR A 1 100 ? 8.954   -12.004 4.482   1.000 11.405 ? 139 TYR AAA CD2 1 ? 
ATOM   861  C  CE1 . TYR A 1 100 ? 10.605  -11.629 6.666   1.000 13.159 ? 139 TYR AAA CE1 1 ? 
ATOM   862  C  CE2 . TYR A 1 100 ? 8.921   -12.895 5.539   1.000 12.709 ? 139 TYR AAA CE2 1 ? 
ATOM   863  C  CZ  . TYR A 1 100 ? 9.742   -12.693 6.634   1.000 12.784 ? 139 TYR AAA CZ  1 ? 
ATOM   864  O  OH  . TYR A 1 100 ? 9.685   -13.567 7.712   1.000 16.166 ? 139 TYR AAA OH  1 ? 
ATOM   865  N  N   . ASN A 1 101 ? 10.392  -11.937 0.721   1.000 11.386 ? 140 ASN AAA N   1 ? 
ATOM   866  C  CA  . ASN A 1 101 ? 9.982   -13.257 0.258   1.000 12.473 ? 140 ASN AAA CA  1 ? 
ATOM   867  C  C   . ASN A 1 101 ? 10.900  -13.739 -0.849  1.000 14.490 ? 140 ASN AAA C   1 ? 
ATOM   868  O  O   . ASN A 1 101 ? 11.504  -12.934 -1.568  1.000 17.979 ? 140 ASN AAA O   1 ? 
ATOM   869  C  CB  . ASN A 1 101 ? 8.522   -13.218 -0.175  1.000 12.107 ? 140 ASN AAA CB  1 ? 
ATOM   870  C  CG  . ASN A 1 101 ? 7.606   -12.893 0.973   1.000 12.321 ? 140 ASN AAA CG  1 ? 
ATOM   871  O  OD1 . ASN A 1 101 ? 7.322   -13.759 1.785   1.000 15.262 ? 140 ASN AAA OD1 1 ? 
ATOM   872  N  ND2 . ASN A 1 101 ? 7.129   -11.668 1.028   1.000 14.023 ? 140 ASN AAA ND2 1 ? 
ATOM   873  N  N   . LYS A 1 102 ? 10.879  -15.051 -1.075  1.000 16.009 ? 141 LYS AAA N   1 ? 
ATOM   874  C  CA  . LYS A 1 102 ? 11.671  -15.665 -2.135  1.000 17.252 ? 141 LYS AAA CA  1 ? 
ATOM   875  C  C   . LYS A 1 102 ? 11.008  -15.386 -3.478  1.000 16.465 ? 141 LYS AAA C   1 ? 
ATOM   876  O  O   . LYS A 1 102 ? 9.770   -15.425 -3.640  1.000 15.425 ? 141 LYS AAA O   1 ? 
ATOM   877  C  CB  . LYS A 1 102 ? 11.792  -17.182 -1.943  1.000 20.674 ? 141 LYS AAA CB  1 ? 
ATOM   878  C  CG  . LYS A 1 102 ? 12.584  -17.658 -0.726  1.000 26.519 ? 141 LYS AAA CG  1 ? 
ATOM   879  C  CD  . LYS A 1 102 ? 12.670  -19.175 -0.681  0.500 27.730 ? 141 LYS AAA CD  1 ? 
ATOM   880  C  CE  . LYS A 1 102 ? 12.451  -19.780 0.689   0.500 30.961 ? 141 LYS AAA CE  1 ? 
ATOM   881  N  NZ  . LYS A 1 102 ? 13.723  -20.277 1.265   1.000 36.773 ? 141 LYS AAA NZ  1 ? 
ATOM   882  N  N   . PRO A 1 103 ? 11.783  -15.153 -4.564  1.000 15.734 ? 142 PRO AAA N   1 ? 
ATOM   883  C  CA  . PRO A 1 103 ? 11.192  -15.018 -5.896  1.000 17.251 ? 142 PRO AAA CA  1 ? 
ATOM   884  C  C   . PRO A 1 103 ? 10.334  -16.238 -6.227  1.000 19.514 ? 142 PRO AAA C   1 ? 
ATOM   885  O  O   . PRO A 1 103 ? 10.661  -17.350 -5.835  1.000 20.715 ? 142 PRO AAA O   1 ? 
ATOM   886  C  CB  . PRO A 1 103 ? 12.391  -14.935 -6.867  1.000 19.219 ? 142 PRO AAA CB  1 ? 
ATOM   887  C  CG  . PRO A 1 103 ? 13.599  -14.723 -6.019  1.000 20.465 ? 142 PRO AAA CG  1 ? 
ATOM   888  C  CD  . PRO A 1 103 ? 13.254  -15.015 -4.576  1.000 17.034 ? 142 PRO AAA CD  1 ? 
ATOM   889  N  N   . GLY A 1 104 ? 9.221   -16.020 -6.915  1.000 21.920 ? 143 GLY AAA N   1 ? 
ATOM   890  C  CA  . GLY A 1 104 ? 8.394   -17.189 -7.191  1.000 21.993 ? 143 GLY AAA CA  1 ? 
ATOM   891  C  C   . GLY A 1 104 ? 7.551   -17.731 -6.015  1.000 20.606 ? 143 GLY AAA C   1 ? 
ATOM   892  O  O   . GLY A 1 104 ? 6.677   -18.569 -6.297  1.000 22.869 ? 143 GLY AAA O   1 ? 
ATOM   893  N  N   . ASP A 1 105 ? 7.744   -17.297 -4.743  1.000 16.941 ? 144 ASP AAA N   1 ? 
ATOM   894  C  CA  . ASP A 1 105 ? 6.778   -17.544 -3.686  1.000 16.633 ? 144 ASP AAA CA  1 ? 
ATOM   895  C  C   . ASP A 1 105 ? 5.391   -17.017 -4.097  1.000 13.492 ? 144 ASP AAA C   1 ? 
ATOM   896  O  O   . ASP A 1 105 ? 5.282   -16.038 -4.837  1.000 12.835 ? 144 ASP AAA O   1 ? 
ATOM   897  C  CB  . ASP A 1 105 ? 7.101   -16.848 -2.352  1.000 18.243 ? 144 ASP AAA CB  1 ? 
ATOM   898  C  CG  . ASP A 1 105 ? 8.147   -17.495 -1.451  1.000 21.845 ? 144 ASP AAA CG  1 ? 
ATOM   899  O  OD1 . ASP A 1 105 ? 8.546   -18.610 -1.779  1.000 25.798 ? 144 ASP AAA OD1 1 ? 
ATOM   900  O  OD2 . ASP A 1 105 ? 8.526   -16.884 -0.399  1.000 25.024 ? 144 ASP AAA OD2 1 ? 
ATOM   901  N  N   . ASP A 1 106 ? 4.313   -17.678 -3.648  1.000 12.221 ? 145 ASP AAA N   1 ? 
ATOM   902  C  CA  . ASP A 1 106 ? 2.991   -17.232 -4.037  1.000 11.664 ? 145 ASP AAA CA  1 ? 
ATOM   903  C  C   . ASP A 1 106 ? 2.763   -15.757 -3.762  1.000 11.043 ? 145 ASP AAA C   1 ? 
ATOM   904  O  O   . ASP A 1 106 ? 2.207   -15.084 -4.625  1.000 10.854 ? 145 ASP AAA O   1 ? 
ATOM   905  C  CB  . ASP A 1 106 ? 1.936   -18.013 -3.268  1.000 12.270 ? 145 ASP AAA CB  1 ? 
ATOM   906  C  CG  . ASP A 1 106 ? 1.680   -19.402 -3.835  1.000 14.870 ? 145 ASP AAA CG  1 ? 
ATOM   907  O  OD1 . ASP A 1 106 ? 2.105   -19.703 -4.947  1.000 15.392 ? 145 ASP AAA OD1 1 ? 
ATOM   908  O  OD2 . ASP A 1 106 ? 1.049   -20.174 -3.106  1.000 16.755 ? 145 ASP AAA OD2 1 ? 
ATOM   909  N  N   . ILE A 1 107 ? 3.202   -15.275 -2.607  1.000 10.001 ? 146 ILE AAA N   1 ? 
ATOM   910  C  CA  . ILE A 1 107 ? 2.885   -13.882 -2.291  1.000 11.670 ? 146 ILE AAA CA  1 ? 
ATOM   911  C  C   . ILE A 1 107 ? 3.582   -12.931 -3.288  1.000 10.427 ? 146 ILE AAA C   1 ? 
ATOM   912  O  O   . ILE A 1 107 ? 3.067   -11.857 -3.609  1.000 10.162 ? 146 ILE AAA O   1 ? 
ATOM   913  C  CB  . ILE A 1 107 ? 3.253   -13.606 -0.827  1.000 12.800 ? 146 ILE AAA CB  1 ? 
ATOM   914  C  CG1 . ILE A 1 107 ? 2.695   -12.260 -0.377  1.000 15.303 ? 146 ILE AAA CG1 1 ? 
ATOM   915  C  CG2 . ILE A 1 107 ? 4.747   -13.680 -0.558  1.000 13.014 ? 146 ILE AAA CG2 1 ? 
ATOM   916  C  CD1 . ILE A 1 107 ? 1.224   -12.190 -0.157  1.000 18.652 ? 146 ILE AAA CD1 1 ? 
ATOM   917  N  N   . VAL A 1 108 ? 4.765   -13.336 -3.768  1.000 10.019 ? 147 VAL AAA N   1 ? 
ATOM   918  C  CA  . VAL A 1 108 ? 5.488   -12.520 -4.725  1.000 10.618 ? 147 VAL AAA CA  1 ? 
ATOM   919  C  C   . VAL A 1 108 ? 4.729   -12.551 -6.049  1.000 10.441 ? 147 VAL AAA C   1 ? 
ATOM   920  O  O   . VAL A 1 108 ? 4.610   -11.520 -6.713  1.000 10.566 ? 147 VAL AAA O   1 ? 
ATOM   921  C  CB  . VAL A 1 108 ? 6.912   -13.040 -4.886  1.000 10.967 ? 147 VAL AAA CB  1 ? 
ATOM   922  C  CG1 . VAL A 1 108 ? 7.634   -12.346 -6.040  1.000 12.128 ? 147 VAL AAA CG1 1 ? 
ATOM   923  C  CG2 . VAL A 1 108 ? 7.683   -12.774 -3.605  1.000 12.654 ? 147 VAL AAA CG2 1 ? 
ATOM   924  N  N   . LEU A 1 109 ? 4.230   -13.720 -6.494  1.000 10.429 ? 148 LEU AAA N   1 ? 
ATOM   925  C  CA  . LEU A 1 109 ? 3.469   -13.740 -7.748  1.000 10.924 ? 148 LEU AAA CA  1 ? 
ATOM   926  C  C   . LEU A 1 109 ? 2.217   -12.885 -7.608  1.000 10.398 ? 148 LEU AAA C   1 ? 
ATOM   927  O  O   . LEU A 1 109 ? 1.794   -12.221 -8.557  1.000 11.302 ? 148 LEU AAA O   1 ? 
ATOM   928  C  CB  . LEU A 1 109 ? 3.054   -15.185 -8.045  1.000 12.927 ? 148 LEU AAA CB  1 ? 
ATOM   929  C  CG  . LEU A 1 109 ? 4.232   -16.129 -8.288  1.000 17.666 ? 148 LEU AAA CG  1 ? 
ATOM   930  C  CD1 . LEU A 1 109 ? 3.672   -17.535 -8.501  1.000 19.564 ? 148 LEU AAA CD1 1 ? 
ATOM   931  C  CD2 . LEU A 1 109 ? 5.062   -15.682 -9.485  1.000 21.097 ? 148 LEU AAA CD2 1 ? 
ATOM   932  N  N   . MET A 1 110 ? 1.623   -12.863 -6.412  1.000 10.020 ? 149 MET AAA N   1 ? 
ATOM   933  C  CA  . MET A 1 110 ? 0.418   -12.077 -6.213  1.000 10.169 ? 149 MET AAA CA  1 ? 
ATOM   934  C  C   . MET A 1 110 ? 0.760   -10.589 -6.276  1.000 9.707  ? 149 MET AAA C   1 ? 
ATOM   935  O  O   . MET A 1 110 ? 0.081   -9.802  -6.956  1.000 10.506 ? 149 MET AAA O   1 ? 
ATOM   936  C  CB  . MET A 1 110 ? -0.175  -12.420 -4.852  1.000 10.417 ? 149 MET AAA CB  1 ? 
ATOM   937  C  CG  . MET A 1 110 ? -0.714  -13.865 -4.863  1.000 10.843 ? 149 MET AAA CG  1 ? 
ATOM   938  S  SD  . MET A 1 110 ? -1.080  -14.491 -3.210  1.000 12.782 ? 149 MET AAA SD  1 ? 
ATOM   939  C  CE  . MET A 1 110 ? -2.768  -13.955 -3.113  1.000 14.023 ? 149 MET AAA CE  1 ? 
ATOM   940  N  N   . ALA A 1 111 ? 1.832   -10.178 -5.572  1.000 9.565  ? 150 ALA AAA N   1 ? 
ATOM   941  C  CA  . ALA A 1 111 ? 2.300   -8.801  -5.647  1.000 9.415  ? 150 ALA AAA CA  1 ? 
ATOM   942  C  C   . ALA A 1 111 ? 2.625   -8.387  -7.066  1.000 10.598 ? 150 ALA AAA C   1 ? 
ATOM   943  O  O   . ALA A 1 111 ? 2.302   -7.276  -7.498  1.000 11.316 ? 150 ALA AAA O   1 ? 
ATOM   944  C  CB  . ALA A 1 111 ? 3.476   -8.533  -4.723  1.000 10.371 ? 150 ALA AAA CB  1 ? 
ATOM   945  N  N   . GLU A 1 112 ? 3.283   -9.242  -7.828  1.000 10.683 ? 151 GLU AAA N   1 ? 
ATOM   946  C  CA  . GLU A 1 112 ? 3.641   -8.906  -9.190  1.000 12.123 ? 151 GLU AAA CA  1 ? 
ATOM   947  C  C   . GLU A 1 112 ? 2.432   -8.695  -10.075 1.000 11.465 ? 151 GLU AAA C   1 ? 
ATOM   948  O  O   . GLU A 1 112 ? 2.453   -7.805  -10.934 1.000 11.850 ? 151 GLU AAA O   1 ? 
ATOM   949  C  CB  . GLU A 1 112 ? 4.503   -9.985  -9.800  1.000 12.871 ? 151 GLU AAA CB  1 ? 
ATOM   950  C  CG  . GLU A 1 112 ? 5.914   -9.975  -9.230  1.000 15.942 ? 151 GLU AAA CG  1 ? 
ATOM   951  C  CD  . GLU A 1 112 ? 6.834   -11.114 -9.647  1.000 22.140 ? 151 GLU AAA CD  1 ? 
ATOM   952  O  OE1 . GLU A 1 112 ? 6.349   -12.235 -9.925  1.000 24.855 ? 151 GLU AAA OE1 1 ? 
ATOM   953  O  OE2 . GLU A 1 112 ? 8.064   -10.860 -9.660  1.000 27.389 ? 151 GLU AAA OE2 1 ? 
ATOM   954  N  N   . ALA A 1 113 ? 1.366   -9.477  -9.896  1.000 11.284 ? 152 ALA AAA N   1 ? 
ATOM   955  C  CA  . ALA A 1 113 ? 0.127   -9.262  -10.647 1.000 11.763 ? 152 ALA AAA CA  1 ? 
ATOM   956  C  C   . ALA A 1 113 ? -0.455  -7.898  -10.301 1.000 11.134 ? 152 ALA AAA C   1 ? 
ATOM   957  O  O   . ALA A 1 113 ? -0.941  -7.172  -11.187 1.000 12.104 ? 152 ALA AAA O   1 ? 
ATOM   958  C  CB  . ALA A 1 113 ? -0.838  -10.381 -10.363 1.000 12.362 ? 152 ALA AAA CB  1 ? 
ATOM   959  N  N   . LEU A 1 114 ? -0.517  -7.541  -9.000  1.000 10.713 ? 153 LEU AAA N   1 ? 
ATOM   960  C  CA  . LEU A 1 114 ? -1.031  -6.222  -8.643  1.000 10.543 ? 153 LEU AAA CA  1 ? 
ATOM   961  C  C   . LEU A 1 114 ? -0.155  -5.101  -9.168  1.000 11.023 ? 153 LEU AAA C   1 ? 
ATOM   962  O  O   . LEU A 1 114 ? -0.688  -4.086  -9.588  1.000 10.435 ? 153 LEU AAA O   1 ? 
ATOM   963  C  CB  . LEU A 1 114 ? -1.099  -6.119  -7.120  1.000 11.362 ? 153 LEU AAA CB  1 ? 
ATOM   964  C  CG  . LEU A 1 114 ? -1.996  -7.161  -6.456  1.000 15.295 ? 153 LEU AAA CG  1 ? 
ATOM   965  C  CD1 . LEU A 1 114 ? -1.861  -7.176  -4.954  1.000 17.033 ? 153 LEU AAA CD1 1 ? 
ATOM   966  C  CD2 . LEU A 1 114 ? -3.445  -7.001  -6.842  1.000 16.975 ? 153 LEU AAA CD2 1 ? 
ATOM   967  N  N   . GLU A 1 115 ? 1.156   -5.320  -9.160  1.000 10.174 ? 154 GLU AAA N   1 ? 
ATOM   968  C  CA  . GLU A 1 115 ? 2.046   -4.254  -9.624  1.000 10.892 ? 154 GLU AAA CA  1 ? 
ATOM   969  C  C   . GLU A 1 115 ? 1.901   -4.022  -11.124 1.000 10.859 ? 154 GLU AAA C   1 ? 
ATOM   970  O  O   . GLU A 1 115 ? 1.990   -2.877  -11.606 1.000 11.113 ? 154 GLU AAA O   1 ? 
ATOM   971  C  CB  . GLU A 1 115 ? 3.486   -4.602  -9.263  1.000 11.631 ? 154 GLU AAA CB  1 ? 
ATOM   972  C  CG  . GLU A 1 115 ? 4.429   -3.442  -9.584  1.000 14.406 ? 154 GLU AAA CG  1 ? 
ATOM   973  C  CD  . GLU A 1 115 ? 5.871   -3.720  -9.270  1.000 19.454 ? 154 GLU AAA CD  1 ? 
ATOM   974  O  OE1 . GLU A 1 115 ? 6.260   -4.902  -9.194  1.000 19.022 ? 154 GLU AAA OE1 1 ? 
ATOM   975  O  OE2 . GLU A 1 115 ? 6.621   -2.673  -9.204  1.000 23.163 ? 154 GLU AAA OE2 1 ? 
ATOM   976  N  N   . LYS A 1 116 ? 1.658   -5.080  -11.879 1.000 10.941 ? 155 LYS AAA N   1 ? 
ATOM   977  C  CA  . LYS A 1 116 ? 1.496   -4.919  -13.317 1.000 11.808 ? 155 LYS AAA CA  1 ? 
ATOM   978  C  C   . LYS A 1 116 ? 0.255   -4.081  -13.570 1.000 11.219 ? 155 LYS AAA C   1 ? 
ATOM   979  O  O   . LYS A 1 116 ? 0.247   -3.197  -14.424 1.000 11.594 ? 155 LYS AAA O   1 ? 
ATOM   980  C  CB  . LYS A 1 116 ? 1.305   -6.301  -13.944 1.000 13.457 ? 155 LYS AAA CB  1 ? 
ATOM   981  C  CG  . LYS A 1 116 ? 1.069   -6.273  -15.445 1.000 16.351 ? 155 LYS AAA CG  1 ? 
ATOM   982  C  CD  . LYS A 1 116 ? 1.121   -7.632  -16.047 1.000 19.841 ? 155 LYS AAA CD  1 ? 
ATOM   983  C  CE  . LYS A 1 116 ? 0.835   -7.577  -17.533 1.000 24.104 ? 155 LYS AAA CE  1 ? 
ATOM   984  N  NZ  . LYS A 1 116 ? 1.315   -8.806  -18.198 1.000 32.914 ? 155 LYS AAA NZ  1 ? 
ATOM   985  N  N   . LEU A 1 117 ? -0.829  -4.310  -12.825 1.000 10.968 ? 156 LEU AAA N   1 ? 
ATOM   986  C  CA  . LEU A 1 117 ? -2.035  -3.508  -12.981 1.000 11.690 ? 156 LEU AAA CA  1 ? 
ATOM   987  C  C   . LEU A 1 117 ? -1.762  -2.076  -12.553 1.000 10.832 ? 156 LEU AAA C   1 ? 
ATOM   988  O  O   . LEU A 1 117 ? -2.240  -1.116  -13.187 1.000 11.535 ? 156 LEU AAA O   1 ? 
ATOM   989  C  CB  . LEU A 1 117 ? -3.174  -4.136  -12.161 1.000 14.491 ? 156 LEU AAA CB  1 ? 
ATOM   990  C  CG  . LEU A 1 117 ? -3.773  -5.405  -12.776 1.000 21.687 ? 156 LEU AAA CG  1 ? 
ATOM   991  C  CD1 . LEU A 1 117 ? -4.817  -5.995  -11.845 1.000 24.447 ? 156 LEU AAA CD1 1 ? 
ATOM   992  C  CD2 . LEU A 1 117 ? -4.424  -5.119  -14.127 1.000 27.226 ? 156 LEU AAA CD2 1 ? 
ATOM   993  N  N   . PHE A 1 118 ? -1.058  -1.945  -11.430 1.000 10.687 ? 157 PHE AAA N   1 ? 
ATOM   994  C  CA  . PHE A 1 118 ? -0.714  -0.631  -10.921 1.000 10.430 ? 157 PHE AAA CA  1 ? 
ATOM   995  C  C   . PHE A 1 118 ? -0.018  0.180   -11.995 1.000 10.606 ? 157 PHE AAA C   1 ? 
ATOM   996  O  O   . PHE A 1 118 ? -0.369  1.349   -12.183 1.000 11.376 ? 157 PHE AAA O   1 ? 
ATOM   997  C  CB  . PHE A 1 118 ? 0.134   -0.778  -9.647  1.000 10.934 ? 157 PHE AAA CB  1 ? 
ATOM   998  C  CG  . PHE A 1 118 ? 0.580   0.521   -9.041  1.000 10.999 ? 157 PHE AAA CG  1 ? 
ATOM   999  C  CD1 . PHE A 1 118 ? -0.316  1.299   -8.332  1.000 11.870 ? 157 PHE AAA CD1 1 ? 
ATOM   1000 C  CD2 . PHE A 1 118 ? 1.910   0.928   -9.176  1.000 13.916 ? 157 PHE AAA CD2 1 ? 
ATOM   1001 C  CE1 . PHE A 1 118 ? 0.112   2.512   -7.777  1.000 13.128 ? 157 PHE AAA CE1 1 ? 
ATOM   1002 C  CE2 . PHE A 1 118 ? 2.332   2.105   -8.548  1.000 16.157 ? 157 PHE AAA CE2 1 ? 
ATOM   1003 C  CZ  . PHE A 1 118 ? 1.412   2.890   -7.901  1.000 16.050 ? 157 PHE AAA CZ  1 ? 
ATOM   1004 N  N   . LEU A 1 119 ? 1.003   -0.373  -12.592 1.000 10.224 ? 158 LEU AAA N   1 ? 
ATOM   1005 C  CA  . LEU A 1 119 ? 1.807   0.369   -13.556 1.000 12.633 ? 158 LEU AAA CA  1 ? 
ATOM   1006 C  C   . LEU A 1 119 ? 0.929   0.811   -14.734 1.000 11.968 ? 158 LEU AAA C   1 ? 
ATOM   1007 O  O   . LEU A 1 119 ? 1.052   1.950   -15.234 1.000 12.859 ? 158 LEU AAA O   1 ? 
ATOM   1008 C  CB  . LEU A 1 119 ? 2.979   -0.493  -14.041 1.000 15.159 ? 158 LEU AAA CB  1 ? 
ATOM   1009 C  CG  . LEU A 1 119 ? 3.920   0.129   -15.087 1.000 20.931 ? 158 LEU AAA CG  1 ? 
ATOM   1010 C  CD1 . LEU A 1 119 ? 4.486   1.441   -14.548 1.000 23.364 ? 158 LEU AAA CD1 1 ? 
ATOM   1011 C  CD2 . LEU A 1 119 ? 5.046   -0.859  -15.415 1.000 22.511 ? 158 LEU AAA CD2 1 ? 
ATOM   1012 N  N   . GLN A 1 120 ? 0.068   -0.077  -15.213 1.000 11.757 ? 159 GLN AAA N   1 ? 
ATOM   1013 C  CA  . GLN A 1 120 ? -0.817  0.276   -16.316 1.000 12.808 ? 159 GLN AAA CA  1 ? 
ATOM   1014 C  C   . GLN A 1 120 ? -1.647  1.484   -15.919 1.000 13.214 ? 159 GLN AAA C   1 ? 
ATOM   1015 O  O   . GLN A 1 120 ? -1.840  2.404   -16.738 1.000 15.620 ? 159 GLN AAA O   1 ? 
ATOM   1016 C  CB  . GLN A 1 120 ? -1.747  -0.903  -16.596 1.000 15.700 ? 159 GLN AAA CB  1 ? 
ATOM   1017 C  CG  . GLN A 1 120 ? -1.148  -1.996  -17.448 1.000 21.032 ? 159 GLN AAA CG  1 ? 
ATOM   1018 C  CD  . GLN A 1 120 ? -2.078  -3.168  -17.679 0.500 21.739 ? 159 GLN AAA CD  1 ? 
ATOM   1019 O  OE1 . GLN A 1 120 ? -3.250  -3.175  -17.278 0.500 26.436 ? 159 GLN AAA OE1 1 ? 
ATOM   1020 N  NE2 . GLN A 1 120 ? -1.570  -4.166  -18.391 0.500 24.096 ? 159 GLN AAA NE2 1 ? 
ATOM   1021 N  N   . LYS A 1 121 ? -2.216  1.490   -14.717 1.000 12.004 ? 160 LYS AAA N   1 ? 
ATOM   1022 C  CA  . LYS A 1 121 ? -3.039  2.608   -14.290 1.000 12.678 ? 160 LYS AAA CA  1 ? 
ATOM   1023 C  C   . LYS A 1 121 ? -2.217  3.862   -14.073 1.000 13.518 ? 160 LYS AAA C   1 ? 
ATOM   1024 O  O   . LYS A 1 121 ? -2.675  4.969   -14.418 1.000 14.190 ? 160 LYS AAA O   1 ? 
ATOM   1025 C  CB  . LYS A 1 121 ? -3.824  2.283   -13.027 1.000 14.956 ? 160 LYS AAA CB  1 ? 
ATOM   1026 C  CG  . LYS A 1 121 ? -4.737  1.093   -13.185 1.000 17.910 ? 160 LYS AAA CG  1 ? 
ATOM   1027 C  CD  . LYS A 1 121 ? -5.725  1.358   -14.304 1.000 21.535 ? 160 LYS AAA CD  1 ? 
ATOM   1028 C  CE  . LYS A 1 121 ? -7.043  0.677   -14.042 1.000 26.961 ? 160 LYS AAA CE  1 ? 
ATOM   1029 N  NZ  . LYS A 1 121 ? -7.660  0.208   -15.304 1.000 28.099 ? 160 LYS AAA NZ  1 ? 
ATOM   1030 N  N   . ILE A 1 122 ? -0.992  3.753   -13.538 1.000 12.147 ? 161 ILE AAA N   1 ? 
ATOM   1031 C  CA  . ILE A 1 122 ? -0.216  4.961   -13.236 1.000 13.172 ? 161 ILE AAA CA  1 ? 
ATOM   1032 C  C   . ILE A 1 122 ? 0.281   5.617   -14.518 1.000 13.383 ? 161 ILE AAA C   1 ? 
ATOM   1033 O  O   . ILE A 1 122 ? 0.486   6.839   -14.566 1.000 13.716 ? 161 ILE AAA O   1 ? 
ATOM   1034 C  CB  . ILE A 1 122 ? 0.950   4.688   -12.275 1.000 14.867 ? 161 ILE AAA CB  1 ? 
ATOM   1035 C  CG1 . ILE A 1 122 ? 0.415   4.275   -10.901 1.000 19.025 ? 161 ILE AAA CG1 1 ? 
ATOM   1036 C  CG2 . ILE A 1 122 ? 1.864   5.927   -12.162 1.000 20.766 ? 161 ILE AAA CG2 1 ? 
ATOM   1037 C  CD1 . ILE A 1 122 ? -0.390  5.366   -10.222 1.000 19.066 ? 161 ILE AAA CD1 1 ? 
ATOM   1038 N  N   . ASN A 1 123 ? 0.502   4.812   -15.554 1.000 13.297 ? 162 ASN AAA N   1 ? 
ATOM   1039 C  CA  . ASN A 1 123 ? 0.886   5.365   -16.847 1.000 15.021 ? 162 ASN AAA CA  1 ? 
ATOM   1040 C  C   . ASN A 1 123 ? -0.206  6.291   -17.379 1.000 15.835 ? 162 ASN AAA C   1 ? 
ATOM   1041 O  O   . ASN A 1 123 ? 0.131   7.173   -18.188 1.000 16.340 ? 162 ASN AAA O   1 ? 
ATOM   1042 C  CB  . ASN A 1 123 ? 1.298   4.261   -17.837 1.000 17.407 ? 162 ASN AAA CB  1 ? 
ATOM   1043 C  CG  . ASN A 1 123 ? 2.649   3.658   -17.521 1.000 17.613 ? 162 ASN AAA CG  1 ? 
ATOM   1044 O  OD1 . ASN A 1 123 ? 3.449   4.233   -16.805 1.000 20.646 ? 162 ASN AAA OD1 1 ? 
ATOM   1045 N  ND2 . ASN A 1 123 ? 2.932   2.508   -18.105 1.000 20.739 ? 162 ASN AAA ND2 1 ? 
ATOM   1046 N  N   . GLU A 1 124 ? -1.462  6.161   -16.931 1.000 13.464 ? 163 GLU AAA N   1 ? 
ATOM   1047 C  CA  . GLU A 1 124 ? -2.575  7.012   -17.331 1.000 15.485 ? 163 GLU AAA CA  1 ? 
ATOM   1048 C  C   . GLU A 1 124 ? -2.984  7.998   -16.243 1.000 15.547 ? 163 GLU AAA C   1 ? 
ATOM   1049 O  O   . GLU A 1 124 ? -4.006  8.665   -16.341 1.000 17.489 ? 163 GLU AAA O   1 ? 
ATOM   1050 C  CB  . GLU A 1 124 ? -3.763  6.138   -17.722 1.000 17.166 ? 163 GLU AAA CB  1 ? 
ATOM   1051 C  CG  . GLU A 1 124 ? -3.530  5.397   -19.046 1.000 21.494 ? 163 GLU AAA CG  1 ? 
ATOM   1052 C  CD  . GLU A 1 124 ? -3.555  6.247   -20.320 1.000 22.853 ? 163 GLU AAA CD  1 ? 
ATOM   1053 O  OE1 . GLU A 1 124 ? -3.693  7.485   -20.253 1.000 26.357 ? 163 GLU AAA OE1 1 ? 
ATOM   1054 O  OE2 . GLU A 1 124 ? -3.443  5.639   -21.405 1.000 27.565 ? 163 GLU AAA OE2 1 ? 
ATOM   1055 N  N   . LEU A 1 125 ? -2.148  8.146   -15.211 1.000 13.816 ? 164 LEU AAA N   1 ? 
ATOM   1056 C  CA  . LEU A 1 125 ? -2.424  9.159   -14.203 1.000 13.944 ? 164 LEU AAA CA  1 ? 
ATOM   1057 C  C   . LEU A 1 125 ? -2.611  10.489  -14.916 1.000 13.234 ? 164 LEU AAA C   1 ? 
ATOM   1058 O  O   . LEU A 1 125 ? -1.731  10.882  -15.687 1.000 13.671 ? 164 LEU AAA O   1 ? 
ATOM   1059 C  CB  . LEU A 1 125 ? -1.244  9.185   -13.241 1.000 13.916 ? 164 LEU AAA CB  1 ? 
ATOM   1060 C  CG  . LEU A 1 125 ? -1.339  10.148  -12.055 1.000 13.130 ? 164 LEU AAA CG  1 ? 
ATOM   1061 C  CD1 . LEU A 1 125 ? -2.250  9.530   -11.006 1.000 16.093 ? 164 LEU AAA CD1 1 ? 
ATOM   1062 C  CD2 . LEU A 1 125 ? 0.041   10.426  -11.456 1.000 16.189 ? 164 LEU AAA CD2 1 ? 
ATOM   1063 N  N   . PRO A 1 126 ? -3.696  11.226  -14.636 1.000 14.296 ? 165 PRO AAA N   1 ? 
ATOM   1064 C  CA  . PRO A 1 126 ? -3.955  12.438  -15.389 1.000 15.161 ? 165 PRO AAA CA  1 ? 
ATOM   1065 C  C   . PRO A 1 126 ? -3.011  13.540  -15.057 1.000 14.746 ? 165 PRO AAA C   1 ? 
ATOM   1066 O  O   . PRO A 1 126 ? -2.474  13.655  -13.951 1.000 14.144 ? 165 PRO AAA O   1 ? 
ATOM   1067 C  CB  . PRO A 1 126 ? -5.327  12.919  -14.947 1.000 17.250 ? 165 PRO AAA CB  1 ? 
ATOM   1068 C  CG  . PRO A 1 126 ? -5.493  12.285  -13.615 1.000 20.743 ? 165 PRO AAA CG  1 ? 
ATOM   1069 C  CD  . PRO A 1 126 ? -4.780  10.936  -13.670 1.000 16.232 ? 165 PRO AAA CD  1 ? 
ATOM   1070 N  N   . THR A 1 127 ? -2.897  14.397  -16.066 1.000 16.705 ? 166 THR AAA N   1 ? 
ATOM   1071 C  CA  . THR A 1 127 ? -2.186  15.638  -15.868 1.000 16.937 ? 166 THR AAA CA  1 ? 
ATOM   1072 C  C   . THR A 1 127 ? -2.815  16.385  -14.679 1.000 16.702 ? 166 THR AAA C   1 ? 
ATOM   1073 O  O   . THR A 1 127 ? -4.037  16.417  -14.567 1.000 18.687 ? 166 THR AAA O   1 ? 
ATOM   1074 C  CB  . THR A 1 127 ? -2.215  16.483  -17.151 1.000 19.947 ? 166 THR AAA CB  1 ? 
ATOM   1075 O  OG1 . THR A 1 127 ? -1.800  15.614  -18.212 1.000 20.760 ? 166 THR AAA OG1 1 ? 
ATOM   1076 C  CG2 . THR A 1 127 ? -1.306  17.692  -17.031 1.000 22.633 ? 166 THR AAA CG2 1 ? 
ATOM   1077 N  N   . GLU A 1 128 ? -1.972  16.897  -13.783 1.000 19.805 ? 167 GLU AAA N   1 ? 
ATOM   1078 C  CA  . GLU A 1 128 ? -2.491  17.650  -12.641 1.000 24.629 ? 167 GLU AAA CA  1 ? 
ATOM   1079 C  C   . GLU A 1 128 ? -3.206  18.920  -13.097 1.000 27.985 ? 167 GLU AAA C   1 ? 
ATOM   1080 O  O   . GLU A 1 128 ? -2.649  19.733  -13.838 1.000 30.959 ? 167 GLU AAA O   1 ? 
ATOM   1081 C  CB  . GLU A 1 128 ? -1.370  17.984  -11.655 1.000 27.880 ? 167 GLU AAA CB  1 ? 
ATOM   1082 C  CG  . GLU A 1 128 ? -1.855  18.718  -10.421 1.000 34.391 ? 167 GLU AAA CG  1 ? 
ATOM   1083 C  CD  . GLU A 1 128 ? -0.783  18.886  -9.360  1.000 38.670 ? 167 GLU AAA CD  1 ? 
ATOM   1084 O  OE1 . GLU A 1 128 ? 0.407   18.851  -9.733  1.000 42.111 ? 167 GLU AAA OE1 1 ? 
ATOM   1085 O  OE2 . GLU A 1 128 ? -1.136  19.047  -8.170  1.000 40.935 ? 167 GLU AAA OE2 1 ? 
ATOM   1086 N  N   . GLU A 1 129 ? -4.450  19.107  -12.641 1.000 31.303 ? 168 GLU AAA N   1 ? 
ATOM   1087 C  CA  . GLU A 1 129 ? -5.160  20.313  -13.046 1.000 37.167 ? 168 GLU AAA CA  1 ? 
ATOM   1088 C  C   . GLU A 1 129 ? -5.426  21.190  -11.818 1.000 46.279 ? 168 GLU AAA C   1 ? 
ATOM   1089 O  O   . GLU A 1 129 ? -4.993  20.870  -10.704 1.000 52.391 ? 168 GLU AAA O   1 ? 
ATOM   1090 C  CB  . GLU A 1 129 ? -6.385  20.005  -13.909 1.000 42.399 ? 168 GLU AAA CB  1 ? 
ATOM   1091 C  CG  . GLU A 1 129 ? -7.570  19.467  -13.129 1.000 46.918 ? 168 GLU AAA CG  1 ? 
ATOM   1092 C  CD  . GLU A 1 129 ? -8.360  18.396  -13.861 1.000 50.550 ? 168 GLU AAA CD  1 ? 
ATOM   1093 O  OE1 . GLU A 1 129 ? -8.053  18.135  -15.062 1.000 50.138 ? 168 GLU AAA OE1 1 ? 
ATOM   1094 O  OE2 . GLU A 1 129 ? -9.277  17.818  -13.229 1.000 52.528 ? 168 GLU AAA OE2 1 ? 
ATOM   1095 O  OXT . GLU A 1 129 ? -6.063  22.240  -11.944 1.000 50.289 ? 168 GLU AAA OXT 1 ? 
HETATM 1096 C  C4  . IJU B 2 .   ? 3.383   -11.916 4.210   1.000 44.360 ? 201 IJU AAA C4  1 ? 
HETATM 1097 C  C5  . IJU B 2 .   ? 2.476   -11.006 3.733   1.000 50.954 ? 201 IJU AAA C5  1 ? 
HETATM 1098 C  C6  . IJU B 2 .   ? 2.922   -9.964  2.930   1.000 44.995 ? 201 IJU AAA C6  1 ? 
HETATM 1099 C  C7  . IJU B 2 .   ? 4.271   -9.889  2.637   1.000 41.980 ? 201 IJU AAA C7  1 ? 
HETATM 1100 N  N1  . IJU B 2 .   ? 5.176   -10.776 3.098   1.000 30.072 ? 201 IJU AAA N1  1 ? 
HETATM 1101 C  C3  . IJU B 2 .   ? 4.726   -11.762 3.900   1.000 37.270 ? 201 IJU AAA C3  1 ? 
HETATM 1102 C  C1  . IJU B 2 .   ? 5.686   -15.172 4.418   1.000 39.440 ? 201 IJU AAA C1  1 ? 
HETATM 1103 O  O1  . IJU B 2 .   ? 5.477   -13.988 3.651   1.000 42.396 ? 201 IJU AAA O1  1 ? 
HETATM 1104 C  C2  . IJU B 2 .   ? 5.731   -12.783 4.356   1.000 41.249 ? 201 IJU AAA C2  1 ? 
HETATM 1105 BR BR1 . IJU B 2 .   ? 0.639   -11.191 4.193   1.000 83.089 ? 201 IJU AAA BR1 1 ? 
HETATM 1106 C  C1  . GOL C 3 .   ? 11.712  -1.209  3.842   1.000 28.975 ? 202 GOL AAA C1  1 ? 
HETATM 1107 O  O1  . GOL C 3 .   ? 10.631  -1.809  4.552   1.000 18.542 ? 202 GOL AAA O1  1 ? 
HETATM 1108 C  C2  . GOL C 3 .   ? 12.830  -2.189  3.613   1.000 32.530 ? 202 GOL AAA C2  1 ? 
HETATM 1109 O  O2  . GOL C 3 .   ? 12.351  -3.251  2.791   1.000 47.069 ? 202 GOL AAA O2  1 ? 
HETATM 1110 C  C3  . GOL C 3 .   ? 13.382  -2.741  4.899   1.000 32.880 ? 202 GOL AAA C3  1 ? 
HETATM 1111 O  O3  . GOL C 3 .   ? 13.426  -1.715  5.874   1.000 28.970 ? 202 GOL AAA O3  1 ? 
HETATM 1112 O  O   . HOH D 4 .   ? 1.787   17.085  3.613   1.000 25.256 ? 301 HOH AAA O   1 ? 
HETATM 1113 O  O   . HOH D 4 .   ? 5.547   0.008   -9.240  1.000 30.988 ? 302 HOH AAA O   1 ? 
HETATM 1114 O  O   . HOH D 4 .   ? -6.967  -13.939 10.114  1.000 28.893 ? 303 HOH AAA O   1 ? 
HETATM 1115 O  O   . HOH D 4 .   ? -8.958  -14.788 -12.807 1.000 27.084 ? 304 HOH AAA O   1 ? 
HETATM 1116 O  O   . HOH D 4 .   ? -5.229  12.002  14.788  1.000 36.686 ? 305 HOH AAA O   1 ? 
HETATM 1117 O  O   . HOH D 4 .   ? 17.210  -5.703  9.430   1.000 40.459 ? 306 HOH AAA O   1 ? 
HETATM 1118 O  O   . HOH D 4 .   ? 9.942   1.969   0.618   1.000 33.847 ? 307 HOH AAA O   1 ? 
HETATM 1119 O  O   . HOH D 4 .   ? -1.767  22.028  13.497  1.000 31.265 ? 308 HOH AAA O   1 ? 
HETATM 1120 O  O   . HOH D 4 .   ? 0.624   17.451  -7.133  1.000 23.643 ? 309 HOH AAA O   1 ? 
HETATM 1121 O  O   . HOH D 4 .   ? 5.707   -8.670  14.824  1.000 25.328 ? 310 HOH AAA O   1 ? 
HETATM 1122 O  O   . HOH D 4 .   ? -3.071  8.496   -22.579 1.000 40.637 ? 311 HOH AAA O   1 ? 
HETATM 1123 O  O   . HOH D 4 .   ? 5.681   -7.859  2.599   1.000 18.283 ? 312 HOH AAA O   1 ? 
HETATM 1124 O  O   . HOH D 4 .   ? 4.655   -20.216 -6.011  1.000 32.803 ? 313 HOH AAA O   1 ? 
HETATM 1125 O  O   . HOH D 4 .   ? 2.982   6.065   11.629  1.000 29.309 ? 314 HOH AAA O   1 ? 
HETATM 1126 O  O   . HOH D 4 .   ? -2.692  2.042   8.912   1.000 29.794 ? 315 HOH AAA O   1 ? 
HETATM 1127 O  O   . HOH D 4 .   ? 1.820   -22.052 -6.162  1.000 16.746 ? 316 HOH AAA O   1 ? 
HETATM 1128 O  O   . HOH D 4 .   ? 5.486   13.684  3.045   1.000 36.743 ? 317 HOH AAA O   1 ? 
HETATM 1129 O  O   . HOH D 4 .   ? -1.154  -18.221 14.211  1.000 24.967 ? 318 HOH AAA O   1 ? 
HETATM 1130 O  O   . HOH D 4 .   ? -6.892  4.844   -16.555 1.000 24.428 ? 319 HOH AAA O   1 ? 
HETATM 1131 O  O   . HOH D 4 .   ? 3.339   -17.715 7.573   1.000 28.091 ? 320 HOH AAA O   1 ? 
HETATM 1132 O  O   . HOH D 4 .   ? 6.286   -16.369 0.983   1.000 25.306 ? 321 HOH AAA O   1 ? 
HETATM 1133 O  O   . HOH D 4 .   ? 14.009  -11.977 -1.428  1.000 35.004 ? 322 HOH AAA O   1 ? 
HETATM 1134 O  O   . HOH D 4 .   ? 5.866   2.167   7.702   1.000 23.900 ? 323 HOH AAA O   1 ? 
HETATM 1135 O  O   . HOH D 4 .   ? 0.258   16.469  -19.732 1.000 25.892 ? 324 HOH AAA O   1 ? 
HETATM 1136 O  O   . HOH D 4 .   ? -3.321  -6.764  10.245  1.000 20.891 ? 325 HOH AAA O   1 ? 
HETATM 1137 O  O   . HOH D 4 .   ? 3.746   -0.198  10.874  1.000 15.084 ? 326 HOH AAA O   1 ? 
HETATM 1138 O  O   . HOH D 4 .   ? -8.746  -6.775  6.538   1.000 35.589 ? 327 HOH AAA O   1 ? 
HETATM 1139 O  O   . HOH D 4 .   ? -5.959  16.484  -16.469 1.000 28.633 ? 328 HOH AAA O   1 ? 
HETATM 1140 O  O   . HOH D 4 .   ? 10.421  -16.797 1.544   1.000 37.199 ? 329 HOH AAA O   1 ? 
HETATM 1141 O  O   . HOH D 4 .   ? 2.140   -5.271  2.866   1.000 19.180 ? 330 HOH AAA O   1 ? 
HETATM 1142 O  O   . HOH D 4 .   ? -13.037 -8.927  -5.463  1.000 28.298 ? 331 HOH AAA O   1 ? 
HETATM 1143 O  O   . HOH D 4 .   ? 4.513   -4.532  4.650   1.000 19.516 ? 332 HOH AAA O   1 ? 
HETATM 1144 O  O   . HOH D 4 .   ? -12.691 -2.148  -5.313  1.000 28.237 ? 333 HOH AAA O   1 ? 
HETATM 1145 O  O   . HOH D 4 .   ? -2.110  -7.946  16.158  1.000 33.221 ? 334 HOH AAA O   1 ? 
HETATM 1146 O  O   . HOH D 4 .   ? 0.960   -2.892  12.136  1.000 16.072 ? 335 HOH AAA O   1 ? 
HETATM 1147 O  O   . HOH D 4 .   ? 0.341   -19.791 -0.478  1.000 28.274 ? 336 HOH AAA O   1 ? 
HETATM 1148 O  O   . HOH D 4 .   ? -3.252  4.319   11.248  1.000 28.795 ? 337 HOH AAA O   1 ? 
HETATM 1149 O  O   . HOH D 4 .   ? -9.419  12.577  -11.212 1.000 23.939 ? 338 HOH AAA O   1 ? 
HETATM 1150 O  O   . HOH D 4 .   ? 6.241   -19.015 9.515   1.000 40.028 ? 339 HOH AAA O   1 ? 
HETATM 1151 O  O   . HOH D 4 .   ? 11.606  -11.729 -4.102  1.000 18.175 ? 340 HOH AAA O   1 ? 
HETATM 1152 O  O   . HOH D 4 .   ? 10.924  -15.379 11.290  1.000 24.518 ? 341 HOH AAA O   1 ? 
HETATM 1153 O  O   . HOH D 4 .   ? 10.488  -1.211  0.570   1.000 27.696 ? 342 HOH AAA O   1 ? 
HETATM 1154 O  O   . HOH D 4 .   ? 4.844   -7.077  -12.131 1.000 18.013 ? 343 HOH AAA O   1 ? 
HETATM 1155 O  O   . HOH D 4 .   ? 6.016   4.657   1.670   1.000 21.268 ? 344 HOH AAA O   1 ? 
HETATM 1156 O  O   . HOH D 4 .   ? 8.345   -14.303 -8.930  1.000 33.215 ? 345 HOH AAA O   1 ? 
HETATM 1157 O  O   . HOH D 4 .   ? 2.067   -3.098  -16.535 1.000 19.227 ? 346 HOH AAA O   1 ? 
HETATM 1158 O  O   . HOH D 4 .   ? -3.954  -9.928  -13.009 1.000 28.778 ? 347 HOH AAA O   1 ? 
HETATM 1159 O  O   . HOH D 4 .   ? 15.640  -5.063  4.775   1.000 34.423 ? 348 HOH AAA O   1 ? 
HETATM 1160 O  O   . HOH D 4 .   ? -0.638  -2.863  15.537  1.000 29.189 ? 349 HOH AAA O   1 ? 
HETATM 1161 O  O   . HOH D 4 .   ? -0.010  -6.628  3.817   1.000 14.936 ? 350 HOH AAA O   1 ? 
HETATM 1162 O  O   . HOH D 4 .   ? 1.632   -1.853  7.034   1.000 14.595 ? 351 HOH AAA O   1 ? 
HETATM 1163 O  O   . HOH D 4 .   ? -6.145  19.135  -8.828  1.000 24.039 ? 352 HOH AAA O   1 ? 
HETATM 1164 O  O   . HOH D 4 .   ? -0.356  4.377   14.187  1.000 28.645 ? 353 HOH AAA O   1 ? 
HETATM 1165 O  O   . HOH D 4 .   ? 4.039   -6.057  1.257   1.000 19.183 ? 354 HOH AAA O   1 ? 
HETATM 1166 O  O   . HOH D 4 .   ? -8.133  10.622  -3.030  1.000 23.919 ? 355 HOH AAA O   1 ? 
HETATM 1167 O  O   . HOH D 4 .   ? -1.027  15.228  -7.082  1.000 15.348 ? 356 HOH AAA O   1 ? 
HETATM 1168 O  O   . HOH D 4 .   ? -5.667  12.039  7.265   1.000 20.760 ? 357 HOH AAA O   1 ? 
HETATM 1169 O  O   . HOH D 4 .   ? 4.724   -20.065 -2.193  1.000 26.843 ? 358 HOH AAA O   1 ? 
HETATM 1170 O  O   . HOH D 4 .   ? 7.454   5.727   -6.029  1.000 31.015 ? 359 HOH AAA O   1 ? 
HETATM 1171 O  O   . HOH D 4 .   ? 2.385   -12.653 -11.292 1.000 21.981 ? 360 HOH AAA O   1 ? 
HETATM 1172 O  O   . HOH D 4 .   ? -1.892  -8.431  -13.539 1.000 20.271 ? 361 HOH AAA O   1 ? 
HETATM 1173 O  O   . HOH D 4 .   ? 6.136   3.013   6.204   1.000 33.623 ? 362 HOH AAA O   1 ? 
HETATM 1174 O  O   . HOH D 4 .   ? -8.205  -9.391  3.686   1.000 21.949 ? 363 HOH AAA O   1 ? 
HETATM 1175 O  O   . HOH D 4 .   ? -12.118 3.342   -4.374  1.000 29.635 ? 364 HOH AAA O   1 ? 
HETATM 1176 O  O   . HOH D 4 .   ? 0.664   -5.756  12.247  1.000 15.763 ? 365 HOH AAA O   1 ? 
HETATM 1177 O  O   . HOH D 4 .   ? 3.917   8.418   1.637   1.000 19.869 ? 366 HOH AAA O   1 ? 
HETATM 1178 O  O   . HOH D 4 .   ? -1.835  -8.806  5.691   1.000 25.355 ? 367 HOH AAA O   1 ? 
HETATM 1179 O  O   . HOH D 4 .   ? 10.348  1.186   -3.165  1.000 37.964 ? 368 HOH AAA O   1 ? 
HETATM 1180 O  O   . HOH D 4 .   ? 6.489   -9.301  25.886  1.000 23.851 ? 369 HOH AAA O   1 ? 
HETATM 1181 O  O   . HOH D 4 .   ? -9.108  -3.989  4.944   1.000 31.368 ? 370 HOH AAA O   1 ? 
HETATM 1182 O  O   . HOH D 4 .   ? -1.116  -4.915  17.001  1.000 26.308 ? 371 HOH AAA O   1 ? 
HETATM 1183 O  O   . HOH D 4 .   ? 9.777   -16.228 6.627   1.000 31.443 ? 372 HOH AAA O   1 ? 
HETATM 1184 O  O   . HOH D 4 .   ? -2.840  7.690   12.529  1.000 24.885 ? 373 HOH AAA O   1 ? 
HETATM 1185 O  O   . HOH D 4 .   ? 3.856   -16.963 -0.364  1.000 17.457 ? 374 HOH AAA O   1 ? 
HETATM 1186 O  O   . HOH D 4 .   ? -1.653  -10.180 7.958   1.000 24.314 ? 375 HOH AAA O   1 ? 
HETATM 1187 O  O   . HOH D 4 .   ? -6.018  -4.026  -17.241 1.000 36.050 ? 376 HOH AAA O   1 ? 
HETATM 1188 O  O   . HOH D 4 .   ? -2.757  21.406  4.597   1.000 27.089 ? 377 HOH AAA O   1 ? 
HETATM 1189 O  O   . HOH D 4 .   ? 8.295   -8.856  13.478  1.000 18.774 ? 378 HOH AAA O   1 ? 
HETATM 1190 O  O   . HOH D 4 .   ? 0.910   16.643  -14.119 1.000 29.030 ? 379 HOH AAA O   1 ? 
HETATM 1191 O  O   . HOH D 4 .   ? 3.860   3.634   12.543  1.000 16.441 ? 380 HOH AAA O   1 ? 
HETATM 1192 O  O   . HOH D 4 .   ? -4.052  0.392   8.553   1.000 36.644 ? 381 HOH AAA O   1 ? 
HETATM 1193 O  O   . HOH D 4 .   ? -10.165 -8.741  -3.452  1.000 28.228 ? 382 HOH AAA O   1 ? 
HETATM 1194 O  O   . HOH D 4 .   ? 2.978   14.280  -6.961  1.000 16.108 ? 383 HOH AAA O   1 ? 
HETATM 1195 O  O   . HOH D 4 .   ? -8.769  0.368   4.995   1.000 26.766 ? 384 HOH AAA O   1 ? 
HETATM 1196 O  O   . HOH D 4 .   ? -8.716  -10.505 -10.373 1.000 22.197 ? 385 HOH AAA O   1 ? 
HETATM 1197 O  O   . HOH D 4 .   ? -7.163  11.773  -1.172  1.000 30.778 ? 386 HOH AAA O   1 ? 
HETATM 1198 O  O   . HOH D 4 .   ? 6.567   14.723  -3.173  1.000 27.986 ? 387 HOH AAA O   1 ? 
HETATM 1199 O  O   . HOH D 4 .   ? -8.619  -10.608 -2.886  1.000 20.641 ? 388 HOH AAA O   1 ? 
HETATM 1200 O  O   . HOH D 4 .   ? 2.475   -4.418  6.643   1.000 19.713 ? 389 HOH AAA O   1 ? 
HETATM 1201 O  O   . HOH D 4 .   ? -11.436 -8.373  -9.922  1.000 28.260 ? 390 HOH AAA O   1 ? 
HETATM 1202 O  O   . HOH D 4 .   ? 2.757   -17.486 16.254  1.000 41.184 ? 391 HOH AAA O   1 ? 
HETATM 1203 O  O   . HOH D 4 .   ? 4.374   6.645   5.568   1.000 31.689 ? 392 HOH AAA O   1 ? 
HETATM 1204 O  O   . HOH D 4 .   ? -10.583 0.773   -15.367 1.000 27.982 ? 393 HOH AAA O   1 ? 
HETATM 1205 O  O   . HOH D 4 .   ? -5.056  13.292  0.116   1.000 20.502 ? 394 HOH AAA O   1 ? 
HETATM 1206 O  O   . HOH D 4 .   ? -11.893 -7.805  -0.936  1.000 32.063 ? 395 HOH AAA O   1 ? 
HETATM 1207 O  O   . HOH D 4 .   ? -7.465  7.720   9.810   1.000 41.150 ? 396 HOH AAA O   1 ? 
HETATM 1208 O  O   . HOH D 4 .   ? -7.902  20.573  -0.970  1.000 28.068 ? 397 HOH AAA O   1 ? 
HETATM 1209 O  O   . HOH D 4 .   ? 1.026   -8.649  1.468   1.000 23.813 ? 398 HOH AAA O   1 ? 
HETATM 1210 O  O   . HOH D 4 .   ? 3.006   21.310  -4.103  1.000 15.407 ? 399 HOH AAA O   1 ? 
HETATM 1211 O  O   . HOH D 4 .   ? 3.290   13.596  9.820   1.000 30.976 ? 400 HOH AAA O   1 ? 
HETATM 1212 O  O   . HOH D 4 .   ? 3.712   10.894  5.670   1.000 30.705 ? 401 HOH AAA O   1 ? 
HETATM 1213 O  O   . HOH D 4 .   ? -0.762  15.232  15.902  1.000 27.945 ? 402 HOH AAA O   1 ? 
HETATM 1214 O  O   . HOH D 4 .   ? 8.568   9.376   -3.253  1.000 37.669 ? 403 HOH AAA O   1 ? 
HETATM 1215 O  O   . HOH D 4 .   ? -8.529  14.189  -13.777 1.000 30.064 ? 404 HOH AAA O   1 ? 
HETATM 1216 O  O   . HOH D 4 .   ? 3.764   6.488   9.260   1.000 24.658 ? 405 HOH AAA O   1 ? 
HETATM 1217 O  O   . HOH D 4 .   ? 2.348   -2.373  9.815   1.000 16.643 ? 406 HOH AAA O   1 ? 
HETATM 1218 O  O   . HOH D 4 .   ? -8.054  14.148  -3.687  1.000 25.960 ? 407 HOH AAA O   1 ? 
HETATM 1219 O  O   . HOH D 4 .   ? 7.351   5.642   -9.044  1.000 38.065 ? 408 HOH AAA O   1 ? 
HETATM 1220 O  O   . HOH D 4 .   ? -1.302  -2.281  -21.110 1.000 43.795 ? 409 HOH AAA O   1 ? 
HETATM 1221 O  O   . HOH D 4 .   ? 2.338   -0.859  -17.927 1.000 31.797 ? 410 HOH AAA O   1 ? 
HETATM 1222 O  O   . HOH D 4 .   ? 0.795   0.017   18.589  1.000 26.419 ? 411 HOH AAA O   1 ? 
HETATM 1223 O  O   . HOH D 4 .   ? 2.639   7.881   13.603  1.000 24.716 ? 412 HOH AAA O   1 ? 
HETATM 1224 O  O   . HOH D 4 .   ? -5.129  21.801  -5.463  1.000 41.486 ? 413 HOH AAA O   1 ? 
HETATM 1225 O  O   . HOH D 4 .   ? 4.989   -4.614  -13.353 1.000 22.657 ? 414 HOH AAA O   1 ? 
HETATM 1226 O  O   . HOH D 4 .   ? 2.038   -10.589 -13.332 1.000 25.610 ? 415 HOH AAA O   1 ? 
HETATM 1227 O  O   . HOH D 4 .   ? -6.566  -10.487 7.699   1.000 30.141 ? 416 HOH AAA O   1 ? 
HETATM 1228 O  O   . HOH D 4 .   ? -6.829  -11.714 4.878   1.000 32.423 ? 417 HOH AAA O   1 ? 
HETATM 1229 O  O   . HOH D 4 .   ? -4.533  2.292   10.521  1.000 32.286 ? 418 HOH AAA O   1 ? 
HETATM 1230 O  O   . HOH D 4 .   ? 4.348   -8.986  -14.039 1.000 25.886 ? 419 HOH AAA O   1 ? 
HETATM 1231 O  O   . HOH D 4 .   ? -14.347 6.749   -0.516  1.000 37.560 ? 420 HOH AAA O   1 ? 
HETATM 1232 O  O   . HOH D 4 .   ? 2.899   10.368  3.118   1.000 27.724 ? 421 HOH AAA O   1 ? 
HETATM 1233 O  O   . HOH D 4 .   ? -0.994  22.734  6.336   1.000 30.340 ? 422 HOH AAA O   1 ? 
HETATM 1234 O  O   . HOH D 4 .   ? -2.665  -7.192  -15.983 1.000 36.988 ? 423 HOH AAA O   1 ? 
HETATM 1235 O  O   . HOH D 4 .   ? 6.272   4.775   4.508   1.000 29.399 ? 424 HOH AAA O   1 ? 
HETATM 1236 O  O   . HOH D 4 .   ? -7.867  7.553   -17.329 1.000 36.590 ? 425 HOH AAA O   1 ? 
HETATM 1237 O  O   . HOH D 4 .   ? -15.009 -8.614  -7.312  1.000 25.746 ? 426 HOH AAA O   1 ? 
HETATM 1238 O  O   . HOH D 4 .   ? -1.773  -2.985  12.656  1.000 21.905 ? 427 HOH AAA O   1 ? 
HETATM 1239 O  O   . HOH D 4 .   ? -1.970  -6.001  12.562  1.000 25.128 ? 428 HOH AAA O   1 ? 
HETATM 1240 O  O   . HOH D 4 .   ? -9.929  -15.763 -2.493  1.000 35.054 ? 429 HOH AAA O   1 ? 
HETATM 1241 O  O   . HOH D 4 .   ? -0.362  -10.587 -14.073 1.000 24.610 ? 430 HOH AAA O   1 ? 
HETATM 1242 O  O   . HOH D 4 .   ? -11.819 0.058   -2.643  1.000 37.313 ? 431 HOH AAA O   1 ? 
HETATM 1243 O  O   . HOH D 4 .   ? -5.207  14.078  16.486  1.000 27.454 ? 432 HOH AAA O   1 ? 
HETATM 1244 O  O   . HOH D 4 .   ? -4.024  -1.634  11.865  1.000 33.414 ? 433 HOH AAA O   1 ? 
HETATM 1245 O  O   . HOH D 4 .   ? -1.115  -13.045 -12.782 1.000 33.291 ? 434 HOH AAA O   1 ? 
# 
